data_2JE3
# 
_entry.id   2JE3 
# 
_audit_conform.dict_name       mmcif_pdbx.dic 
_audit_conform.dict_version    5.397 
_audit_conform.dict_location   http://mmcif.pdb.org/dictionaries/ascii/mmcif_pdbx.dic 
# 
loop_
_database_2.database_id 
_database_2.database_code 
_database_2.pdbx_database_accession 
_database_2.pdbx_DOI 
PDB   2JE3         pdb_00002je3 10.2210/pdb2je3/pdb 
PDBE  EBI-31092    ?            ?                   
WWPDB D_1290031092 ?            ?                   
# 
loop_
_pdbx_audit_revision_history.ordinal 
_pdbx_audit_revision_history.data_content_type 
_pdbx_audit_revision_history.major_revision 
_pdbx_audit_revision_history.minor_revision 
_pdbx_audit_revision_history.revision_date 
1 'Structure model' 1 0 2007-07-03 
2 'Structure model' 1 1 2011-05-08 
3 'Structure model' 1 2 2011-07-13 
4 'Structure model' 1 3 2024-05-01 
5 'Structure model' 1 4 2024-10-16 
# 
_pdbx_audit_revision_details.ordinal             1 
_pdbx_audit_revision_details.revision_ordinal    1 
_pdbx_audit_revision_details.data_content_type   'Structure model' 
_pdbx_audit_revision_details.provider            repository 
_pdbx_audit_revision_details.type                'Initial release' 
_pdbx_audit_revision_details.description         ? 
_pdbx_audit_revision_details.details             ? 
# 
loop_
_pdbx_audit_revision_group.ordinal 
_pdbx_audit_revision_group.revision_ordinal 
_pdbx_audit_revision_group.data_content_type 
_pdbx_audit_revision_group.group 
1 2 'Structure model' 'Version format compliance' 
2 3 'Structure model' 'Version format compliance' 
3 4 'Structure model' 'Data collection'           
4 4 'Structure model' 'Database references'       
5 4 'Structure model' 'Derived calculations'      
6 4 'Structure model' Other                       
7 4 'Structure model' 'Refinement description'    
8 5 'Structure model' 'Structure summary'         
# 
loop_
_pdbx_audit_revision_category.ordinal 
_pdbx_audit_revision_category.revision_ordinal 
_pdbx_audit_revision_category.data_content_type 
_pdbx_audit_revision_category.category 
1 4 'Structure model' chem_comp_atom                
2 4 'Structure model' chem_comp_bond                
3 4 'Structure model' database_2                    
4 4 'Structure model' pdbx_database_status          
5 4 'Structure model' pdbx_initial_refinement_model 
6 4 'Structure model' struct_conn                   
7 5 'Structure model' pdbx_entry_details            
8 5 'Structure model' pdbx_modification_feature     
# 
loop_
_pdbx_audit_revision_item.ordinal 
_pdbx_audit_revision_item.revision_ordinal 
_pdbx_audit_revision_item.data_content_type 
_pdbx_audit_revision_item.item 
1  4 'Structure model' '_database_2.pdbx_DOI'                         
2  4 'Structure model' '_database_2.pdbx_database_accession'          
3  4 'Structure model' '_pdbx_database_status.status_code_sf'         
4  4 'Structure model' '_struct_conn.pdbx_leaving_atom_flag'          
5  4 'Structure model' '_struct_conn.ptnr1_auth_comp_id'              
6  4 'Structure model' '_struct_conn.ptnr1_auth_seq_id'               
7  4 'Structure model' '_struct_conn.ptnr1_label_asym_id'             
8  4 'Structure model' '_struct_conn.ptnr1_label_atom_id'             
9  4 'Structure model' '_struct_conn.ptnr1_label_comp_id'             
10 4 'Structure model' '_struct_conn.ptnr1_label_seq_id'              
11 4 'Structure model' '_struct_conn.ptnr2_auth_comp_id'              
12 4 'Structure model' '_struct_conn.ptnr2_auth_seq_id'               
13 4 'Structure model' '_struct_conn.ptnr2_label_asym_id'             
14 4 'Structure model' '_struct_conn.ptnr2_label_atom_id'             
15 4 'Structure model' '_struct_conn.ptnr2_label_comp_id'             
16 4 'Structure model' '_struct_conn.ptnr2_label_seq_id'              
17 5 'Structure model' '_pdbx_entry_details.has_protein_modification' 
# 
_pdbx_database_status.status_code                     REL 
_pdbx_database_status.entry_id                        2JE3 
_pdbx_database_status.deposit_site                    PDBE 
_pdbx_database_status.process_site                    PDBE 
_pdbx_database_status.SG_entry                        . 
_pdbx_database_status.recvd_initial_deposition_date   2007-01-13 
_pdbx_database_status.pdb_format_compatible           Y 
_pdbx_database_status.status_code_sf                  REL 
_pdbx_database_status.status_code_mr                  ? 
_pdbx_database_status.status_code_cs                  ? 
_pdbx_database_status.methods_development_category    ? 
_pdbx_database_status.status_code_nmr_data            ? 
# 
_pdbx_database_related.db_name        PDB 
_pdbx_database_related.db_id          2JE2 
_pdbx_database_related.content_type   unspecified 
_pdbx_database_related.details        'CYTOCHROME P460 FROM NITROSOMONAS EUROPAEA - PROBABLE NONPHYSIOLOGICAL OXIDIZED FORM' 
# 
loop_
_audit_author.name 
_audit_author.pdbx_ordinal 
'Pearson, A.R.' 1 
'Elmore, B.O.'  2 
'Yang, C.'      3 
'Ferrara, J.D.' 4 
'Hooper, A.B.'  5 
'Wilmot, C.M.'  6 
# 
_citation.id                        primary 
_citation.title                     
'The Crystal Structure of Cytochrome P460 of Nitrosomonas Europaea Reveals a Novel Cytochrome Fold and Heme-Protein Cross-Link.' 
_citation.journal_abbrev            Biochemistry 
_citation.journal_volume            46 
_citation.page_first                8340 
_citation.page_last                 ? 
_citation.year                      2007 
_citation.journal_id_ASTM           BICHAW 
_citation.country                   US 
_citation.journal_id_ISSN           0006-2960 
_citation.journal_id_CSD            0033 
_citation.book_publisher            ? 
_citation.pdbx_database_id_PubMed   17583915 
_citation.pdbx_database_id_DOI      10.1021/BI700086R 
# 
loop_
_citation_author.citation_id 
_citation_author.name 
_citation_author.ordinal 
_citation_author.identifier_ORCID 
primary 'Pearson, A.R.' 1 ? 
primary 'Elmore, B.O.'  2 ? 
primary 'Yang, C.'      3 ? 
primary 'Ferrara, J.D.' 4 ? 
primary 'Hooper, A.B.'  5 ? 
primary 'Wilmot, C.M.'  6 ? 
# 
loop_
_entity.id 
_entity.type 
_entity.src_method 
_entity.pdbx_description 
_entity.formula_weight 
_entity.pdbx_number_of_molecules 
_entity.pdbx_ec 
_entity.pdbx_mutation 
_entity.pdbx_fragment 
_entity.details 
1 polymer     man 'CYTOCHROME P460' 20528.113 1   ? ? 'RESIDUES 27-198' 
;PROTEIN-HEME CROSS-LINK FROM NZ OF LYS 70 TO CHA OF HEC 200. PROTEIN-HEME CROSSLINK FROM SG OF CYS 136 TO CAB OF HEC 200. PROTEIN-HEME CROSSLINK FROM SG OF CYS 139 TO CAC OF HEC 200
;
2 non-polymer syn 'HEME C'          618.503   1   ? ? ?                 ? 
3 non-polymer syn 'PHOSPHATE ION'   94.971    3   ? ? ?                 ? 
4 water       nat water             18.015    138 ? ? ?                 ? 
# 
_entity_poly.entity_id                      1 
_entity_poly.type                           'polypeptide(L)' 
_entity_poly.nstd_linkage                   no 
_entity_poly.nstd_monomer                   no 
_entity_poly.pdbx_seq_one_letter_code       
;MAGVAEFNDKGELLLPKNYREWVMVGTQVTPNELNDGKAPFTEIRTVYVDPESYAHWKKTGEFRDGTVTVKELVSVGDRK
GPGSGNGYFMGDYIGLEASVKDSQRFANEPGNWAFYIFYVPDTPLVAAAKNLPTAECAACHKENAKTDMVFTQFYPVLRA
AKATGESGVVAPKKLAAALEHHHHHH
;
_entity_poly.pdbx_seq_one_letter_code_can   
;MAGVAEFNDKGELLLPKNYREWVMVGTQVTPNELNDGKAPFTEIRTVYVDPESYAHWKKTGEFRDGTVTVKELVSVGDRK
GPGSGNGYFMGDYIGLEASVKDSQRFANEPGNWAFYIFYVPDTPLVAAAKNLPTAECAACHKENAKTDMVFTQFYPVLRA
AKATGESGVVAPKKLAAALEHHHHHH
;
_entity_poly.pdbx_strand_id                 A 
_entity_poly.pdbx_target_identifier         ? 
# 
loop_
_pdbx_entity_nonpoly.entity_id 
_pdbx_entity_nonpoly.name 
_pdbx_entity_nonpoly.comp_id 
2 'HEME C'        HEC 
3 'PHOSPHATE ION' PO4 
4 water           HOH 
# 
loop_
_entity_poly_seq.entity_id 
_entity_poly_seq.num 
_entity_poly_seq.mon_id 
_entity_poly_seq.hetero 
1 1   MET n 
1 2   ALA n 
1 3   GLY n 
1 4   VAL n 
1 5   ALA n 
1 6   GLU n 
1 7   PHE n 
1 8   ASN n 
1 9   ASP n 
1 10  LYS n 
1 11  GLY n 
1 12  GLU n 
1 13  LEU n 
1 14  LEU n 
1 15  LEU n 
1 16  PRO n 
1 17  LYS n 
1 18  ASN n 
1 19  TYR n 
1 20  ARG n 
1 21  GLU n 
1 22  TRP n 
1 23  VAL n 
1 24  MET n 
1 25  VAL n 
1 26  GLY n 
1 27  THR n 
1 28  GLN n 
1 29  VAL n 
1 30  THR n 
1 31  PRO n 
1 32  ASN n 
1 33  GLU n 
1 34  LEU n 
1 35  ASN n 
1 36  ASP n 
1 37  GLY n 
1 38  LYS n 
1 39  ALA n 
1 40  PRO n 
1 41  PHE n 
1 42  THR n 
1 43  GLU n 
1 44  ILE n 
1 45  ARG n 
1 46  THR n 
1 47  VAL n 
1 48  TYR n 
1 49  VAL n 
1 50  ASP n 
1 51  PRO n 
1 52  GLU n 
1 53  SER n 
1 54  TYR n 
1 55  ALA n 
1 56  HIS n 
1 57  TRP n 
1 58  LYS n 
1 59  LYS n 
1 60  THR n 
1 61  GLY n 
1 62  GLU n 
1 63  PHE n 
1 64  ARG n 
1 65  ASP n 
1 66  GLY n 
1 67  THR n 
1 68  VAL n 
1 69  THR n 
1 70  VAL n 
1 71  LYS n 
1 72  GLU n 
1 73  LEU n 
1 74  VAL n 
1 75  SER n 
1 76  VAL n 
1 77  GLY n 
1 78  ASP n 
1 79  ARG n 
1 80  LYS n 
1 81  GLY n 
1 82  PRO n 
1 83  GLY n 
1 84  SER n 
1 85  GLY n 
1 86  ASN n 
1 87  GLY n 
1 88  TYR n 
1 89  PHE n 
1 90  MET n 
1 91  GLY n 
1 92  ASP n 
1 93  TYR n 
1 94  ILE n 
1 95  GLY n 
1 96  LEU n 
1 97  GLU n 
1 98  ALA n 
1 99  SER n 
1 100 VAL n 
1 101 LYS n 
1 102 ASP n 
1 103 SER n 
1 104 GLN n 
1 105 ARG n 
1 106 PHE n 
1 107 ALA n 
1 108 ASN n 
1 109 GLU n 
1 110 PRO n 
1 111 GLY n 
1 112 ASN n 
1 113 TRP n 
1 114 ALA n 
1 115 PHE n 
1 116 TYR n 
1 117 ILE n 
1 118 PHE n 
1 119 TYR n 
1 120 VAL n 
1 121 PRO n 
1 122 ASP n 
1 123 THR n 
1 124 PRO n 
1 125 LEU n 
1 126 VAL n 
1 127 ALA n 
1 128 ALA n 
1 129 ALA n 
1 130 LYS n 
1 131 ASN n 
1 132 LEU n 
1 133 PRO n 
1 134 THR n 
1 135 ALA n 
1 136 GLU n 
1 137 CYS n 
1 138 ALA n 
1 139 ALA n 
1 140 CYS n 
1 141 HIS n 
1 142 LYS n 
1 143 GLU n 
1 144 ASN n 
1 145 ALA n 
1 146 LYS n 
1 147 THR n 
1 148 ASP n 
1 149 MET n 
1 150 VAL n 
1 151 PHE n 
1 152 THR n 
1 153 GLN n 
1 154 PHE n 
1 155 TYR n 
1 156 PRO n 
1 157 VAL n 
1 158 LEU n 
1 159 ARG n 
1 160 ALA n 
1 161 ALA n 
1 162 LYS n 
1 163 ALA n 
1 164 THR n 
1 165 GLY n 
1 166 GLU n 
1 167 SER n 
1 168 GLY n 
1 169 VAL n 
1 170 VAL n 
1 171 ALA n 
1 172 PRO n 
1 173 LYS n 
1 174 LYS n 
1 175 LEU n 
1 176 ALA n 
1 177 ALA n 
1 178 ALA n 
1 179 LEU n 
1 180 GLU n 
1 181 HIS n 
1 182 HIS n 
1 183 HIS n 
1 184 HIS n 
1 185 HIS n 
1 186 HIS n 
# 
_entity_src_gen.entity_id                          1 
_entity_src_gen.pdbx_src_id                        1 
_entity_src_gen.pdbx_alt_source_flag               sample 
_entity_src_gen.pdbx_seq_type                      ? 
_entity_src_gen.pdbx_beg_seq_num                   ? 
_entity_src_gen.pdbx_end_seq_num                   ? 
_entity_src_gen.gene_src_common_name               ? 
_entity_src_gen.gene_src_genus                     ? 
_entity_src_gen.pdbx_gene_src_gene                 ? 
_entity_src_gen.gene_src_species                   ? 
_entity_src_gen.gene_src_strain                    ? 
_entity_src_gen.gene_src_tissue                    ? 
_entity_src_gen.gene_src_tissue_fraction           ? 
_entity_src_gen.gene_src_details                   ? 
_entity_src_gen.pdbx_gene_src_fragment             ? 
_entity_src_gen.pdbx_gene_src_scientific_name      'NITROSOMONAS EUROPAEA' 
_entity_src_gen.pdbx_gene_src_ncbi_taxonomy_id     915 
_entity_src_gen.pdbx_gene_src_variant              ? 
_entity_src_gen.pdbx_gene_src_cell_line            ? 
_entity_src_gen.pdbx_gene_src_atcc                 ? 
_entity_src_gen.pdbx_gene_src_organ                ? 
_entity_src_gen.pdbx_gene_src_organelle            ? 
_entity_src_gen.pdbx_gene_src_cell                 ? 
_entity_src_gen.pdbx_gene_src_cellular_location    ? 
_entity_src_gen.host_org_common_name               ? 
_entity_src_gen.pdbx_host_org_scientific_name      'ESCHERICHIA COLI' 
_entity_src_gen.pdbx_host_org_ncbi_taxonomy_id     469008 
_entity_src_gen.host_org_genus                     ? 
_entity_src_gen.pdbx_host_org_gene                 ? 
_entity_src_gen.pdbx_host_org_organ                ? 
_entity_src_gen.host_org_species                   ? 
_entity_src_gen.pdbx_host_org_tissue               ? 
_entity_src_gen.pdbx_host_org_tissue_fraction      ? 
_entity_src_gen.pdbx_host_org_strain               'BL21(DE3)' 
_entity_src_gen.pdbx_host_org_variant              ? 
_entity_src_gen.pdbx_host_org_cell_line            ? 
_entity_src_gen.pdbx_host_org_atcc                 ? 
_entity_src_gen.pdbx_host_org_culture_collection   ? 
_entity_src_gen.pdbx_host_org_cell                 ? 
_entity_src_gen.pdbx_host_org_organelle            ? 
_entity_src_gen.pdbx_host_org_cellular_location    ? 
_entity_src_gen.pdbx_host_org_vector_type          ? 
_entity_src_gen.pdbx_host_org_vector               ? 
_entity_src_gen.host_org_details                   ? 
_entity_src_gen.expression_system_id               ? 
_entity_src_gen.plasmid_name                       ? 
_entity_src_gen.plasmid_details                    ? 
_entity_src_gen.pdbx_description                   
'CONTAINS ADDITIONAL N-TERMINAL METHIONINE AND AT THE TERMINUS THE ADDITIONS RESIDUES KLAAALEHHHHHH' 
# 
loop_
_chem_comp.id 
_chem_comp.type 
_chem_comp.mon_nstd_flag 
_chem_comp.name 
_chem_comp.pdbx_synonyms 
_chem_comp.formula 
_chem_comp.formula_weight 
ALA 'L-peptide linking' y ALANINE         ? 'C3 H7 N O2'       89.093  
ARG 'L-peptide linking' y ARGININE        ? 'C6 H15 N4 O2 1'   175.209 
ASN 'L-peptide linking' y ASPARAGINE      ? 'C4 H8 N2 O3'      132.118 
ASP 'L-peptide linking' y 'ASPARTIC ACID' ? 'C4 H7 N O4'       133.103 
CYS 'L-peptide linking' y CYSTEINE        ? 'C3 H7 N O2 S'     121.158 
GLN 'L-peptide linking' y GLUTAMINE       ? 'C5 H10 N2 O3'     146.144 
GLU 'L-peptide linking' y 'GLUTAMIC ACID' ? 'C5 H9 N O4'       147.129 
GLY 'peptide linking'   y GLYCINE         ? 'C2 H5 N O2'       75.067  
HEC non-polymer         . 'HEME C'        ? 'C34 H34 Fe N4 O4' 618.503 
HIS 'L-peptide linking' y HISTIDINE       ? 'C6 H10 N3 O2 1'   156.162 
HOH non-polymer         . WATER           ? 'H2 O'             18.015  
ILE 'L-peptide linking' y ISOLEUCINE      ? 'C6 H13 N O2'      131.173 
LEU 'L-peptide linking' y LEUCINE         ? 'C6 H13 N O2'      131.173 
LYS 'L-peptide linking' y LYSINE          ? 'C6 H15 N2 O2 1'   147.195 
MET 'L-peptide linking' y METHIONINE      ? 'C5 H11 N O2 S'    149.211 
PHE 'L-peptide linking' y PHENYLALANINE   ? 'C9 H11 N O2'      165.189 
PO4 non-polymer         . 'PHOSPHATE ION' ? 'O4 P -3'          94.971  
PRO 'L-peptide linking' y PROLINE         ? 'C5 H9 N O2'       115.130 
SER 'L-peptide linking' y SERINE          ? 'C3 H7 N O3'       105.093 
THR 'L-peptide linking' y THREONINE       ? 'C4 H9 N O3'       119.119 
TRP 'L-peptide linking' y TRYPTOPHAN      ? 'C11 H12 N2 O2'    204.225 
TYR 'L-peptide linking' y TYROSINE        ? 'C9 H11 N O3'      181.189 
VAL 'L-peptide linking' y VALINE          ? 'C5 H11 N O2'      117.146 
# 
loop_
_pdbx_poly_seq_scheme.asym_id 
_pdbx_poly_seq_scheme.entity_id 
_pdbx_poly_seq_scheme.seq_id 
_pdbx_poly_seq_scheme.mon_id 
_pdbx_poly_seq_scheme.ndb_seq_num 
_pdbx_poly_seq_scheme.pdb_seq_num 
_pdbx_poly_seq_scheme.auth_seq_num 
_pdbx_poly_seq_scheme.pdb_mon_id 
_pdbx_poly_seq_scheme.auth_mon_id 
_pdbx_poly_seq_scheme.pdb_strand_id 
_pdbx_poly_seq_scheme.pdb_ins_code 
_pdbx_poly_seq_scheme.hetero 
A 1 1   MET 1   0   ?   ?   ?   A . n 
A 1 2   ALA 2   1   1   ALA ALA A . n 
A 1 3   GLY 3   2   2   GLY GLY A . n 
A 1 4   VAL 4   3   3   VAL VAL A . n 
A 1 5   ALA 5   4   4   ALA ALA A . n 
A 1 6   GLU 6   5   5   GLU GLU A . n 
A 1 7   PHE 7   6   6   PHE PHE A . n 
A 1 8   ASN 8   7   7   ASN ASN A . n 
A 1 9   ASP 9   8   8   ASP ASP A . n 
A 1 10  LYS 10  9   9   LYS LYS A . n 
A 1 11  GLY 11  10  10  GLY GLY A . n 
A 1 12  GLU 12  11  11  GLU GLU A . n 
A 1 13  LEU 13  12  12  LEU LEU A . n 
A 1 14  LEU 14  13  13  LEU LEU A . n 
A 1 15  LEU 15  14  14  LEU LEU A . n 
A 1 16  PRO 16  15  15  PRO PRO A . n 
A 1 17  LYS 17  16  16  LYS LYS A . n 
A 1 18  ASN 18  17  17  ASN ASN A . n 
A 1 19  TYR 19  18  18  TYR TYR A . n 
A 1 20  ARG 20  19  19  ARG ARG A . n 
A 1 21  GLU 21  20  20  GLU GLU A . n 
A 1 22  TRP 22  21  21  TRP TRP A . n 
A 1 23  VAL 23  22  22  VAL VAL A . n 
A 1 24  MET 24  23  23  MET MET A . n 
A 1 25  VAL 25  24  24  VAL VAL A . n 
A 1 26  GLY 26  25  25  GLY GLY A . n 
A 1 27  THR 27  26  26  THR THR A . n 
A 1 28  GLN 28  27  27  GLN GLN A . n 
A 1 29  VAL 29  28  28  VAL VAL A . n 
A 1 30  THR 30  29  29  THR THR A . n 
A 1 31  PRO 31  30  30  PRO PRO A . n 
A 1 32  ASN 32  31  ?   ?   ?   A . n 
A 1 33  GLU 33  32  ?   ?   ?   A . n 
A 1 34  LEU 34  33  ?   ?   ?   A . n 
A 1 35  ASN 35  34  ?   ?   ?   A . n 
A 1 36  ASP 36  35  ?   ?   ?   A . n 
A 1 37  GLY 37  36  ?   ?   ?   A . n 
A 1 38  LYS 38  37  ?   ?   ?   A . n 
A 1 39  ALA 39  38  ?   ?   ?   A . n 
A 1 40  PRO 40  39  ?   ?   ?   A . n 
A 1 41  PHE 41  40  ?   ?   ?   A . n 
A 1 42  THR 42  41  41  THR THR A . n 
A 1 43  GLU 43  42  42  GLU GLU A . n 
A 1 44  ILE 44  43  43  ILE ILE A . n 
A 1 45  ARG 45  44  44  ARG ARG A . n 
A 1 46  THR 46  45  45  THR THR A . n 
A 1 47  VAL 47  46  46  VAL VAL A . n 
A 1 48  TYR 48  47  47  TYR TYR A . n 
A 1 49  VAL 49  48  48  VAL VAL A . n 
A 1 50  ASP 50  49  49  ASP ASP A . n 
A 1 51  PRO 51  50  50  PRO PRO A . n 
A 1 52  GLU 52  51  51  GLU GLU A . n 
A 1 53  SER 53  52  52  SER SER A . n 
A 1 54  TYR 54  53  53  TYR TYR A . n 
A 1 55  ALA 55  54  54  ALA ALA A . n 
A 1 56  HIS 56  55  55  HIS HIS A . n 
A 1 57  TRP 57  56  56  TRP TRP A . n 
A 1 58  LYS 58  57  57  LYS LYS A . n 
A 1 59  LYS 59  58  58  LYS LYS A . n 
A 1 60  THR 60  59  59  THR THR A . n 
A 1 61  GLY 61  60  60  GLY GLY A . n 
A 1 62  GLU 62  61  61  GLU GLU A . n 
A 1 63  PHE 63  62  62  PHE PHE A . n 
A 1 64  ARG 64  63  63  ARG ARG A . n 
A 1 65  ASP 65  64  64  ASP ASP A . n 
A 1 66  GLY 66  65  65  GLY GLY A . n 
A 1 67  THR 67  66  66  THR THR A . n 
A 1 68  VAL 68  67  67  VAL VAL A . n 
A 1 69  THR 69  68  68  THR THR A . n 
A 1 70  VAL 70  69  69  VAL VAL A . n 
A 1 71  LYS 71  70  70  LYS LYS A . n 
A 1 72  GLU 72  71  71  GLU GLU A . n 
A 1 73  LEU 73  72  72  LEU LEU A . n 
A 1 74  VAL 74  73  73  VAL VAL A . n 
A 1 75  SER 75  74  74  SER SER A . n 
A 1 76  VAL 76  75  75  VAL VAL A . n 
A 1 77  GLY 77  76  76  GLY GLY A . n 
A 1 78  ASP 78  77  77  ASP ASP A . n 
A 1 79  ARG 79  78  78  ARG ARG A . n 
A 1 80  LYS 80  79  79  LYS LYS A . n 
A 1 81  GLY 81  80  80  GLY GLY A . n 
A 1 82  PRO 82  81  81  PRO PRO A . n 
A 1 83  GLY 83  82  ?   ?   ?   A . n 
A 1 84  SER 84  83  ?   ?   ?   A . n 
A 1 85  GLY 85  84  ?   ?   ?   A . n 
A 1 86  ASN 86  85  85  ASN ASN A . n 
A 1 87  GLY 87  86  86  GLY GLY A . n 
A 1 88  TYR 88  87  87  TYR TYR A . n 
A 1 89  PHE 89  88  88  PHE PHE A . n 
A 1 90  MET 90  89  89  MET MET A . n 
A 1 91  GLY 91  90  90  GLY GLY A . n 
A 1 92  ASP 92  91  91  ASP ASP A . n 
A 1 93  TYR 93  92  92  TYR TYR A . n 
A 1 94  ILE 94  93  93  ILE ILE A . n 
A 1 95  GLY 95  94  94  GLY GLY A . n 
A 1 96  LEU 96  95  95  LEU LEU A . n 
A 1 97  GLU 97  96  96  GLU GLU A . n 
A 1 98  ALA 98  97  97  ALA ALA A . n 
A 1 99  SER 99  98  98  SER SER A . n 
A 1 100 VAL 100 99  99  VAL VAL A . n 
A 1 101 LYS 101 100 100 LYS LYS A . n 
A 1 102 ASP 102 101 101 ASP ASP A . n 
A 1 103 SER 103 102 102 SER SER A . n 
A 1 104 GLN 104 103 103 GLN GLN A . n 
A 1 105 ARG 105 104 104 ARG ARG A . n 
A 1 106 PHE 106 105 105 PHE PHE A . n 
A 1 107 ALA 107 106 106 ALA ALA A . n 
A 1 108 ASN 108 107 107 ASN ASN A . n 
A 1 109 GLU 109 108 108 GLU GLU A . n 
A 1 110 PRO 110 109 109 PRO PRO A . n 
A 1 111 GLY 111 110 110 GLY GLY A . n 
A 1 112 ASN 112 111 111 ASN ASN A . n 
A 1 113 TRP 113 112 112 TRP TRP A . n 
A 1 114 ALA 114 113 113 ALA ALA A . n 
A 1 115 PHE 115 114 114 PHE PHE A . n 
A 1 116 TYR 116 115 115 TYR TYR A . n 
A 1 117 ILE 117 116 116 ILE ILE A . n 
A 1 118 PHE 118 117 117 PHE PHE A . n 
A 1 119 TYR 119 118 118 TYR TYR A . n 
A 1 120 VAL 120 119 119 VAL VAL A . n 
A 1 121 PRO 121 120 120 PRO PRO A . n 
A 1 122 ASP 122 121 121 ASP ASP A . n 
A 1 123 THR 123 122 122 THR THR A . n 
A 1 124 PRO 124 123 123 PRO PRO A . n 
A 1 125 LEU 125 124 124 LEU LEU A . n 
A 1 126 VAL 126 125 125 VAL VAL A . n 
A 1 127 ALA 127 126 126 ALA ALA A . n 
A 1 128 ALA 128 127 127 ALA ALA A . n 
A 1 129 ALA 129 128 128 ALA ALA A . n 
A 1 130 LYS 130 129 129 LYS LYS A . n 
A 1 131 ASN 131 130 130 ASN ASN A . n 
A 1 132 LEU 132 131 131 LEU LEU A . n 
A 1 133 PRO 133 132 132 PRO PRO A . n 
A 1 134 THR 134 133 133 THR THR A . n 
A 1 135 ALA 135 134 134 ALA ALA A . n 
A 1 136 GLU 136 135 135 GLU GLU A . n 
A 1 137 CYS 137 136 136 CYS CYS A . n 
A 1 138 ALA 138 137 137 ALA ALA A . n 
A 1 139 ALA 139 138 138 ALA ALA A . n 
A 1 140 CYS 140 139 139 CYS CYS A . n 
A 1 141 HIS 141 140 140 HIS HIS A . n 
A 1 142 LYS 142 141 141 LYS LYS A . n 
A 1 143 GLU 143 142 142 GLU GLU A . n 
A 1 144 ASN 144 143 143 ASN ASN A . n 
A 1 145 ALA 145 144 144 ALA ALA A . n 
A 1 146 LYS 146 145 145 LYS LYS A . n 
A 1 147 THR 147 146 146 THR THR A . n 
A 1 148 ASP 148 147 147 ASP ASP A . n 
A 1 149 MET 149 148 148 MET MET A . n 
A 1 150 VAL 150 149 149 VAL VAL A . n 
A 1 151 PHE 151 150 150 PHE PHE A . n 
A 1 152 THR 152 151 151 THR THR A . n 
A 1 153 GLN 153 152 152 GLN GLN A . n 
A 1 154 PHE 154 153 153 PHE PHE A . n 
A 1 155 TYR 155 154 154 TYR TYR A . n 
A 1 156 PRO 156 155 155 PRO PRO A . n 
A 1 157 VAL 157 156 156 VAL VAL A . n 
A 1 158 LEU 158 157 157 LEU LEU A . n 
A 1 159 ARG 159 158 158 ARG ARG A . n 
A 1 160 ALA 160 159 159 ALA ALA A . n 
A 1 161 ALA 161 160 160 ALA ALA A . n 
A 1 162 LYS 162 161 161 LYS LYS A . n 
A 1 163 ALA 163 162 162 ALA ALA A . n 
A 1 164 THR 164 163 163 THR THR A . n 
A 1 165 GLY 165 164 164 GLY GLY A . n 
A 1 166 GLU 166 165 165 GLU GLU A . n 
A 1 167 SER 167 166 166 SER SER A . n 
A 1 168 GLY 168 167 167 GLY GLY A . n 
A 1 169 VAL 169 168 168 VAL VAL A . n 
A 1 170 VAL 170 169 169 VAL VAL A . n 
A 1 171 ALA 171 170 170 ALA ALA A . n 
A 1 172 PRO 172 171 ?   ?   ?   A . n 
A 1 173 LYS 173 172 ?   ?   ?   A . n 
A 1 174 LYS 174 173 ?   ?   ?   A . n 
A 1 175 LEU 175 174 ?   ?   ?   A . n 
A 1 176 ALA 176 175 ?   ?   ?   A . n 
A 1 177 ALA 177 176 ?   ?   ?   A . n 
A 1 178 ALA 178 177 ?   ?   ?   A . n 
A 1 179 LEU 179 178 ?   ?   ?   A . n 
A 1 180 GLU 180 179 ?   ?   ?   A . n 
A 1 181 HIS 181 180 ?   ?   ?   A . n 
A 1 182 HIS 182 181 ?   ?   ?   A . n 
A 1 183 HIS 183 182 ?   ?   ?   A . n 
A 1 184 HIS 184 183 ?   ?   ?   A . n 
A 1 185 HIS 185 184 ?   ?   ?   A . n 
A 1 186 HIS 186 185 ?   ?   ?   A . n 
# 
loop_
_pdbx_nonpoly_scheme.asym_id 
_pdbx_nonpoly_scheme.entity_id 
_pdbx_nonpoly_scheme.mon_id 
_pdbx_nonpoly_scheme.ndb_seq_num 
_pdbx_nonpoly_scheme.pdb_seq_num 
_pdbx_nonpoly_scheme.auth_seq_num 
_pdbx_nonpoly_scheme.pdb_mon_id 
_pdbx_nonpoly_scheme.auth_mon_id 
_pdbx_nonpoly_scheme.pdb_strand_id 
_pdbx_nonpoly_scheme.pdb_ins_code 
B 2 HEC 1   1171 1171 HEC HEC A . 
C 3 PO4 1   1172 1172 PO4 PO4 A . 
D 3 PO4 1   1173 1173 PO4 PO4 A . 
E 3 PO4 1   1174 1174 PO4 PO4 A . 
F 4 HOH 1   2001 2001 HOH HOH A . 
F 4 HOH 2   2002 2002 HOH HOH A . 
F 4 HOH 3   2003 2003 HOH HOH A . 
F 4 HOH 4   2004 2004 HOH HOH A . 
F 4 HOH 5   2005 2005 HOH HOH A . 
F 4 HOH 6   2006 2006 HOH HOH A . 
F 4 HOH 7   2007 2007 HOH HOH A . 
F 4 HOH 8   2008 2008 HOH HOH A . 
F 4 HOH 9   2009 2009 HOH HOH A . 
F 4 HOH 10  2010 2010 HOH HOH A . 
F 4 HOH 11  2011 2011 HOH HOH A . 
F 4 HOH 12  2012 2012 HOH HOH A . 
F 4 HOH 13  2013 2013 HOH HOH A . 
F 4 HOH 14  2014 2014 HOH HOH A . 
F 4 HOH 15  2015 2015 HOH HOH A . 
F 4 HOH 16  2016 2016 HOH HOH A . 
F 4 HOH 17  2017 2017 HOH HOH A . 
F 4 HOH 18  2018 2018 HOH HOH A . 
F 4 HOH 19  2019 2019 HOH HOH A . 
F 4 HOH 20  2020 2020 HOH HOH A . 
F 4 HOH 21  2021 2021 HOH HOH A . 
F 4 HOH 22  2022 2022 HOH HOH A . 
F 4 HOH 23  2023 2023 HOH HOH A . 
F 4 HOH 24  2024 2024 HOH HOH A . 
F 4 HOH 25  2025 2025 HOH HOH A . 
F 4 HOH 26  2026 2026 HOH HOH A . 
F 4 HOH 27  2027 2027 HOH HOH A . 
F 4 HOH 28  2028 2028 HOH HOH A . 
F 4 HOH 29  2029 2029 HOH HOH A . 
F 4 HOH 30  2030 2030 HOH HOH A . 
F 4 HOH 31  2031 2031 HOH HOH A . 
F 4 HOH 32  2032 2032 HOH HOH A . 
F 4 HOH 33  2033 2033 HOH HOH A . 
F 4 HOH 34  2034 2034 HOH HOH A . 
F 4 HOH 35  2035 2035 HOH HOH A . 
F 4 HOH 36  2036 2036 HOH HOH A . 
F 4 HOH 37  2037 2037 HOH HOH A . 
F 4 HOH 38  2038 2038 HOH HOH A . 
F 4 HOH 39  2039 2039 HOH HOH A . 
F 4 HOH 40  2040 2040 HOH HOH A . 
F 4 HOH 41  2041 2041 HOH HOH A . 
F 4 HOH 42  2042 2042 HOH HOH A . 
F 4 HOH 43  2043 2043 HOH HOH A . 
F 4 HOH 44  2044 2044 HOH HOH A . 
F 4 HOH 45  2045 2045 HOH HOH A . 
F 4 HOH 46  2046 2046 HOH HOH A . 
F 4 HOH 47  2047 2047 HOH HOH A . 
F 4 HOH 48  2048 2048 HOH HOH A . 
F 4 HOH 49  2049 2049 HOH HOH A . 
F 4 HOH 50  2050 2050 HOH HOH A . 
F 4 HOH 51  2051 2051 HOH HOH A . 
F 4 HOH 52  2052 2052 HOH HOH A . 
F 4 HOH 53  2053 2053 HOH HOH A . 
F 4 HOH 54  2054 2054 HOH HOH A . 
F 4 HOH 55  2055 2055 HOH HOH A . 
F 4 HOH 56  2056 2056 HOH HOH A . 
F 4 HOH 57  2057 2057 HOH HOH A . 
F 4 HOH 58  2058 2058 HOH HOH A . 
F 4 HOH 59  2059 2059 HOH HOH A . 
F 4 HOH 60  2060 2060 HOH HOH A . 
F 4 HOH 61  2061 2061 HOH HOH A . 
F 4 HOH 62  2062 2062 HOH HOH A . 
F 4 HOH 63  2063 2063 HOH HOH A . 
F 4 HOH 64  2064 2064 HOH HOH A . 
F 4 HOH 65  2065 2065 HOH HOH A . 
F 4 HOH 66  2066 2066 HOH HOH A . 
F 4 HOH 67  2067 2067 HOH HOH A . 
F 4 HOH 68  2068 2068 HOH HOH A . 
F 4 HOH 69  2069 2069 HOH HOH A . 
F 4 HOH 70  2070 2070 HOH HOH A . 
F 4 HOH 71  2071 2071 HOH HOH A . 
F 4 HOH 72  2072 2072 HOH HOH A . 
F 4 HOH 73  2073 2073 HOH HOH A . 
F 4 HOH 74  2074 2074 HOH HOH A . 
F 4 HOH 75  2075 2075 HOH HOH A . 
F 4 HOH 76  2076 2076 HOH HOH A . 
F 4 HOH 77  2077 2077 HOH HOH A . 
F 4 HOH 78  2078 2078 HOH HOH A . 
F 4 HOH 79  2079 2079 HOH HOH A . 
F 4 HOH 80  2080 2080 HOH HOH A . 
F 4 HOH 81  2081 2081 HOH HOH A . 
F 4 HOH 82  2082 2082 HOH HOH A . 
F 4 HOH 83  2083 2083 HOH HOH A . 
F 4 HOH 84  2084 2084 HOH HOH A . 
F 4 HOH 85  2085 2085 HOH HOH A . 
F 4 HOH 86  2086 2086 HOH HOH A . 
F 4 HOH 87  2087 2087 HOH HOH A . 
F 4 HOH 88  2088 2088 HOH HOH A . 
F 4 HOH 89  2089 2089 HOH HOH A . 
F 4 HOH 90  2090 2090 HOH HOH A . 
F 4 HOH 91  2091 2091 HOH HOH A . 
F 4 HOH 92  2092 2092 HOH HOH A . 
F 4 HOH 93  2093 2093 HOH HOH A . 
F 4 HOH 94  2094 2094 HOH HOH A . 
F 4 HOH 95  2095 2095 HOH HOH A . 
F 4 HOH 96  2096 2096 HOH HOH A . 
F 4 HOH 97  2097 2097 HOH HOH A . 
F 4 HOH 98  2098 2098 HOH HOH A . 
F 4 HOH 99  2099 2099 HOH HOH A . 
F 4 HOH 100 2100 2100 HOH HOH A . 
F 4 HOH 101 2101 2101 HOH HOH A . 
F 4 HOH 102 2102 2102 HOH HOH A . 
F 4 HOH 103 2103 2103 HOH HOH A . 
F 4 HOH 104 2104 2104 HOH HOH A . 
F 4 HOH 105 2105 2105 HOH HOH A . 
F 4 HOH 106 2106 2106 HOH HOH A . 
F 4 HOH 107 2107 2107 HOH HOH A . 
F 4 HOH 108 2108 2108 HOH HOH A . 
F 4 HOH 109 2109 2109 HOH HOH A . 
F 4 HOH 110 2110 2110 HOH HOH A . 
F 4 HOH 111 2111 2111 HOH HOH A . 
F 4 HOH 112 2112 2112 HOH HOH A . 
F 4 HOH 113 2113 2113 HOH HOH A . 
F 4 HOH 114 2114 2114 HOH HOH A . 
F 4 HOH 115 2115 2115 HOH HOH A . 
F 4 HOH 116 2116 2116 HOH HOH A . 
F 4 HOH 117 2117 2117 HOH HOH A . 
F 4 HOH 118 2118 2118 HOH HOH A . 
F 4 HOH 119 2119 2119 HOH HOH A . 
F 4 HOH 120 2120 2120 HOH HOH A . 
F 4 HOH 121 2121 2121 HOH HOH A . 
F 4 HOH 122 2122 2122 HOH HOH A . 
F 4 HOH 123 2123 2123 HOH HOH A . 
F 4 HOH 124 2124 2124 HOH HOH A . 
F 4 HOH 125 2125 2125 HOH HOH A . 
F 4 HOH 126 2126 2126 HOH HOH A . 
F 4 HOH 127 2127 2127 HOH HOH A . 
F 4 HOH 128 2128 2128 HOH HOH A . 
F 4 HOH 129 2129 2129 HOH HOH A . 
F 4 HOH 130 2130 2130 HOH HOH A . 
F 4 HOH 131 2131 2131 HOH HOH A . 
F 4 HOH 132 2132 2132 HOH HOH A . 
F 4 HOH 133 2133 2133 HOH HOH A . 
F 4 HOH 134 2134 2134 HOH HOH A . 
F 4 HOH 135 2135 2135 HOH HOH A . 
F 4 HOH 136 2136 2136 HOH HOH A . 
F 4 HOH 137 2137 2137 HOH HOH A . 
F 4 HOH 138 2138 2138 HOH HOH A . 
# 
loop_
_software.name 
_software.classification 
_software.version 
_software.citation_id 
_software.pdbx_ordinal 
REFMAC    refinement       5.2.0019 ? 1 
HKL-2000  'data reduction' .        ? 2 
SCALEPACK 'data scaling'   .        ? 3 
# 
_cell.entry_id           2JE3 
_cell.length_a           53.256 
_cell.length_b           53.256 
_cell.length_c           127.033 
_cell.angle_alpha        90.00 
_cell.angle_beta         90.00 
_cell.angle_gamma        120.00 
_cell.Z_PDB              6 
_cell.pdbx_unique_axis   ? 
# 
_symmetry.entry_id                         2JE3 
_symmetry.space_group_name_H-M             'P 31 2 1' 
_symmetry.pdbx_full_space_group_name_H-M   ? 
_symmetry.cell_setting                     ? 
_symmetry.Int_Tables_number                152 
# 
_exptl.entry_id          2JE3 
_exptl.method            'X-RAY DIFFRACTION' 
_exptl.crystals_number   1 
# 
_exptl_crystal.id                    1 
_exptl_crystal.density_meas          ? 
_exptl_crystal.density_Matthews      2.59 
_exptl_crystal.density_percent_sol   52.08 
_exptl_crystal.description           
;THE STRUCTURE WAS SOLVED BY SAD USING A DATASET COLLECTED AT CR K-ALPHA. PHASED USING SHELX AND SHARP. THE INITIAL MODEL WAS THEN USED TO PHASE THE HIGHER RESOLUTION CU K-ALPHA DATASET
;
# 
_exptl_crystal_grow.crystal_id      1 
_exptl_crystal_grow.method          ? 
_exptl_crystal_grow.temp            ? 
_exptl_crystal_grow.temp_details    ? 
_exptl_crystal_grow.pH              5.20 
_exptl_crystal_grow.pdbx_pH_range   ? 
_exptl_crystal_grow.pdbx_details    'pH 5.20' 
# 
_diffrn.id                     1 
_diffrn.ambient_temp           100.0 
_diffrn.ambient_temp_details   ? 
_diffrn.crystal_id             1 
# 
_diffrn_detector.diffrn_id              1 
_diffrn_detector.detector               'IMAGE PLATE' 
_diffrn_detector.type                   'RIGAKU IMAGE PLATE' 
_diffrn_detector.pdbx_collection_date   2005-05-05 
_diffrn_detector.details                'VARIMAX CONFOCAL MAXFLUX' 
# 
_diffrn_radiation.diffrn_id                        1 
_diffrn_radiation.wavelength_id                    1 
_diffrn_radiation.pdbx_monochromatic_or_laue_m_l   M 
_diffrn_radiation.monochromator                    ? 
_diffrn_radiation.pdbx_diffrn_protocol             'SINGLE WAVELENGTH' 
_diffrn_radiation.pdbx_scattering_type             x-ray 
# 
_diffrn_radiation_wavelength.id           1 
_diffrn_radiation_wavelength.wavelength   1.5418 
_diffrn_radiation_wavelength.wt           1.0 
# 
_diffrn_source.diffrn_id                   1 
_diffrn_source.source                      'ROTATING ANODE' 
_diffrn_source.type                        'RIGAKU MICROMAX-007' 
_diffrn_source.pdbx_synchrotron_site       ? 
_diffrn_source.pdbx_synchrotron_beamline   ? 
_diffrn_source.pdbx_wavelength             1.5418 
_diffrn_source.pdbx_wavelength_list        ? 
# 
_reflns.pdbx_diffrn_id               1 
_reflns.pdbx_ordinal                 1 
_reflns.entry_id                     2JE3 
_reflns.observed_criterion_sigma_I   2.000 
_reflns.observed_criterion_sigma_F   ? 
_reflns.d_resolution_low             43.000 
_reflns.d_resolution_high            1.690 
_reflns.number_obs                   17344 
_reflns.number_all                   ? 
_reflns.percent_possible_obs         80.1 
_reflns.pdbx_Rmerge_I_obs            0.04000 
_reflns.pdbx_Rsym_value              ? 
_reflns.pdbx_netI_over_sigmaI        19.1000 
_reflns.B_iso_Wilson_estimate        24.20 
_reflns.pdbx_redundancy              3.400 
# 
_reflns_shell.pdbx_diffrn_id         1 
_reflns_shell.pdbx_ordinal           1 
_reflns_shell.d_res_high             1.69 
_reflns_shell.d_res_low              1.75 
_reflns_shell.percent_possible_all   15.0 
_reflns_shell.Rmerge_I_obs           0.10000 
_reflns_shell.pdbx_Rsym_value        ? 
_reflns_shell.meanI_over_sigI_obs    2.800 
_reflns_shell.pdbx_redundancy        1.10 
# 
_refine.pdbx_refine_id                           'X-RAY DIFFRACTION' 
_refine.entry_id                                 2JE3 
_refine.pdbx_diffrn_id                           1 
_refine.pdbx_TLS_residual_ADP_flag               ? 
_refine.ls_number_reflns_obs                     17341 
_refine.ls_number_reflns_all                     ? 
_refine.pdbx_ls_sigma_I                          ? 
_refine.pdbx_ls_sigma_F                          ? 
_refine.pdbx_data_cutoff_high_absF               ? 
_refine.pdbx_data_cutoff_low_absF                ? 
_refine.pdbx_data_cutoff_high_rms_absF           ? 
_refine.ls_d_res_low                             43.35 
_refine.ls_d_res_high                            1.80 
_refine.ls_percent_reflns_obs                    91.0 
_refine.ls_R_factor_obs                          0.197 
_refine.ls_R_factor_all                          ? 
_refine.ls_R_factor_R_work                       0.195 
_refine.ls_R_factor_R_free                       0.231 
_refine.ls_R_factor_R_free_error                 ? 
_refine.ls_R_factor_R_free_error_details         ? 
_refine.ls_percent_reflns_R_free                 5.000 
_refine.ls_number_reflns_R_free                  921 
_refine.ls_number_parameters                     ? 
_refine.ls_number_restraints                     ? 
_refine.occupancy_min                            ? 
_refine.occupancy_max                            ? 
_refine.correlation_coeff_Fo_to_Fc               0.953 
_refine.correlation_coeff_Fo_to_Fc_free          0.937 
_refine.B_iso_mean                               28.60 
_refine.aniso_B[1][1]                            0.01000 
_refine.aniso_B[2][2]                            0.01000 
_refine.aniso_B[3][3]                            -0.01000 
_refine.aniso_B[1][2]                            0.00000 
_refine.aniso_B[1][3]                            0.00000 
_refine.aniso_B[2][3]                            0.00000 
_refine.solvent_model_details                    MASK 
_refine.solvent_model_param_ksol                 ? 
_refine.solvent_model_param_bsol                 ? 
_refine.pdbx_solvent_vdw_probe_radii             1.40 
_refine.pdbx_solvent_ion_probe_radii             0.80 
_refine.pdbx_solvent_shrinkage_radii             0.80 
_refine.pdbx_ls_cross_valid_method               THROUGHOUT 
_refine.details                                  
'HYDROGENS HAVE BEEN ADDED IN THE RIDING POSITIONS. RESIDUES 31-40 AND 82-85 ARE NOT VISIBLE IN THE ELECTRON DENSITY' 
_refine.pdbx_starting_model                      'INITIAL MODEL FROM SULPHUR SAD STRUCTURE' 
_refine.pdbx_method_to_determine_struct          'MOLECULAR REPLACEMENT' 
_refine.pdbx_isotropic_thermal_model             ? 
_refine.pdbx_stereochemistry_target_values       'MAXIMUM LIKELIHOOD' 
_refine.pdbx_stereochem_target_val_spec_case     ? 
_refine.pdbx_R_Free_selection_details            RANDOM 
_refine.pdbx_overall_ESU_R                       0.130 
_refine.pdbx_overall_ESU_R_Free                  0.126 
_refine.overall_SU_ML                            0.072 
_refine.pdbx_overall_phase_error                 ? 
_refine.overall_SU_B                             ? 
_refine.overall_SU_R_Cruickshank_DPI             ? 
_refine.pdbx_overall_SU_R_free_Cruickshank_DPI   ? 
_refine.pdbx_overall_SU_R_Blow_DPI               ? 
_refine.pdbx_overall_SU_R_free_Blow_DPI          ? 
# 
_refine_hist.pdbx_refine_id                   'X-RAY DIFFRACTION' 
_refine_hist.cycle_id                         LAST 
_refine_hist.pdbx_number_atoms_protein        1223 
_refine_hist.pdbx_number_atoms_nucleic_acid   0 
_refine_hist.pdbx_number_atoms_ligand         58 
_refine_hist.number_atoms_solvent             138 
_refine_hist.number_atoms_total               1419 
_refine_hist.d_res_high                       1.80 
_refine_hist.d_res_low                        43.35 
# 
loop_
_refine_ls_restr.type 
_refine_ls_restr.dev_ideal 
_refine_ls_restr.dev_ideal_target 
_refine_ls_restr.weight 
_refine_ls_restr.number 
_refine_ls_restr.pdbx_refine_id 
_refine_ls_restr.pdbx_restraint_function 
r_bond_refined_d             0.014  0.022  ? 1336 'X-RAY DIFFRACTION' ? 
r_bond_other_d               ?      ?      ? ?    'X-RAY DIFFRACTION' ? 
r_angle_refined_deg          1.653  2.057  ? 1837 'X-RAY DIFFRACTION' ? 
r_angle_other_deg            ?      ?      ? ?    'X-RAY DIFFRACTION' ? 
r_dihedral_angle_1_deg       7.688  5.000  ? 162  'X-RAY DIFFRACTION' ? 
r_dihedral_angle_2_deg       38.380 24.211 ? 57   'X-RAY DIFFRACTION' ? 
r_dihedral_angle_3_deg       13.866 15.000 ? 201  'X-RAY DIFFRACTION' ? 
r_dihedral_angle_4_deg       19.111 15.000 ? 6    'X-RAY DIFFRACTION' ? 
r_chiral_restr               0.141  0.200  ? 191  'X-RAY DIFFRACTION' ? 
r_gen_planes_refined         0.007  0.020  ? 1024 'X-RAY DIFFRACTION' ? 
r_gen_planes_other           ?      ?      ? ?    'X-RAY DIFFRACTION' ? 
r_nbd_refined                0.260  0.200  ? 646  'X-RAY DIFFRACTION' ? 
r_nbd_other                  ?      ?      ? ?    'X-RAY DIFFRACTION' ? 
r_nbtor_refined              0.302  0.200  ? 901  'X-RAY DIFFRACTION' ? 
r_nbtor_other                ?      ?      ? ?    'X-RAY DIFFRACTION' ? 
r_xyhbond_nbd_refined        0.151  0.200  ? 104  'X-RAY DIFFRACTION' ? 
r_xyhbond_nbd_other          ?      ?      ? ?    'X-RAY DIFFRACTION' ? 
r_metal_ion_refined          ?      ?      ? ?    'X-RAY DIFFRACTION' ? 
r_metal_ion_other            ?      ?      ? ?    'X-RAY DIFFRACTION' ? 
r_symmetry_vdw_refined       0.170  0.200  ? 54   'X-RAY DIFFRACTION' ? 
r_symmetry_vdw_other         ?      ?      ? ?    'X-RAY DIFFRACTION' ? 
r_symmetry_hbond_refined     0.169  0.200  ? 25   'X-RAY DIFFRACTION' ? 
r_symmetry_hbond_other       ?      ?      ? ?    'X-RAY DIFFRACTION' ? 
r_symmetry_metal_ion_refined ?      ?      ? ?    'X-RAY DIFFRACTION' ? 
r_symmetry_metal_ion_other   ?      ?      ? ?    'X-RAY DIFFRACTION' ? 
r_mcbond_it                  1.006  1.500  ? 807  'X-RAY DIFFRACTION' ? 
r_mcbond_other               ?      ?      ? ?    'X-RAY DIFFRACTION' ? 
r_mcangle_it                 1.729  2.000  ? 1277 'X-RAY DIFFRACTION' ? 
r_mcangle_other              ?      ?      ? ?    'X-RAY DIFFRACTION' ? 
r_scbond_it                  2.206  3.000  ? 622  'X-RAY DIFFRACTION' ? 
r_scbond_other               ?      ?      ? ?    'X-RAY DIFFRACTION' ? 
r_scangle_it                 3.367  4.500  ? 554  'X-RAY DIFFRACTION' ? 
r_scangle_other              ?      ?      ? ?    'X-RAY DIFFRACTION' ? 
r_long_range_B_refined       ?      ?      ? ?    'X-RAY DIFFRACTION' ? 
r_long_range_B_other         ?      ?      ? ?    'X-RAY DIFFRACTION' ? 
r_rigid_bond_restr           ?      ?      ? ?    'X-RAY DIFFRACTION' ? 
r_sphericity_free            ?      ?      ? ?    'X-RAY DIFFRACTION' ? 
r_sphericity_bonded          ?      ?      ? ?    'X-RAY DIFFRACTION' ? 
# 
_refine_ls_shell.pdbx_refine_id                   'X-RAY DIFFRACTION' 
_refine_ls_shell.pdbx_total_number_of_bins_used   20 
_refine_ls_shell.d_res_high                       1.80 
_refine_ls_shell.d_res_low                        1.85 
_refine_ls_shell.number_reflns_R_work             775 
_refine_ls_shell.R_factor_R_work                  0.2960 
_refine_ls_shell.percent_reflns_obs               ? 
_refine_ls_shell.R_factor_R_free                  0.3080 
_refine_ls_shell.R_factor_R_free_error            ? 
_refine_ls_shell.percent_reflns_R_free            ? 
_refine_ls_shell.number_reflns_R_free             44 
_refine_ls_shell.number_reflns_all                ? 
_refine_ls_shell.R_factor_all                     ? 
# 
_struct.entry_id                  2JE3 
_struct.title                     'Cytochrome P460 from Nitrosomonas europaea - probable physiological form' 
_struct.pdbx_model_details        ? 
_struct.pdbx_CASP_flag            ? 
_struct.pdbx_model_type_details   ? 
# 
_struct_keywords.entry_id        2JE3 
_struct_keywords.pdbx_keywords   'METAL BINDING PROTEIN' 
_struct_keywords.text            'HEME P460, CYTOCHROME P460, CROSS-LINKED HEME, METAL BINDING PROTEIN' 
# 
loop_
_struct_asym.id 
_struct_asym.pdbx_blank_PDB_chainid_flag 
_struct_asym.pdbx_modified 
_struct_asym.entity_id 
_struct_asym.details 
A N N 1 ? 
B N N 2 ? 
C N N 3 ? 
D N N 3 ? 
E N N 3 ? 
F N N 4 ? 
# 
loop_
_struct_ref.id 
_struct_ref.db_name 
_struct_ref.db_code 
_struct_ref.entity_id 
_struct_ref.pdbx_seq_one_letter_code 
_struct_ref.pdbx_align_begin 
_struct_ref.pdbx_db_accession 
_struct_ref.pdbx_db_isoform 
1 PDB 2JE3         1 ? ? 2JE3   ? 
2 UNP Q50927_NITEU 1 ? ? Q50927 ? 
# 
loop_
_struct_ref_seq.align_id 
_struct_ref_seq.ref_id 
_struct_ref_seq.pdbx_PDB_id_code 
_struct_ref_seq.pdbx_strand_id 
_struct_ref_seq.seq_align_beg 
_struct_ref_seq.pdbx_seq_align_beg_ins_code 
_struct_ref_seq.seq_align_end 
_struct_ref_seq.pdbx_seq_align_end_ins_code 
_struct_ref_seq.pdbx_db_accession 
_struct_ref_seq.db_align_beg 
_struct_ref_seq.pdbx_db_align_beg_ins_code 
_struct_ref_seq.db_align_end 
_struct_ref_seq.pdbx_db_align_end_ins_code 
_struct_ref_seq.pdbx_auth_seq_align_beg 
_struct_ref_seq.pdbx_auth_seq_align_end 
1 1 2JE3 A 1   ? 1   ? 2JE3   0   ? 0   ? 0   0   
2 2 2JE3 A 2   ? 173 ? Q50927 27  ? 198 ? 1   172 
3 1 2JE3 A 174 ? 186 ? 2JE3   173 ? 185 ? 173 185 
# 
_pdbx_struct_assembly.id                   1 
_pdbx_struct_assembly.details              author_and_software_defined_assembly 
_pdbx_struct_assembly.method_details       PQS 
_pdbx_struct_assembly.oligomeric_details   dimeric 
_pdbx_struct_assembly.oligomeric_count     2 
# 
_pdbx_struct_assembly_gen.assembly_id       1 
_pdbx_struct_assembly_gen.oper_expression   1,2 
_pdbx_struct_assembly_gen.asym_id_list      A,B,C,D,E,F 
# 
loop_
_pdbx_struct_oper_list.id 
_pdbx_struct_oper_list.type 
_pdbx_struct_oper_list.name 
_pdbx_struct_oper_list.symmetry_operation 
_pdbx_struct_oper_list.matrix[1][1] 
_pdbx_struct_oper_list.matrix[1][2] 
_pdbx_struct_oper_list.matrix[1][3] 
_pdbx_struct_oper_list.vector[1] 
_pdbx_struct_oper_list.matrix[2][1] 
_pdbx_struct_oper_list.matrix[2][2] 
_pdbx_struct_oper_list.matrix[2][3] 
_pdbx_struct_oper_list.vector[2] 
_pdbx_struct_oper_list.matrix[3][1] 
_pdbx_struct_oper_list.matrix[3][2] 
_pdbx_struct_oper_list.matrix[3][3] 
_pdbx_struct_oper_list.vector[3] 
1 'identity operation'         1_555 x,y,z  1.0000000000 0.0000000000  0.0000000000  0.0000000000   0.0000000000  1.0000000000  0.0000000000 0.0000000000   0.0000000000  0.0000000000 1.0000000000  0.0000000000  
2 'crystal symmetry operation' 4_555 y,x,-z 0.4733523340 -0.7381115541 -0.4807586729 -10.5859340918 -0.7381115541 -0.6302251310 0.2408477070 -19.6971832161 -0.4807586729 0.2408477070 -0.8431272030 -2.2008800804 
# 
_struct_biol.id   1 
# 
loop_
_struct_conf.conf_type_id 
_struct_conf.id 
_struct_conf.pdbx_PDB_helix_id 
_struct_conf.beg_label_comp_id 
_struct_conf.beg_label_asym_id 
_struct_conf.beg_label_seq_id 
_struct_conf.pdbx_beg_PDB_ins_code 
_struct_conf.end_label_comp_id 
_struct_conf.end_label_asym_id 
_struct_conf.end_label_seq_id 
_struct_conf.pdbx_end_PDB_ins_code 
_struct_conf.beg_auth_comp_id 
_struct_conf.beg_auth_asym_id 
_struct_conf.beg_auth_seq_id 
_struct_conf.end_auth_comp_id 
_struct_conf.end_auth_asym_id 
_struct_conf.end_auth_seq_id 
_struct_conf.pdbx_PDB_helix_class 
_struct_conf.details 
_struct_conf.pdbx_PDB_helix_length 
HELX_P HELX_P1 1 ASN A 18  ? TRP A 22  ? ASN A 17  TRP A 21  5 ? 5  
HELX_P HELX_P2 2 ASP A 50  ? GLY A 61  ? ASP A 49  GLY A 60  1 ? 12 
HELX_P HELX_P3 3 GLU A 109 ? GLY A 111 ? GLU A 108 GLY A 110 5 ? 3  
HELX_P HELX_P4 4 CYS A 137 ? ALA A 145 ? CYS A 136 ALA A 144 1 ? 9  
HELX_P HELX_P5 5 PHE A 151 ? PHE A 154 ? PHE A 150 PHE A 153 5 ? 4  
HELX_P HELX_P6 6 TYR A 155 ? GLY A 165 ? TYR A 154 GLY A 164 1 ? 11 
# 
_struct_conf_type.id          HELX_P 
_struct_conf_type.criteria    ? 
_struct_conf_type.reference   ? 
# 
loop_
_struct_conn.id 
_struct_conn.conn_type_id 
_struct_conn.pdbx_leaving_atom_flag 
_struct_conn.pdbx_PDB_id 
_struct_conn.ptnr1_label_asym_id 
_struct_conn.ptnr1_label_comp_id 
_struct_conn.ptnr1_label_seq_id 
_struct_conn.ptnr1_label_atom_id 
_struct_conn.pdbx_ptnr1_label_alt_id 
_struct_conn.pdbx_ptnr1_PDB_ins_code 
_struct_conn.pdbx_ptnr1_standard_comp_id 
_struct_conn.ptnr1_symmetry 
_struct_conn.ptnr2_label_asym_id 
_struct_conn.ptnr2_label_comp_id 
_struct_conn.ptnr2_label_seq_id 
_struct_conn.ptnr2_label_atom_id 
_struct_conn.pdbx_ptnr2_label_alt_id 
_struct_conn.pdbx_ptnr2_PDB_ins_code 
_struct_conn.ptnr1_auth_asym_id 
_struct_conn.ptnr1_auth_comp_id 
_struct_conn.ptnr1_auth_seq_id 
_struct_conn.ptnr2_auth_asym_id 
_struct_conn.ptnr2_auth_comp_id 
_struct_conn.ptnr2_auth_seq_id 
_struct_conn.ptnr2_symmetry 
_struct_conn.pdbx_ptnr3_label_atom_id 
_struct_conn.pdbx_ptnr3_label_seq_id 
_struct_conn.pdbx_ptnr3_label_comp_id 
_struct_conn.pdbx_ptnr3_label_asym_id 
_struct_conn.pdbx_ptnr3_label_alt_id 
_struct_conn.pdbx_ptnr3_PDB_ins_code 
_struct_conn.details 
_struct_conn.pdbx_dist_value 
_struct_conn.pdbx_value_order 
_struct_conn.pdbx_role 
covale1 covale none ? A LYS 71  NZ  ? ? ? 1_555 B HEC . CHA ? ? A LYS 70   A HEC 1171 1_555 ? ? ? ? ? ? ? 1.634 ? ? 
covale2 covale none ? A CYS 137 SG  ? ? ? 1_555 B HEC . CAB ? ? A CYS 136  A HEC 1171 1_555 ? ? ? ? ? ? ? 1.955 ? ? 
metalc1 metalc ?    ? A HIS 141 NE2 ? ? ? 1_555 B HEC . FE  ? ? A HIS 140  A HEC 1171 1_555 ? ? ? ? ? ? ? 2.160 ? ? 
metalc2 metalc ?    ? B HEC .   FE  ? ? ? 1_555 C PO4 . O2  ? ? A HEC 1171 A PO4 1172 1_555 ? ? ? ? ? ? ? 2.620 ? ? 
# 
loop_
_struct_conn_type.id 
_struct_conn_type.criteria 
_struct_conn_type.reference 
covale ? ? 
metalc ? ? 
# 
loop_
_pdbx_struct_conn_angle.id 
_pdbx_struct_conn_angle.ptnr1_label_atom_id 
_pdbx_struct_conn_angle.ptnr1_label_alt_id 
_pdbx_struct_conn_angle.ptnr1_label_asym_id 
_pdbx_struct_conn_angle.ptnr1_label_comp_id 
_pdbx_struct_conn_angle.ptnr1_label_seq_id 
_pdbx_struct_conn_angle.ptnr1_auth_atom_id 
_pdbx_struct_conn_angle.ptnr1_auth_asym_id 
_pdbx_struct_conn_angle.ptnr1_auth_comp_id 
_pdbx_struct_conn_angle.ptnr1_auth_seq_id 
_pdbx_struct_conn_angle.ptnr1_PDB_ins_code 
_pdbx_struct_conn_angle.ptnr1_symmetry 
_pdbx_struct_conn_angle.ptnr2_label_atom_id 
_pdbx_struct_conn_angle.ptnr2_label_alt_id 
_pdbx_struct_conn_angle.ptnr2_label_asym_id 
_pdbx_struct_conn_angle.ptnr2_label_comp_id 
_pdbx_struct_conn_angle.ptnr2_label_seq_id 
_pdbx_struct_conn_angle.ptnr2_auth_atom_id 
_pdbx_struct_conn_angle.ptnr2_auth_asym_id 
_pdbx_struct_conn_angle.ptnr2_auth_comp_id 
_pdbx_struct_conn_angle.ptnr2_auth_seq_id 
_pdbx_struct_conn_angle.ptnr2_PDB_ins_code 
_pdbx_struct_conn_angle.ptnr2_symmetry 
_pdbx_struct_conn_angle.ptnr3_label_atom_id 
_pdbx_struct_conn_angle.ptnr3_label_alt_id 
_pdbx_struct_conn_angle.ptnr3_label_asym_id 
_pdbx_struct_conn_angle.ptnr3_label_comp_id 
_pdbx_struct_conn_angle.ptnr3_label_seq_id 
_pdbx_struct_conn_angle.ptnr3_auth_atom_id 
_pdbx_struct_conn_angle.ptnr3_auth_asym_id 
_pdbx_struct_conn_angle.ptnr3_auth_comp_id 
_pdbx_struct_conn_angle.ptnr3_auth_seq_id 
_pdbx_struct_conn_angle.ptnr3_PDB_ins_code 
_pdbx_struct_conn_angle.ptnr3_symmetry 
_pdbx_struct_conn_angle.value 
_pdbx_struct_conn_angle.value_esd 
1  NE2 ? A HIS 141 ? A HIS 140  ? 1_555 FE ? B HEC . ? A HEC 1171 ? 1_555 NA ? B HEC . ? A HEC 1171 ? 1_555 99.8  ? 
2  NE2 ? A HIS 141 ? A HIS 140  ? 1_555 FE ? B HEC . ? A HEC 1171 ? 1_555 NB ? B HEC . ? A HEC 1171 ? 1_555 91.7  ? 
3  NA  ? B HEC .   ? A HEC 1171 ? 1_555 FE ? B HEC . ? A HEC 1171 ? 1_555 NB ? B HEC . ? A HEC 1171 ? 1_555 86.7  ? 
4  NE2 ? A HIS 141 ? A HIS 140  ? 1_555 FE ? B HEC . ? A HEC 1171 ? 1_555 NC ? B HEC . ? A HEC 1171 ? 1_555 94.0  ? 
5  NA  ? B HEC .   ? A HEC 1171 ? 1_555 FE ? B HEC . ? A HEC 1171 ? 1_555 NC ? B HEC . ? A HEC 1171 ? 1_555 165.4 ? 
6  NB  ? B HEC .   ? A HEC 1171 ? 1_555 FE ? B HEC . ? A HEC 1171 ? 1_555 NC ? B HEC . ? A HEC 1171 ? 1_555 88.3  ? 
7  NE2 ? A HIS 141 ? A HIS 140  ? 1_555 FE ? B HEC . ? A HEC 1171 ? 1_555 ND ? B HEC . ? A HEC 1171 ? 1_555 100.1 ? 
8  NA  ? B HEC .   ? A HEC 1171 ? 1_555 FE ? B HEC . ? A HEC 1171 ? 1_555 ND ? B HEC . ? A HEC 1171 ? 1_555 93.6  ? 
9  NB  ? B HEC .   ? A HEC 1171 ? 1_555 FE ? B HEC . ? A HEC 1171 ? 1_555 ND ? B HEC . ? A HEC 1171 ? 1_555 167.9 ? 
10 NC  ? B HEC .   ? A HEC 1171 ? 1_555 FE ? B HEC . ? A HEC 1171 ? 1_555 ND ? B HEC . ? A HEC 1171 ? 1_555 88.5  ? 
11 NE2 ? A HIS 141 ? A HIS 140  ? 1_555 FE ? B HEC . ? A HEC 1171 ? 1_555 O2 ? C PO4 . ? A PO4 1172 ? 1_555 174.5 ? 
12 NA  ? B HEC .   ? A HEC 1171 ? 1_555 FE ? B HEC . ? A HEC 1171 ? 1_555 O2 ? C PO4 . ? A PO4 1172 ? 1_555 74.7  ? 
13 NB  ? B HEC .   ? A HEC 1171 ? 1_555 FE ? B HEC . ? A HEC 1171 ? 1_555 O2 ? C PO4 . ? A PO4 1172 ? 1_555 87.2  ? 
14 NC  ? B HEC .   ? A HEC 1171 ? 1_555 FE ? B HEC . ? A HEC 1171 ? 1_555 O2 ? C PO4 . ? A PO4 1172 ? 1_555 91.3  ? 
15 ND  ? B HEC .   ? A HEC 1171 ? 1_555 FE ? B HEC . ? A HEC 1171 ? 1_555 O2 ? C PO4 . ? A PO4 1172 ? 1_555 81.3  ? 
# 
loop_
_pdbx_modification_feature.ordinal 
_pdbx_modification_feature.label_comp_id 
_pdbx_modification_feature.label_asym_id 
_pdbx_modification_feature.label_seq_id 
_pdbx_modification_feature.label_alt_id 
_pdbx_modification_feature.modified_residue_label_comp_id 
_pdbx_modification_feature.modified_residue_label_asym_id 
_pdbx_modification_feature.modified_residue_label_seq_id 
_pdbx_modification_feature.modified_residue_label_alt_id 
_pdbx_modification_feature.auth_comp_id 
_pdbx_modification_feature.auth_asym_id 
_pdbx_modification_feature.auth_seq_id 
_pdbx_modification_feature.PDB_ins_code 
_pdbx_modification_feature.symmetry 
_pdbx_modification_feature.modified_residue_auth_comp_id 
_pdbx_modification_feature.modified_residue_auth_asym_id 
_pdbx_modification_feature.modified_residue_auth_seq_id 
_pdbx_modification_feature.modified_residue_PDB_ins_code 
_pdbx_modification_feature.modified_residue_symmetry 
_pdbx_modification_feature.comp_id_linking_atom 
_pdbx_modification_feature.modified_residue_id_linking_atom 
_pdbx_modification_feature.modified_residue_id 
_pdbx_modification_feature.ref_pcm_id 
_pdbx_modification_feature.ref_comp_id 
_pdbx_modification_feature.type 
_pdbx_modification_feature.category 
1 HEC B . ? CYS A 137 ? HEC A 1171 ? 1_555 CYS A 136 ? 1_555 CAB SG CYS 2 HEC None Heme/heme-like 
2 HEC B . ? LYS A 71  ? HEC A 1171 ? 1_555 LYS A 70  ? 1_555 CHA NZ LYS 5 HEC None Heme/heme-like 
# 
_struct_mon_prot_cis.pdbx_id                1 
_struct_mon_prot_cis.label_comp_id          GLY 
_struct_mon_prot_cis.label_seq_id           81 
_struct_mon_prot_cis.label_asym_id          A 
_struct_mon_prot_cis.label_alt_id           . 
_struct_mon_prot_cis.pdbx_PDB_ins_code      ? 
_struct_mon_prot_cis.auth_comp_id           GLY 
_struct_mon_prot_cis.auth_seq_id            80 
_struct_mon_prot_cis.auth_asym_id           A 
_struct_mon_prot_cis.pdbx_label_comp_id_2   PRO 
_struct_mon_prot_cis.pdbx_label_seq_id_2    82 
_struct_mon_prot_cis.pdbx_label_asym_id_2   A 
_struct_mon_prot_cis.pdbx_PDB_ins_code_2    ? 
_struct_mon_prot_cis.pdbx_auth_comp_id_2    PRO 
_struct_mon_prot_cis.pdbx_auth_seq_id_2     81 
_struct_mon_prot_cis.pdbx_auth_asym_id_2    A 
_struct_mon_prot_cis.pdbx_PDB_model_num     1 
_struct_mon_prot_cis.pdbx_omega_angle       -6.18 
# 
loop_
_struct_sheet.id 
_struct_sheet.type 
_struct_sheet.number_strands 
_struct_sheet.details 
AA ? 2 ? 
AB ? 5 ? 
# 
loop_
_struct_sheet_order.sheet_id 
_struct_sheet_order.range_id_1 
_struct_sheet_order.range_id_2 
_struct_sheet_order.offset 
_struct_sheet_order.sense 
AA 1 2 ? anti-parallel 
AB 1 2 ? anti-parallel 
AB 2 3 ? anti-parallel 
AB 3 4 ? anti-parallel 
AB 4 5 ? anti-parallel 
# 
loop_
_struct_sheet_range.sheet_id 
_struct_sheet_range.id 
_struct_sheet_range.beg_label_comp_id 
_struct_sheet_range.beg_label_asym_id 
_struct_sheet_range.beg_label_seq_id 
_struct_sheet_range.pdbx_beg_PDB_ins_code 
_struct_sheet_range.end_label_comp_id 
_struct_sheet_range.end_label_asym_id 
_struct_sheet_range.end_label_seq_id 
_struct_sheet_range.pdbx_end_PDB_ins_code 
_struct_sheet_range.beg_auth_comp_id 
_struct_sheet_range.beg_auth_asym_id 
_struct_sheet_range.beg_auth_seq_id 
_struct_sheet_range.end_auth_comp_id 
_struct_sheet_range.end_auth_asym_id 
_struct_sheet_range.end_auth_seq_id 
AA 1 LEU A 13  ? LEU A 14  ? LEU A 12  LEU A 13  
AA 2 ALA A 128 ? ALA A 129 ? ALA A 127 ALA A 128 
AB 1 VAL A 23  ? THR A 30  ? VAL A 22  THR A 29  
AB 2 GLU A 43  ? VAL A 49  ? GLU A 42  VAL A 48  
AB 3 VAL A 68  ? ARG A 79  ? VAL A 67  ARG A 78  
AB 4 GLY A 87  ? LYS A 101 ? GLY A 86  LYS A 100 
AB 5 TRP A 113 ? TYR A 119 ? TRP A 112 TYR A 118 
# 
loop_
_pdbx_struct_sheet_hbond.sheet_id 
_pdbx_struct_sheet_hbond.range_id_1 
_pdbx_struct_sheet_hbond.range_id_2 
_pdbx_struct_sheet_hbond.range_1_label_atom_id 
_pdbx_struct_sheet_hbond.range_1_label_comp_id 
_pdbx_struct_sheet_hbond.range_1_label_asym_id 
_pdbx_struct_sheet_hbond.range_1_label_seq_id 
_pdbx_struct_sheet_hbond.range_1_PDB_ins_code 
_pdbx_struct_sheet_hbond.range_1_auth_atom_id 
_pdbx_struct_sheet_hbond.range_1_auth_comp_id 
_pdbx_struct_sheet_hbond.range_1_auth_asym_id 
_pdbx_struct_sheet_hbond.range_1_auth_seq_id 
_pdbx_struct_sheet_hbond.range_2_label_atom_id 
_pdbx_struct_sheet_hbond.range_2_label_comp_id 
_pdbx_struct_sheet_hbond.range_2_label_asym_id 
_pdbx_struct_sheet_hbond.range_2_label_seq_id 
_pdbx_struct_sheet_hbond.range_2_PDB_ins_code 
_pdbx_struct_sheet_hbond.range_2_auth_atom_id 
_pdbx_struct_sheet_hbond.range_2_auth_comp_id 
_pdbx_struct_sheet_hbond.range_2_auth_asym_id 
_pdbx_struct_sheet_hbond.range_2_auth_seq_id 
AA 1 2 N LEU A 13  ? N LEU A 12 O ALA A 129 ? O ALA A 128 
AB 1 2 N THR A 30  ? N THR A 29 O GLU A 43  ? O GLU A 42  
AB 2 3 N TYR A 48  ? N TYR A 47 O VAL A 70  ? O VAL A 69  
AB 3 4 N ARG A 79  ? N ARG A 78 O GLY A 87  ? O GLY A 86  
AB 4 5 N VAL A 100 ? N VAL A 99 O ALA A 114 ? O ALA A 113 
# 
loop_
_struct_site.id 
_struct_site.pdbx_evidence_code 
_struct_site.pdbx_auth_asym_id 
_struct_site.pdbx_auth_comp_id 
_struct_site.pdbx_auth_seq_id 
_struct_site.pdbx_auth_ins_code 
_struct_site.pdbx_num_residues 
_struct_site.details 
AC1 Software ? ? ? ? 3  'BINDING SITE FOR RESIDUE PO4 A1172' 
AC2 Software ? ? ? ? 10 'BINDING SITE FOR RESIDUE PO4 A1173' 
AC3 Software ? ? ? ? 5  'BINDING SITE FOR RESIDUE PO4 A1174' 
AC4 Software ? ? ? ? 21 'BINDING SITE FOR RESIDUE HEC A1171' 
# 
loop_
_struct_site_gen.id 
_struct_site_gen.site_id 
_struct_site_gen.pdbx_num_res 
_struct_site_gen.label_comp_id 
_struct_site_gen.label_asym_id 
_struct_site_gen.label_seq_id 
_struct_site_gen.pdbx_auth_ins_code 
_struct_site_gen.auth_comp_id 
_struct_site_gen.auth_asym_id 
_struct_site_gen.auth_seq_id 
_struct_site_gen.label_atom_id 
_struct_site_gen.label_alt_id 
_struct_site_gen.symmetry 
_struct_site_gen.details 
1  AC1 3  GLU A 97  ? GLU A 96   . ? 1_555 ? 
2  AC1 3  HEC B .   ? HEC A 1171 . ? 1_555 ? 
3  AC1 3  HOH F .   ? HOH A 2132 . ? 1_555 ? 
4  AC2 10 TRP A 57  ? TRP A 56   . ? 1_555 ? 
5  AC2 10 ASN A 108 ? ASN A 107  . ? 1_555 ? 
6  AC2 10 LYS A 146 ? LYS A 145  . ? 1_555 ? 
7  AC2 10 THR A 147 ? THR A 146  . ? 1_555 ? 
8  AC2 10 THR A 152 ? THR A 151  . ? 1_555 ? 
9  AC2 10 ARG A 159 ? ARG A 158  . ? 1_555 ? 
10 AC2 10 LYS A 162 ? LYS A 161  . ? 1_555 ? 
11 AC2 10 HOH F .   ? HOH A 2134 . ? 1_555 ? 
12 AC2 10 HOH F .   ? HOH A 2135 . ? 1_555 ? 
13 AC2 10 HOH F .   ? HOH A 2136 . ? 1_555 ? 
14 AC3 5  ASP A 9   ? ASP A 8    . ? 1_555 ? 
15 AC3 5  PRO A 110 ? PRO A 109  . ? 1_555 ? 
16 AC3 5  LYS A 142 ? LYS A 141  . ? 1_555 ? 
17 AC3 5  HOH F .   ? HOH A 2137 . ? 1_555 ? 
18 AC3 5  HOH F .   ? HOH A 2138 . ? 1_555 ? 
19 AC4 21 GLN A 28  ? GLN A 27   . ? 1_555 ? 
20 AC4 21 ARG A 45  ? ARG A 44   . ? 1_555 ? 
21 AC4 21 THR A 69  ? THR A 68   . ? 1_555 ? 
22 AC4 21 LYS A 71  ? LYS A 70   . ? 1_555 ? 
23 AC4 21 ARG A 79  ? ARG A 78   . ? 1_555 ? 
24 AC4 21 PRO A 82  ? PRO A 81   . ? 1_555 ? 
25 AC4 21 GLU A 97  ? GLU A 96   . ? 1_555 ? 
26 AC4 21 SER A 99  ? SER A 98   . ? 1_555 ? 
27 AC4 21 TYR A 116 ? TYR A 115  . ? 1_555 ? 
28 AC4 21 ILE A 117 ? ILE A 116  . ? 1_555 ? 
29 AC4 21 GLU A 136 ? GLU A 135  . ? 1_555 ? 
30 AC4 21 CYS A 137 ? CYS A 136  . ? 1_555 ? 
31 AC4 21 CYS A 140 ? CYS A 139  . ? 1_555 ? 
32 AC4 21 HIS A 141 ? HIS A 140  . ? 1_555 ? 
33 AC4 21 MET A 149 ? MET A 148  . ? 1_555 ? 
34 AC4 21 VAL A 150 ? VAL A 149  . ? 1_555 ? 
35 AC4 21 PHE A 151 ? PHE A 150  . ? 1_555 ? 
36 AC4 21 TYR A 155 ? TYR A 154  . ? 1_555 ? 
37 AC4 21 PO4 C .   ? PO4 A 1172 . ? 1_555 ? 
38 AC4 21 HOH F .   ? HOH A 2067 . ? 1_555 ? 
39 AC4 21 HOH F .   ? HOH A 2131 . ? 1_555 ? 
# 
_pdbx_entry_details.entry_id                   2JE3 
_pdbx_entry_details.compound_details           ? 
_pdbx_entry_details.source_details             ? 
_pdbx_entry_details.nonpolymer_details         ? 
_pdbx_entry_details.sequence_details           
;RECOMBINANT PROTEIN CONTAINS ADDITIONAL N-TERMINAL
METHIONINE AND C-TERMINAL TAG KLAAALEHHHHHH
;
_pdbx_entry_details.has_ligand_of_interest     ? 
_pdbx_entry_details.has_protein_modification   Y 
# 
loop_
_pdbx_validate_close_contact.id 
_pdbx_validate_close_contact.PDB_model_num 
_pdbx_validate_close_contact.auth_atom_id_1 
_pdbx_validate_close_contact.auth_asym_id_1 
_pdbx_validate_close_contact.auth_comp_id_1 
_pdbx_validate_close_contact.auth_seq_id_1 
_pdbx_validate_close_contact.PDB_ins_code_1 
_pdbx_validate_close_contact.label_alt_id_1 
_pdbx_validate_close_contact.auth_atom_id_2 
_pdbx_validate_close_contact.auth_asym_id_2 
_pdbx_validate_close_contact.auth_comp_id_2 
_pdbx_validate_close_contact.auth_seq_id_2 
_pdbx_validate_close_contact.PDB_ins_code_2 
_pdbx_validate_close_contact.label_alt_id_2 
_pdbx_validate_close_contact.dist 
1 1 O  A HOH 2044 ? ? O   A HOH 2048 ? ? 2.04 
2 1 SG A CYS 139  ? ? CAC A HEC 1171 ? ? 2.18 
# 
_pdbx_validate_rmsd_angle.id                         1 
_pdbx_validate_rmsd_angle.PDB_model_num              1 
_pdbx_validate_rmsd_angle.auth_atom_id_1             N 
_pdbx_validate_rmsd_angle.auth_asym_id_1             A 
_pdbx_validate_rmsd_angle.auth_comp_id_1             ASP 
_pdbx_validate_rmsd_angle.auth_seq_id_1              121 
_pdbx_validate_rmsd_angle.PDB_ins_code_1             ? 
_pdbx_validate_rmsd_angle.label_alt_id_1             ? 
_pdbx_validate_rmsd_angle.auth_atom_id_2             CA 
_pdbx_validate_rmsd_angle.auth_asym_id_2             A 
_pdbx_validate_rmsd_angle.auth_comp_id_2             ASP 
_pdbx_validate_rmsd_angle.auth_seq_id_2              121 
_pdbx_validate_rmsd_angle.PDB_ins_code_2             ? 
_pdbx_validate_rmsd_angle.label_alt_id_2             ? 
_pdbx_validate_rmsd_angle.auth_atom_id_3             C 
_pdbx_validate_rmsd_angle.auth_asym_id_3             A 
_pdbx_validate_rmsd_angle.auth_comp_id_3             ASP 
_pdbx_validate_rmsd_angle.auth_seq_id_3              121 
_pdbx_validate_rmsd_angle.PDB_ins_code_3             ? 
_pdbx_validate_rmsd_angle.label_alt_id_3             ? 
_pdbx_validate_rmsd_angle.angle_value                129.13 
_pdbx_validate_rmsd_angle.angle_target_value         111.00 
_pdbx_validate_rmsd_angle.angle_deviation            18.13 
_pdbx_validate_rmsd_angle.angle_standard_deviation   2.70 
_pdbx_validate_rmsd_angle.linker_flag                N 
# 
loop_
_pdbx_validate_torsion.id 
_pdbx_validate_torsion.PDB_model_num 
_pdbx_validate_torsion.auth_comp_id 
_pdbx_validate_torsion.auth_asym_id 
_pdbx_validate_torsion.auth_seq_id 
_pdbx_validate_torsion.PDB_ins_code 
_pdbx_validate_torsion.label_alt_id 
_pdbx_validate_torsion.phi 
_pdbx_validate_torsion.psi 
1 1 ASP A 121 ? ? -23.66  77.96  
2 1 CYS A 136 ? ? -134.79 -64.84 
# 
loop_
_pdbx_validate_peptide_omega.id 
_pdbx_validate_peptide_omega.PDB_model_num 
_pdbx_validate_peptide_omega.auth_comp_id_1 
_pdbx_validate_peptide_omega.auth_asym_id_1 
_pdbx_validate_peptide_omega.auth_seq_id_1 
_pdbx_validate_peptide_omega.PDB_ins_code_1 
_pdbx_validate_peptide_omega.label_alt_id_1 
_pdbx_validate_peptide_omega.auth_comp_id_2 
_pdbx_validate_peptide_omega.auth_asym_id_2 
_pdbx_validate_peptide_omega.auth_seq_id_2 
_pdbx_validate_peptide_omega.PDB_ins_code_2 
_pdbx_validate_peptide_omega.label_alt_id_2 
_pdbx_validate_peptide_omega.omega 
1 1 PRO A 120 ? ? ASP A 121 ? ? -137.29 
2 1 ASP A 121 ? ? THR A 122 ? ? 133.75  
# 
loop_
_pdbx_unobs_or_zero_occ_residues.id 
_pdbx_unobs_or_zero_occ_residues.PDB_model_num 
_pdbx_unobs_or_zero_occ_residues.polymer_flag 
_pdbx_unobs_or_zero_occ_residues.occupancy_flag 
_pdbx_unobs_or_zero_occ_residues.auth_asym_id 
_pdbx_unobs_or_zero_occ_residues.auth_comp_id 
_pdbx_unobs_or_zero_occ_residues.auth_seq_id 
_pdbx_unobs_or_zero_occ_residues.PDB_ins_code 
_pdbx_unobs_or_zero_occ_residues.label_asym_id 
_pdbx_unobs_or_zero_occ_residues.label_comp_id 
_pdbx_unobs_or_zero_occ_residues.label_seq_id 
1  1 Y 1 A MET 0   ? A MET 1   
2  1 Y 1 A ASN 31  ? A ASN 32  
3  1 Y 1 A GLU 32  ? A GLU 33  
4  1 Y 1 A LEU 33  ? A LEU 34  
5  1 Y 1 A ASN 34  ? A ASN 35  
6  1 Y 1 A ASP 35  ? A ASP 36  
7  1 Y 1 A GLY 36  ? A GLY 37  
8  1 Y 1 A LYS 37  ? A LYS 38  
9  1 Y 1 A ALA 38  ? A ALA 39  
10 1 Y 1 A PRO 39  ? A PRO 40  
11 1 Y 1 A PHE 40  ? A PHE 41  
12 1 Y 1 A GLY 82  ? A GLY 83  
13 1 Y 1 A SER 83  ? A SER 84  
14 1 Y 1 A GLY 84  ? A GLY 85  
15 1 Y 1 A PRO 171 ? A PRO 172 
16 1 Y 1 A LYS 172 ? A LYS 173 
17 1 Y 1 A LYS 173 ? A LYS 174 
18 1 Y 1 A LEU 174 ? A LEU 175 
19 1 Y 1 A ALA 175 ? A ALA 176 
20 1 Y 1 A ALA 176 ? A ALA 177 
21 1 Y 1 A ALA 177 ? A ALA 178 
22 1 Y 1 A LEU 178 ? A LEU 179 
23 1 Y 1 A GLU 179 ? A GLU 180 
24 1 Y 1 A HIS 180 ? A HIS 181 
25 1 Y 1 A HIS 181 ? A HIS 182 
26 1 Y 1 A HIS 182 ? A HIS 183 
27 1 Y 1 A HIS 183 ? A HIS 184 
28 1 Y 1 A HIS 184 ? A HIS 185 
29 1 Y 1 A HIS 185 ? A HIS 186 
# 
loop_
_chem_comp_atom.comp_id 
_chem_comp_atom.atom_id 
_chem_comp_atom.type_symbol 
_chem_comp_atom.pdbx_aromatic_flag 
_chem_comp_atom.pdbx_stereo_config 
_chem_comp_atom.pdbx_ordinal 
ALA N    N  N N 1   
ALA CA   C  N S 2   
ALA C    C  N N 3   
ALA O    O  N N 4   
ALA CB   C  N N 5   
ALA OXT  O  N N 6   
ALA H    H  N N 7   
ALA H2   H  N N 8   
ALA HA   H  N N 9   
ALA HB1  H  N N 10  
ALA HB2  H  N N 11  
ALA HB3  H  N N 12  
ALA HXT  H  N N 13  
ARG N    N  N N 14  
ARG CA   C  N S 15  
ARG C    C  N N 16  
ARG O    O  N N 17  
ARG CB   C  N N 18  
ARG CG   C  N N 19  
ARG CD   C  N N 20  
ARG NE   N  N N 21  
ARG CZ   C  N N 22  
ARG NH1  N  N N 23  
ARG NH2  N  N N 24  
ARG OXT  O  N N 25  
ARG H    H  N N 26  
ARG H2   H  N N 27  
ARG HA   H  N N 28  
ARG HB2  H  N N 29  
ARG HB3  H  N N 30  
ARG HG2  H  N N 31  
ARG HG3  H  N N 32  
ARG HD2  H  N N 33  
ARG HD3  H  N N 34  
ARG HE   H  N N 35  
ARG HH11 H  N N 36  
ARG HH12 H  N N 37  
ARG HH21 H  N N 38  
ARG HH22 H  N N 39  
ARG HXT  H  N N 40  
ASN N    N  N N 41  
ASN CA   C  N S 42  
ASN C    C  N N 43  
ASN O    O  N N 44  
ASN CB   C  N N 45  
ASN CG   C  N N 46  
ASN OD1  O  N N 47  
ASN ND2  N  N N 48  
ASN OXT  O  N N 49  
ASN H    H  N N 50  
ASN H2   H  N N 51  
ASN HA   H  N N 52  
ASN HB2  H  N N 53  
ASN HB3  H  N N 54  
ASN HD21 H  N N 55  
ASN HD22 H  N N 56  
ASN HXT  H  N N 57  
ASP N    N  N N 58  
ASP CA   C  N S 59  
ASP C    C  N N 60  
ASP O    O  N N 61  
ASP CB   C  N N 62  
ASP CG   C  N N 63  
ASP OD1  O  N N 64  
ASP OD2  O  N N 65  
ASP OXT  O  N N 66  
ASP H    H  N N 67  
ASP H2   H  N N 68  
ASP HA   H  N N 69  
ASP HB2  H  N N 70  
ASP HB3  H  N N 71  
ASP HD2  H  N N 72  
ASP HXT  H  N N 73  
CYS N    N  N N 74  
CYS CA   C  N R 75  
CYS C    C  N N 76  
CYS O    O  N N 77  
CYS CB   C  N N 78  
CYS SG   S  N N 79  
CYS OXT  O  N N 80  
CYS H    H  N N 81  
CYS H2   H  N N 82  
CYS HA   H  N N 83  
CYS HB2  H  N N 84  
CYS HB3  H  N N 85  
CYS HG   H  N N 86  
CYS HXT  H  N N 87  
GLN N    N  N N 88  
GLN CA   C  N S 89  
GLN C    C  N N 90  
GLN O    O  N N 91  
GLN CB   C  N N 92  
GLN CG   C  N N 93  
GLN CD   C  N N 94  
GLN OE1  O  N N 95  
GLN NE2  N  N N 96  
GLN OXT  O  N N 97  
GLN H    H  N N 98  
GLN H2   H  N N 99  
GLN HA   H  N N 100 
GLN HB2  H  N N 101 
GLN HB3  H  N N 102 
GLN HG2  H  N N 103 
GLN HG3  H  N N 104 
GLN HE21 H  N N 105 
GLN HE22 H  N N 106 
GLN HXT  H  N N 107 
GLU N    N  N N 108 
GLU CA   C  N S 109 
GLU C    C  N N 110 
GLU O    O  N N 111 
GLU CB   C  N N 112 
GLU CG   C  N N 113 
GLU CD   C  N N 114 
GLU OE1  O  N N 115 
GLU OE2  O  N N 116 
GLU OXT  O  N N 117 
GLU H    H  N N 118 
GLU H2   H  N N 119 
GLU HA   H  N N 120 
GLU HB2  H  N N 121 
GLU HB3  H  N N 122 
GLU HG2  H  N N 123 
GLU HG3  H  N N 124 
GLU HE2  H  N N 125 
GLU HXT  H  N N 126 
GLY N    N  N N 127 
GLY CA   C  N N 128 
GLY C    C  N N 129 
GLY O    O  N N 130 
GLY OXT  O  N N 131 
GLY H    H  N N 132 
GLY H2   H  N N 133 
GLY HA2  H  N N 134 
GLY HA3  H  N N 135 
GLY HXT  H  N N 136 
HEC FE   FE N N 137 
HEC CHA  C  N N 138 
HEC CHB  C  N N 139 
HEC CHC  C  N N 140 
HEC CHD  C  N N 141 
HEC NA   N  Y N 142 
HEC C1A  C  Y N 143 
HEC C2A  C  Y N 144 
HEC C3A  C  Y N 145 
HEC C4A  C  Y N 146 
HEC CMA  C  N N 147 
HEC CAA  C  N N 148 
HEC CBA  C  N N 149 
HEC CGA  C  N N 150 
HEC O1A  O  N N 151 
HEC O2A  O  N N 152 
HEC NB   N  Y N 153 
HEC C1B  C  Y N 154 
HEC C2B  C  Y N 155 
HEC C3B  C  Y N 156 
HEC C4B  C  Y N 157 
HEC CMB  C  N N 158 
HEC CAB  C  N N 159 
HEC CBB  C  N N 160 
HEC NC   N  Y N 161 
HEC C1C  C  Y N 162 
HEC C2C  C  Y N 163 
HEC C3C  C  Y N 164 
HEC C4C  C  Y N 165 
HEC CMC  C  N N 166 
HEC CAC  C  N N 167 
HEC CBC  C  N N 168 
HEC ND   N  Y N 169 
HEC C1D  C  Y N 170 
HEC C2D  C  Y N 171 
HEC C3D  C  Y N 172 
HEC C4D  C  Y N 173 
HEC CMD  C  N N 174 
HEC CAD  C  N N 175 
HEC CBD  C  N N 176 
HEC CGD  C  N N 177 
HEC O1D  O  N N 178 
HEC O2D  O  N N 179 
HEC HHA  H  N N 180 
HEC HHB  H  N N 181 
HEC HHC  H  N N 182 
HEC HHD  H  N N 183 
HEC HMA1 H  N N 184 
HEC HMA2 H  N N 185 
HEC HMA3 H  N N 186 
HEC HAA1 H  N N 187 
HEC HAA2 H  N N 188 
HEC HBA1 H  N N 189 
HEC HBA2 H  N N 190 
HEC H2A  H  N N 191 
HEC HMB1 H  N N 192 
HEC HMB2 H  N N 193 
HEC HMB3 H  N N 194 
HEC HAB  H  N N 195 
HEC HBB1 H  N N 196 
HEC HBB2 H  N N 197 
HEC HBB3 H  N N 198 
HEC HMC1 H  N N 199 
HEC HMC2 H  N N 200 
HEC HMC3 H  N N 201 
HEC HAC  H  N N 202 
HEC HBC1 H  N N 203 
HEC HBC2 H  N N 204 
HEC HBC3 H  N N 205 
HEC HMD1 H  N N 206 
HEC HMD2 H  N N 207 
HEC HMD3 H  N N 208 
HEC HAD1 H  N N 209 
HEC HAD2 H  N N 210 
HEC HBD1 H  N N 211 
HEC HBD2 H  N N 212 
HEC H2D  H  N N 213 
HIS N    N  N N 214 
HIS CA   C  N S 215 
HIS C    C  N N 216 
HIS O    O  N N 217 
HIS CB   C  N N 218 
HIS CG   C  Y N 219 
HIS ND1  N  Y N 220 
HIS CD2  C  Y N 221 
HIS CE1  C  Y N 222 
HIS NE2  N  Y N 223 
HIS OXT  O  N N 224 
HIS H    H  N N 225 
HIS H2   H  N N 226 
HIS HA   H  N N 227 
HIS HB2  H  N N 228 
HIS HB3  H  N N 229 
HIS HD1  H  N N 230 
HIS HD2  H  N N 231 
HIS HE1  H  N N 232 
HIS HE2  H  N N 233 
HIS HXT  H  N N 234 
HOH O    O  N N 235 
HOH H1   H  N N 236 
HOH H2   H  N N 237 
ILE N    N  N N 238 
ILE CA   C  N S 239 
ILE C    C  N N 240 
ILE O    O  N N 241 
ILE CB   C  N S 242 
ILE CG1  C  N N 243 
ILE CG2  C  N N 244 
ILE CD1  C  N N 245 
ILE OXT  O  N N 246 
ILE H    H  N N 247 
ILE H2   H  N N 248 
ILE HA   H  N N 249 
ILE HB   H  N N 250 
ILE HG12 H  N N 251 
ILE HG13 H  N N 252 
ILE HG21 H  N N 253 
ILE HG22 H  N N 254 
ILE HG23 H  N N 255 
ILE HD11 H  N N 256 
ILE HD12 H  N N 257 
ILE HD13 H  N N 258 
ILE HXT  H  N N 259 
LEU N    N  N N 260 
LEU CA   C  N S 261 
LEU C    C  N N 262 
LEU O    O  N N 263 
LEU CB   C  N N 264 
LEU CG   C  N N 265 
LEU CD1  C  N N 266 
LEU CD2  C  N N 267 
LEU OXT  O  N N 268 
LEU H    H  N N 269 
LEU H2   H  N N 270 
LEU HA   H  N N 271 
LEU HB2  H  N N 272 
LEU HB3  H  N N 273 
LEU HG   H  N N 274 
LEU HD11 H  N N 275 
LEU HD12 H  N N 276 
LEU HD13 H  N N 277 
LEU HD21 H  N N 278 
LEU HD22 H  N N 279 
LEU HD23 H  N N 280 
LEU HXT  H  N N 281 
LYS N    N  N N 282 
LYS CA   C  N S 283 
LYS C    C  N N 284 
LYS O    O  N N 285 
LYS CB   C  N N 286 
LYS CG   C  N N 287 
LYS CD   C  N N 288 
LYS CE   C  N N 289 
LYS NZ   N  N N 290 
LYS OXT  O  N N 291 
LYS H    H  N N 292 
LYS H2   H  N N 293 
LYS HA   H  N N 294 
LYS HB2  H  N N 295 
LYS HB3  H  N N 296 
LYS HG2  H  N N 297 
LYS HG3  H  N N 298 
LYS HD2  H  N N 299 
LYS HD3  H  N N 300 
LYS HE2  H  N N 301 
LYS HE3  H  N N 302 
LYS HZ1  H  N N 303 
LYS HZ2  H  N N 304 
LYS HZ3  H  N N 305 
LYS HXT  H  N N 306 
MET N    N  N N 307 
MET CA   C  N S 308 
MET C    C  N N 309 
MET O    O  N N 310 
MET CB   C  N N 311 
MET CG   C  N N 312 
MET SD   S  N N 313 
MET CE   C  N N 314 
MET OXT  O  N N 315 
MET H    H  N N 316 
MET H2   H  N N 317 
MET HA   H  N N 318 
MET HB2  H  N N 319 
MET HB3  H  N N 320 
MET HG2  H  N N 321 
MET HG3  H  N N 322 
MET HE1  H  N N 323 
MET HE2  H  N N 324 
MET HE3  H  N N 325 
MET HXT  H  N N 326 
PHE N    N  N N 327 
PHE CA   C  N S 328 
PHE C    C  N N 329 
PHE O    O  N N 330 
PHE CB   C  N N 331 
PHE CG   C  Y N 332 
PHE CD1  C  Y N 333 
PHE CD2  C  Y N 334 
PHE CE1  C  Y N 335 
PHE CE2  C  Y N 336 
PHE CZ   C  Y N 337 
PHE OXT  O  N N 338 
PHE H    H  N N 339 
PHE H2   H  N N 340 
PHE HA   H  N N 341 
PHE HB2  H  N N 342 
PHE HB3  H  N N 343 
PHE HD1  H  N N 344 
PHE HD2  H  N N 345 
PHE HE1  H  N N 346 
PHE HE2  H  N N 347 
PHE HZ   H  N N 348 
PHE HXT  H  N N 349 
PO4 P    P  N N 350 
PO4 O1   O  N N 351 
PO4 O2   O  N N 352 
PO4 O3   O  N N 353 
PO4 O4   O  N N 354 
PRO N    N  N N 355 
PRO CA   C  N S 356 
PRO C    C  N N 357 
PRO O    O  N N 358 
PRO CB   C  N N 359 
PRO CG   C  N N 360 
PRO CD   C  N N 361 
PRO OXT  O  N N 362 
PRO H    H  N N 363 
PRO HA   H  N N 364 
PRO HB2  H  N N 365 
PRO HB3  H  N N 366 
PRO HG2  H  N N 367 
PRO HG3  H  N N 368 
PRO HD2  H  N N 369 
PRO HD3  H  N N 370 
PRO HXT  H  N N 371 
SER N    N  N N 372 
SER CA   C  N S 373 
SER C    C  N N 374 
SER O    O  N N 375 
SER CB   C  N N 376 
SER OG   O  N N 377 
SER OXT  O  N N 378 
SER H    H  N N 379 
SER H2   H  N N 380 
SER HA   H  N N 381 
SER HB2  H  N N 382 
SER HB3  H  N N 383 
SER HG   H  N N 384 
SER HXT  H  N N 385 
THR N    N  N N 386 
THR CA   C  N S 387 
THR C    C  N N 388 
THR O    O  N N 389 
THR CB   C  N R 390 
THR OG1  O  N N 391 
THR CG2  C  N N 392 
THR OXT  O  N N 393 
THR H    H  N N 394 
THR H2   H  N N 395 
THR HA   H  N N 396 
THR HB   H  N N 397 
THR HG1  H  N N 398 
THR HG21 H  N N 399 
THR HG22 H  N N 400 
THR HG23 H  N N 401 
THR HXT  H  N N 402 
TRP N    N  N N 403 
TRP CA   C  N S 404 
TRP C    C  N N 405 
TRP O    O  N N 406 
TRP CB   C  N N 407 
TRP CG   C  Y N 408 
TRP CD1  C  Y N 409 
TRP CD2  C  Y N 410 
TRP NE1  N  Y N 411 
TRP CE2  C  Y N 412 
TRP CE3  C  Y N 413 
TRP CZ2  C  Y N 414 
TRP CZ3  C  Y N 415 
TRP CH2  C  Y N 416 
TRP OXT  O  N N 417 
TRP H    H  N N 418 
TRP H2   H  N N 419 
TRP HA   H  N N 420 
TRP HB2  H  N N 421 
TRP HB3  H  N N 422 
TRP HD1  H  N N 423 
TRP HE1  H  N N 424 
TRP HE3  H  N N 425 
TRP HZ2  H  N N 426 
TRP HZ3  H  N N 427 
TRP HH2  H  N N 428 
TRP HXT  H  N N 429 
TYR N    N  N N 430 
TYR CA   C  N S 431 
TYR C    C  N N 432 
TYR O    O  N N 433 
TYR CB   C  N N 434 
TYR CG   C  Y N 435 
TYR CD1  C  Y N 436 
TYR CD2  C  Y N 437 
TYR CE1  C  Y N 438 
TYR CE2  C  Y N 439 
TYR CZ   C  Y N 440 
TYR OH   O  N N 441 
TYR OXT  O  N N 442 
TYR H    H  N N 443 
TYR H2   H  N N 444 
TYR HA   H  N N 445 
TYR HB2  H  N N 446 
TYR HB3  H  N N 447 
TYR HD1  H  N N 448 
TYR HD2  H  N N 449 
TYR HE1  H  N N 450 
TYR HE2  H  N N 451 
TYR HH   H  N N 452 
TYR HXT  H  N N 453 
VAL N    N  N N 454 
VAL CA   C  N S 455 
VAL C    C  N N 456 
VAL O    O  N N 457 
VAL CB   C  N N 458 
VAL CG1  C  N N 459 
VAL CG2  C  N N 460 
VAL OXT  O  N N 461 
VAL H    H  N N 462 
VAL H2   H  N N 463 
VAL HA   H  N N 464 
VAL HB   H  N N 465 
VAL HG11 H  N N 466 
VAL HG12 H  N N 467 
VAL HG13 H  N N 468 
VAL HG21 H  N N 469 
VAL HG22 H  N N 470 
VAL HG23 H  N N 471 
VAL HXT  H  N N 472 
# 
loop_
_chem_comp_bond.comp_id 
_chem_comp_bond.atom_id_1 
_chem_comp_bond.atom_id_2 
_chem_comp_bond.value_order 
_chem_comp_bond.pdbx_aromatic_flag 
_chem_comp_bond.pdbx_stereo_config 
_chem_comp_bond.pdbx_ordinal 
ALA N   CA   sing N N 1   
ALA N   H    sing N N 2   
ALA N   H2   sing N N 3   
ALA CA  C    sing N N 4   
ALA CA  CB   sing N N 5   
ALA CA  HA   sing N N 6   
ALA C   O    doub N N 7   
ALA C   OXT  sing N N 8   
ALA CB  HB1  sing N N 9   
ALA CB  HB2  sing N N 10  
ALA CB  HB3  sing N N 11  
ALA OXT HXT  sing N N 12  
ARG N   CA   sing N N 13  
ARG N   H    sing N N 14  
ARG N   H2   sing N N 15  
ARG CA  C    sing N N 16  
ARG CA  CB   sing N N 17  
ARG CA  HA   sing N N 18  
ARG C   O    doub N N 19  
ARG C   OXT  sing N N 20  
ARG CB  CG   sing N N 21  
ARG CB  HB2  sing N N 22  
ARG CB  HB3  sing N N 23  
ARG CG  CD   sing N N 24  
ARG CG  HG2  sing N N 25  
ARG CG  HG3  sing N N 26  
ARG CD  NE   sing N N 27  
ARG CD  HD2  sing N N 28  
ARG CD  HD3  sing N N 29  
ARG NE  CZ   sing N N 30  
ARG NE  HE   sing N N 31  
ARG CZ  NH1  sing N N 32  
ARG CZ  NH2  doub N N 33  
ARG NH1 HH11 sing N N 34  
ARG NH1 HH12 sing N N 35  
ARG NH2 HH21 sing N N 36  
ARG NH2 HH22 sing N N 37  
ARG OXT HXT  sing N N 38  
ASN N   CA   sing N N 39  
ASN N   H    sing N N 40  
ASN N   H2   sing N N 41  
ASN CA  C    sing N N 42  
ASN CA  CB   sing N N 43  
ASN CA  HA   sing N N 44  
ASN C   O    doub N N 45  
ASN C   OXT  sing N N 46  
ASN CB  CG   sing N N 47  
ASN CB  HB2  sing N N 48  
ASN CB  HB3  sing N N 49  
ASN CG  OD1  doub N N 50  
ASN CG  ND2  sing N N 51  
ASN ND2 HD21 sing N N 52  
ASN ND2 HD22 sing N N 53  
ASN OXT HXT  sing N N 54  
ASP N   CA   sing N N 55  
ASP N   H    sing N N 56  
ASP N   H2   sing N N 57  
ASP CA  C    sing N N 58  
ASP CA  CB   sing N N 59  
ASP CA  HA   sing N N 60  
ASP C   O    doub N N 61  
ASP C   OXT  sing N N 62  
ASP CB  CG   sing N N 63  
ASP CB  HB2  sing N N 64  
ASP CB  HB3  sing N N 65  
ASP CG  OD1  doub N N 66  
ASP CG  OD2  sing N N 67  
ASP OD2 HD2  sing N N 68  
ASP OXT HXT  sing N N 69  
CYS N   CA   sing N N 70  
CYS N   H    sing N N 71  
CYS N   H2   sing N N 72  
CYS CA  C    sing N N 73  
CYS CA  CB   sing N N 74  
CYS CA  HA   sing N N 75  
CYS C   O    doub N N 76  
CYS C   OXT  sing N N 77  
CYS CB  SG   sing N N 78  
CYS CB  HB2  sing N N 79  
CYS CB  HB3  sing N N 80  
CYS SG  HG   sing N N 81  
CYS OXT HXT  sing N N 82  
GLN N   CA   sing N N 83  
GLN N   H    sing N N 84  
GLN N   H2   sing N N 85  
GLN CA  C    sing N N 86  
GLN CA  CB   sing N N 87  
GLN CA  HA   sing N N 88  
GLN C   O    doub N N 89  
GLN C   OXT  sing N N 90  
GLN CB  CG   sing N N 91  
GLN CB  HB2  sing N N 92  
GLN CB  HB3  sing N N 93  
GLN CG  CD   sing N N 94  
GLN CG  HG2  sing N N 95  
GLN CG  HG3  sing N N 96  
GLN CD  OE1  doub N N 97  
GLN CD  NE2  sing N N 98  
GLN NE2 HE21 sing N N 99  
GLN NE2 HE22 sing N N 100 
GLN OXT HXT  sing N N 101 
GLU N   CA   sing N N 102 
GLU N   H    sing N N 103 
GLU N   H2   sing N N 104 
GLU CA  C    sing N N 105 
GLU CA  CB   sing N N 106 
GLU CA  HA   sing N N 107 
GLU C   O    doub N N 108 
GLU C   OXT  sing N N 109 
GLU CB  CG   sing N N 110 
GLU CB  HB2  sing N N 111 
GLU CB  HB3  sing N N 112 
GLU CG  CD   sing N N 113 
GLU CG  HG2  sing N N 114 
GLU CG  HG3  sing N N 115 
GLU CD  OE1  doub N N 116 
GLU CD  OE2  sing N N 117 
GLU OE2 HE2  sing N N 118 
GLU OXT HXT  sing N N 119 
GLY N   CA   sing N N 120 
GLY N   H    sing N N 121 
GLY N   H2   sing N N 122 
GLY CA  C    sing N N 123 
GLY CA  HA2  sing N N 124 
GLY CA  HA3  sing N N 125 
GLY C   O    doub N N 126 
GLY C   OXT  sing N N 127 
GLY OXT HXT  sing N N 128 
HEC FE  NA   sing N N 129 
HEC FE  NB   sing N N 130 
HEC FE  NC   sing N N 131 
HEC FE  ND   sing N N 132 
HEC CHA C1A  doub N N 133 
HEC CHA C4D  sing N N 134 
HEC CHA HHA  sing N N 135 
HEC CHB C4A  doub N N 136 
HEC CHB C1B  sing N N 137 
HEC CHB HHB  sing N N 138 
HEC CHC C4B  doub N N 139 
HEC CHC C1C  sing N N 140 
HEC CHC HHC  sing N N 141 
HEC CHD C4C  doub N N 142 
HEC CHD C1D  sing N N 143 
HEC CHD HHD  sing N N 144 
HEC NA  C1A  sing Y N 145 
HEC NA  C4A  sing Y N 146 
HEC C1A C2A  sing Y N 147 
HEC C2A C3A  doub Y N 148 
HEC C2A CAA  sing N N 149 
HEC C3A C4A  sing Y N 150 
HEC C3A CMA  sing N N 151 
HEC CMA HMA1 sing N N 152 
HEC CMA HMA2 sing N N 153 
HEC CMA HMA3 sing N N 154 
HEC CAA CBA  sing N N 155 
HEC CAA HAA1 sing N N 156 
HEC CAA HAA2 sing N N 157 
HEC CBA CGA  sing N N 158 
HEC CBA HBA1 sing N N 159 
HEC CBA HBA2 sing N N 160 
HEC CGA O1A  doub N N 161 
HEC CGA O2A  sing N N 162 
HEC O2A H2A  sing N N 163 
HEC NB  C1B  sing Y N 164 
HEC NB  C4B  sing Y N 165 
HEC C1B C2B  doub Y N 166 
HEC C2B C3B  sing Y N 167 
HEC C2B CMB  sing N N 168 
HEC C3B C4B  sing Y N 169 
HEC C3B CAB  doub N E 170 
HEC CMB HMB1 sing N N 171 
HEC CMB HMB2 sing N N 172 
HEC CMB HMB3 sing N N 173 
HEC CAB CBB  sing N N 174 
HEC CAB HAB  sing N N 175 
HEC CBB HBB1 sing N N 176 
HEC CBB HBB2 sing N N 177 
HEC CBB HBB3 sing N N 178 
HEC NC  C1C  sing Y N 179 
HEC NC  C4C  sing Y N 180 
HEC C1C C2C  doub Y N 181 
HEC C2C C3C  sing Y N 182 
HEC C2C CMC  sing N N 183 
HEC C3C C4C  sing Y N 184 
HEC C3C CAC  doub N E 185 
HEC CMC HMC1 sing N N 186 
HEC CMC HMC2 sing N N 187 
HEC CMC HMC3 sing N N 188 
HEC CAC CBC  sing N N 189 
HEC CAC HAC  sing N N 190 
HEC CBC HBC1 sing N N 191 
HEC CBC HBC2 sing N N 192 
HEC CBC HBC3 sing N N 193 
HEC ND  C1D  sing Y N 194 
HEC ND  C4D  sing Y N 195 
HEC C1D C2D  doub Y N 196 
HEC C2D C3D  sing Y N 197 
HEC C2D CMD  sing N N 198 
HEC C3D C4D  doub Y N 199 
HEC C3D CAD  sing N N 200 
HEC CMD HMD1 sing N N 201 
HEC CMD HMD2 sing N N 202 
HEC CMD HMD3 sing N N 203 
HEC CAD CBD  sing N N 204 
HEC CAD HAD1 sing N N 205 
HEC CAD HAD2 sing N N 206 
HEC CBD CGD  sing N N 207 
HEC CBD HBD1 sing N N 208 
HEC CBD HBD2 sing N N 209 
HEC CGD O1D  doub N N 210 
HEC CGD O2D  sing N N 211 
HEC O2D H2D  sing N N 212 
HIS N   CA   sing N N 213 
HIS N   H    sing N N 214 
HIS N   H2   sing N N 215 
HIS CA  C    sing N N 216 
HIS CA  CB   sing N N 217 
HIS CA  HA   sing N N 218 
HIS C   O    doub N N 219 
HIS C   OXT  sing N N 220 
HIS CB  CG   sing N N 221 
HIS CB  HB2  sing N N 222 
HIS CB  HB3  sing N N 223 
HIS CG  ND1  sing Y N 224 
HIS CG  CD2  doub Y N 225 
HIS ND1 CE1  doub Y N 226 
HIS ND1 HD1  sing N N 227 
HIS CD2 NE2  sing Y N 228 
HIS CD2 HD2  sing N N 229 
HIS CE1 NE2  sing Y N 230 
HIS CE1 HE1  sing N N 231 
HIS NE2 HE2  sing N N 232 
HIS OXT HXT  sing N N 233 
HOH O   H1   sing N N 234 
HOH O   H2   sing N N 235 
ILE N   CA   sing N N 236 
ILE N   H    sing N N 237 
ILE N   H2   sing N N 238 
ILE CA  C    sing N N 239 
ILE CA  CB   sing N N 240 
ILE CA  HA   sing N N 241 
ILE C   O    doub N N 242 
ILE C   OXT  sing N N 243 
ILE CB  CG1  sing N N 244 
ILE CB  CG2  sing N N 245 
ILE CB  HB   sing N N 246 
ILE CG1 CD1  sing N N 247 
ILE CG1 HG12 sing N N 248 
ILE CG1 HG13 sing N N 249 
ILE CG2 HG21 sing N N 250 
ILE CG2 HG22 sing N N 251 
ILE CG2 HG23 sing N N 252 
ILE CD1 HD11 sing N N 253 
ILE CD1 HD12 sing N N 254 
ILE CD1 HD13 sing N N 255 
ILE OXT HXT  sing N N 256 
LEU N   CA   sing N N 257 
LEU N   H    sing N N 258 
LEU N   H2   sing N N 259 
LEU CA  C    sing N N 260 
LEU CA  CB   sing N N 261 
LEU CA  HA   sing N N 262 
LEU C   O    doub N N 263 
LEU C   OXT  sing N N 264 
LEU CB  CG   sing N N 265 
LEU CB  HB2  sing N N 266 
LEU CB  HB3  sing N N 267 
LEU CG  CD1  sing N N 268 
LEU CG  CD2  sing N N 269 
LEU CG  HG   sing N N 270 
LEU CD1 HD11 sing N N 271 
LEU CD1 HD12 sing N N 272 
LEU CD1 HD13 sing N N 273 
LEU CD2 HD21 sing N N 274 
LEU CD2 HD22 sing N N 275 
LEU CD2 HD23 sing N N 276 
LEU OXT HXT  sing N N 277 
LYS N   CA   sing N N 278 
LYS N   H    sing N N 279 
LYS N   H2   sing N N 280 
LYS CA  C    sing N N 281 
LYS CA  CB   sing N N 282 
LYS CA  HA   sing N N 283 
LYS C   O    doub N N 284 
LYS C   OXT  sing N N 285 
LYS CB  CG   sing N N 286 
LYS CB  HB2  sing N N 287 
LYS CB  HB3  sing N N 288 
LYS CG  CD   sing N N 289 
LYS CG  HG2  sing N N 290 
LYS CG  HG3  sing N N 291 
LYS CD  CE   sing N N 292 
LYS CD  HD2  sing N N 293 
LYS CD  HD3  sing N N 294 
LYS CE  NZ   sing N N 295 
LYS CE  HE2  sing N N 296 
LYS CE  HE3  sing N N 297 
LYS NZ  HZ1  sing N N 298 
LYS NZ  HZ2  sing N N 299 
LYS NZ  HZ3  sing N N 300 
LYS OXT HXT  sing N N 301 
MET N   CA   sing N N 302 
MET N   H    sing N N 303 
MET N   H2   sing N N 304 
MET CA  C    sing N N 305 
MET CA  CB   sing N N 306 
MET CA  HA   sing N N 307 
MET C   O    doub N N 308 
MET C   OXT  sing N N 309 
MET CB  CG   sing N N 310 
MET CB  HB2  sing N N 311 
MET CB  HB3  sing N N 312 
MET CG  SD   sing N N 313 
MET CG  HG2  sing N N 314 
MET CG  HG3  sing N N 315 
MET SD  CE   sing N N 316 
MET CE  HE1  sing N N 317 
MET CE  HE2  sing N N 318 
MET CE  HE3  sing N N 319 
MET OXT HXT  sing N N 320 
PHE N   CA   sing N N 321 
PHE N   H    sing N N 322 
PHE N   H2   sing N N 323 
PHE CA  C    sing N N 324 
PHE CA  CB   sing N N 325 
PHE CA  HA   sing N N 326 
PHE C   O    doub N N 327 
PHE C   OXT  sing N N 328 
PHE CB  CG   sing N N 329 
PHE CB  HB2  sing N N 330 
PHE CB  HB3  sing N N 331 
PHE CG  CD1  doub Y N 332 
PHE CG  CD2  sing Y N 333 
PHE CD1 CE1  sing Y N 334 
PHE CD1 HD1  sing N N 335 
PHE CD2 CE2  doub Y N 336 
PHE CD2 HD2  sing N N 337 
PHE CE1 CZ   doub Y N 338 
PHE CE1 HE1  sing N N 339 
PHE CE2 CZ   sing Y N 340 
PHE CE2 HE2  sing N N 341 
PHE CZ  HZ   sing N N 342 
PHE OXT HXT  sing N N 343 
PO4 P   O1   doub N N 344 
PO4 P   O2   sing N N 345 
PO4 P   O3   sing N N 346 
PO4 P   O4   sing N N 347 
PRO N   CA   sing N N 348 
PRO N   CD   sing N N 349 
PRO N   H    sing N N 350 
PRO CA  C    sing N N 351 
PRO CA  CB   sing N N 352 
PRO CA  HA   sing N N 353 
PRO C   O    doub N N 354 
PRO C   OXT  sing N N 355 
PRO CB  CG   sing N N 356 
PRO CB  HB2  sing N N 357 
PRO CB  HB3  sing N N 358 
PRO CG  CD   sing N N 359 
PRO CG  HG2  sing N N 360 
PRO CG  HG3  sing N N 361 
PRO CD  HD2  sing N N 362 
PRO CD  HD3  sing N N 363 
PRO OXT HXT  sing N N 364 
SER N   CA   sing N N 365 
SER N   H    sing N N 366 
SER N   H2   sing N N 367 
SER CA  C    sing N N 368 
SER CA  CB   sing N N 369 
SER CA  HA   sing N N 370 
SER C   O    doub N N 371 
SER C   OXT  sing N N 372 
SER CB  OG   sing N N 373 
SER CB  HB2  sing N N 374 
SER CB  HB3  sing N N 375 
SER OG  HG   sing N N 376 
SER OXT HXT  sing N N 377 
THR N   CA   sing N N 378 
THR N   H    sing N N 379 
THR N   H2   sing N N 380 
THR CA  C    sing N N 381 
THR CA  CB   sing N N 382 
THR CA  HA   sing N N 383 
THR C   O    doub N N 384 
THR C   OXT  sing N N 385 
THR CB  OG1  sing N N 386 
THR CB  CG2  sing N N 387 
THR CB  HB   sing N N 388 
THR OG1 HG1  sing N N 389 
THR CG2 HG21 sing N N 390 
THR CG2 HG22 sing N N 391 
THR CG2 HG23 sing N N 392 
THR OXT HXT  sing N N 393 
TRP N   CA   sing N N 394 
TRP N   H    sing N N 395 
TRP N   H2   sing N N 396 
TRP CA  C    sing N N 397 
TRP CA  CB   sing N N 398 
TRP CA  HA   sing N N 399 
TRP C   O    doub N N 400 
TRP C   OXT  sing N N 401 
TRP CB  CG   sing N N 402 
TRP CB  HB2  sing N N 403 
TRP CB  HB3  sing N N 404 
TRP CG  CD1  doub Y N 405 
TRP CG  CD2  sing Y N 406 
TRP CD1 NE1  sing Y N 407 
TRP CD1 HD1  sing N N 408 
TRP CD2 CE2  doub Y N 409 
TRP CD2 CE3  sing Y N 410 
TRP NE1 CE2  sing Y N 411 
TRP NE1 HE1  sing N N 412 
TRP CE2 CZ2  sing Y N 413 
TRP CE3 CZ3  doub Y N 414 
TRP CE3 HE3  sing N N 415 
TRP CZ2 CH2  doub Y N 416 
TRP CZ2 HZ2  sing N N 417 
TRP CZ3 CH2  sing Y N 418 
TRP CZ3 HZ3  sing N N 419 
TRP CH2 HH2  sing N N 420 
TRP OXT HXT  sing N N 421 
TYR N   CA   sing N N 422 
TYR N   H    sing N N 423 
TYR N   H2   sing N N 424 
TYR CA  C    sing N N 425 
TYR CA  CB   sing N N 426 
TYR CA  HA   sing N N 427 
TYR C   O    doub N N 428 
TYR C   OXT  sing N N 429 
TYR CB  CG   sing N N 430 
TYR CB  HB2  sing N N 431 
TYR CB  HB3  sing N N 432 
TYR CG  CD1  doub Y N 433 
TYR CG  CD2  sing Y N 434 
TYR CD1 CE1  sing Y N 435 
TYR CD1 HD1  sing N N 436 
TYR CD2 CE2  doub Y N 437 
TYR CD2 HD2  sing N N 438 
TYR CE1 CZ   doub Y N 439 
TYR CE1 HE1  sing N N 440 
TYR CE2 CZ   sing Y N 441 
TYR CE2 HE2  sing N N 442 
TYR CZ  OH   sing N N 443 
TYR OH  HH   sing N N 444 
TYR OXT HXT  sing N N 445 
VAL N   CA   sing N N 446 
VAL N   H    sing N N 447 
VAL N   H2   sing N N 448 
VAL CA  C    sing N N 449 
VAL CA  CB   sing N N 450 
VAL CA  HA   sing N N 451 
VAL C   O    doub N N 452 
VAL C   OXT  sing N N 453 
VAL CB  CG1  sing N N 454 
VAL CB  CG2  sing N N 455 
VAL CB  HB   sing N N 456 
VAL CG1 HG11 sing N N 457 
VAL CG1 HG12 sing N N 458 
VAL CG1 HG13 sing N N 459 
VAL CG2 HG21 sing N N 460 
VAL CG2 HG22 sing N N 461 
VAL CG2 HG23 sing N N 462 
VAL OXT HXT  sing N N 463 
# 
_pdbx_initial_refinement_model.accession_code   ? 
_pdbx_initial_refinement_model.id               1 
_pdbx_initial_refinement_model.entity_id_list   ? 
_pdbx_initial_refinement_model.type             'experimental model' 
_pdbx_initial_refinement_model.source_name      Other 
_pdbx_initial_refinement_model.details          'INITIAL MODEL FROM SULPHUR SAD STRUCTURE' 
# 
_atom_sites.entry_id                    2JE3 
_atom_sites.fract_transf_matrix[1][1]   -0.01549167 
_atom_sites.fract_transf_matrix[1][2]   0.01482862 
_atom_sites.fract_transf_matrix[1][3]   -0.00319740 
_atom_sites.fract_transf_matrix[2][1]   -0.01674109 
_atom_sites.fract_transf_matrix[2][2]   0.00131907 
_atom_sites.fract_transf_matrix[2][3]   0.01371514 
_atom_sites.fract_transf_matrix[3][1]   0.00401398 
_atom_sites.fract_transf_matrix[3][2]   0.00514326 
_atom_sites.fract_transf_matrix[3][3]   0.00440491 
_atom_sites.fract_transf_vector[1]      0.526494 
_atom_sites.fract_transf_vector[2]      0.405444 
_atom_sites.fract_transf_vector[3]      0.076747 
# 
loop_
_atom_type.symbol 
C  
FE 
N  
O  
P  
S  
# 
loop_
_atom_site.group_PDB 
_atom_site.id 
_atom_site.type_symbol 
_atom_site.label_atom_id 
_atom_site.label_alt_id 
_atom_site.label_comp_id 
_atom_site.label_asym_id 
_atom_site.label_entity_id 
_atom_site.label_seq_id 
_atom_site.pdbx_PDB_ins_code 
_atom_site.Cartn_x 
_atom_site.Cartn_y 
_atom_site.Cartn_z 
_atom_site.occupancy 
_atom_site.B_iso_or_equiv 
_atom_site.pdbx_formal_charge 
_atom_site.auth_seq_id 
_atom_site.auth_comp_id 
_atom_site.auth_asym_id 
_atom_site.auth_atom_id 
_atom_site.pdbx_PDB_model_num 
ATOM   1    N  N   . ALA A 1 2   ? 17.942  -0.697  -3.472  1.00 42.91 ? 1    ALA A N   1 
ATOM   2    C  CA  . ALA A 1 2   ? 17.643  -1.711  -2.407  1.00 42.65 ? 1    ALA A CA  1 
ATOM   3    C  C   . ALA A 1 2   ? 16.401  -2.555  -2.728  1.00 42.21 ? 1    ALA A C   1 
ATOM   4    O  O   . ALA A 1 2   ? 16.501  -3.771  -2.948  1.00 43.45 ? 1    ALA A O   1 
ATOM   5    C  CB  . ALA A 1 2   ? 17.503  -1.029  -1.033  1.00 43.25 ? 1    ALA A CB  1 
ATOM   6    N  N   . GLY A 1 3   ? 15.242  -1.910  -2.793  1.00 40.63 ? 2    GLY A N   1 
ATOM   7    C  CA  . GLY A 1 3   ? 14.005  -2.636  -3.002  1.00 37.66 ? 2    GLY A CA  1 
ATOM   8    C  C   . GLY A 1 3   ? 13.574  -2.796  -4.448  1.00 35.94 ? 2    GLY A C   1 
ATOM   9    O  O   . GLY A 1 3   ? 14.371  -2.631  -5.379  1.00 36.27 ? 2    GLY A O   1 
ATOM   10   N  N   . VAL A 1 4   ? 12.289  -3.101  -4.610  1.00 32.69 ? 3    VAL A N   1 
ATOM   11   C  CA  . VAL A 1 4   ? 11.632  -3.381  -5.871  1.00 29.92 ? 3    VAL A CA  1 
ATOM   12   C  C   . VAL A 1 4   ? 11.192  -2.112  -6.669  1.00 27.93 ? 3    VAL A C   1 
ATOM   13   O  O   . VAL A 1 4   ? 10.857  -2.193  -7.851  1.00 26.79 ? 3    VAL A O   1 
ATOM   14   C  CB  . VAL A 1 4   ? 10.424  -4.363  -5.594  1.00 30.46 ? 3    VAL A CB  1 
ATOM   15   C  CG1 . VAL A 1 4   ? 9.147   -3.622  -5.166  1.00 33.49 ? 3    VAL A CG1 1 
ATOM   16   C  CG2 . VAL A 1 4   ? 10.167  -5.298  -6.764  1.00 29.13 ? 3    VAL A CG2 1 
ATOM   17   N  N   . ALA A 1 5   ? 11.197  -0.947  -6.030  1.00 25.57 ? 4    ALA A N   1 
ATOM   18   C  CA  . ALA A 1 5   ? 10.786  0.302   -6.706  1.00 24.97 ? 4    ALA A CA  1 
ATOM   19   C  C   . ALA A 1 5   ? 11.703  0.607   -7.898  1.00 24.60 ? 4    ALA A C   1 
ATOM   20   O  O   . ALA A 1 5   ? 12.910  0.497   -7.790  1.00 24.58 ? 4    ALA A O   1 
ATOM   21   C  CB  . ALA A 1 5   ? 10.822  1.465   -5.758  1.00 24.47 ? 4    ALA A CB  1 
ATOM   22   N  N   . GLU A 1 6   ? 11.098  1.019   -9.001  1.00 24.75 ? 5    GLU A N   1 
ATOM   23   C  CA  . GLU A 1 6   ? 11.817  1.458   -10.197 1.00 25.54 ? 5    GLU A CA  1 
ATOM   24   C  C   . GLU A 1 6   ? 11.485  2.912   -10.458 1.00 24.69 ? 5    GLU A C   1 
ATOM   25   O  O   . GLU A 1 6   ? 10.313  3.322   -10.405 1.00 23.19 ? 5    GLU A O   1 
ATOM   26   C  CB  . GLU A 1 6   ? 11.417  0.603   -11.403 1.00 26.72 ? 5    GLU A CB  1 
ATOM   27   C  CG  . GLU A 1 6   ? 11.808  -0.855  -11.263 1.00 30.43 ? 5    GLU A CG  1 
ATOM   28   C  CD  . GLU A 1 6   ? 13.321  -1.087  -11.178 1.00 39.36 ? 5    GLU A CD  1 
ATOM   29   O  OE1 . GLU A 1 6   ? 14.102  -0.287  -11.765 1.00 43.06 ? 5    GLU A OE1 1 
ATOM   30   O  OE2 . GLU A 1 6   ? 13.735  -2.083  -10.533 1.00 43.08 ? 5    GLU A OE2 1 
ATOM   31   N  N   . PHE A 1 7   ? 12.525  3.696   -10.736 1.00 24.48 ? 6    PHE A N   1 
ATOM   32   C  CA  . PHE A 1 7   ? 12.388  5.117   -11.011 1.00 23.30 ? 6    PHE A CA  1 
ATOM   33   C  C   . PHE A 1 7   ? 12.921  5.459   -12.389 1.00 24.45 ? 6    PHE A C   1 
ATOM   34   O  O   . PHE A 1 7   ? 13.920  4.878   -12.816 1.00 23.72 ? 6    PHE A O   1 
ATOM   35   C  CB  . PHE A 1 7   ? 13.151  5.942   -9.962  1.00 22.89 ? 6    PHE A CB  1 
ATOM   36   C  CG  . PHE A 1 7   ? 12.621  5.757   -8.582  1.00 22.35 ? 6    PHE A CG  1 
ATOM   37   C  CD1 . PHE A 1 7   ? 13.156  4.777   -7.753  1.00 23.54 ? 6    PHE A CD1 1 
ATOM   38   C  CD2 . PHE A 1 7   ? 11.526  6.503   -8.134  1.00 21.93 ? 6    PHE A CD2 1 
ATOM   39   C  CE1 . PHE A 1 7   ? 12.614  4.569   -6.471  1.00 22.71 ? 6    PHE A CE1 1 
ATOM   40   C  CE2 . PHE A 1 7   ? 11.001  6.305   -6.860  1.00 21.55 ? 6    PHE A CE2 1 
ATOM   41   C  CZ  . PHE A 1 7   ? 11.545  5.331   -6.036  1.00 20.08 ? 6    PHE A CZ  1 
ATOM   42   N  N   . ASN A 1 8   ? 12.261  6.396   -13.053 1.00 24.17 ? 7    ASN A N   1 
ATOM   43   C  CA  . ASN A 1 8   ? 12.788  6.906   -14.331 1.00 25.44 ? 7    ASN A CA  1 
ATOM   44   C  C   . ASN A 1 8   ? 13.898  7.915   -14.090 1.00 25.96 ? 7    ASN A C   1 
ATOM   45   O  O   . ASN A 1 8   ? 14.245  8.235   -12.941 1.00 24.49 ? 7    ASN A O   1 
ATOM   46   C  CB  . ASN A 1 8   ? 11.701  7.434   -15.300 1.00 24.56 ? 7    ASN A CB  1 
ATOM   47   C  CG  . ASN A 1 8   ? 10.977  8.701   -14.823 1.00 23.90 ? 7    ASN A CG  1 
ATOM   48   O  OD1 . ASN A 1 8   ? 11.418  9.453   -13.938 1.00 24.97 ? 7    ASN A OD1 1 
ATOM   49   N  ND2 . ASN A 1 8   ? 9.847   8.950   -15.442 1.00 25.08 ? 7    ASN A ND2 1 
ATOM   50   N  N   . ASP A 1 9   ? 14.475  8.392   -15.186 1.00 26.56 ? 8    ASP A N   1 
ATOM   51   C  CA  . ASP A 1 9   ? 15.601  9.310   -15.107 1.00 27.57 ? 8    ASP A CA  1 
ATOM   52   C  C   . ASP A 1 9   ? 15.292  10.561  -14.310 1.00 28.08 ? 8    ASP A C   1 
ATOM   53   O  O   . ASP A 1 9   ? 16.186  11.107  -13.664 1.00 29.14 ? 8    ASP A O   1 
ATOM   54   C  CB  . ASP A 1 9   ? 16.037  9.725   -16.516 1.00 27.13 ? 8    ASP A CB  1 
ATOM   55   C  CG  . ASP A 1 9   ? 16.806  8.639   -17.241 1.00 29.52 ? 8    ASP A CG  1 
ATOM   56   O  OD1 . ASP A 1 9   ? 17.119  7.563   -16.662 1.00 29.54 ? 8    ASP A OD1 1 
ATOM   57   O  OD2 . ASP A 1 9   ? 17.125  8.887   -18.430 1.00 32.58 ? 8    ASP A OD2 1 
ATOM   58   N  N   . LYS A 1 10  ? 14.055  11.045  -14.374 1.00 28.58 ? 9    LYS A N   1 
ATOM   59   C  CA  . LYS A 1 10  ? 13.733  12.228  -13.584 1.00 29.86 ? 9    LYS A CA  1 
ATOM   60   C  C   . LYS A 1 10  ? 13.338  11.969  -12.119 1.00 27.88 ? 9    LYS A C   1 
ATOM   61   O  O   . LYS A 1 10  ? 13.008  12.895  -11.388 1.00 26.97 ? 9    LYS A O   1 
ATOM   62   C  CB  . LYS A 1 10  ? 12.838  13.211  -14.322 1.00 29.59 ? 9    LYS A CB  1 
ATOM   63   C  CG  . LYS A 1 10  ? 11.346  13.101  -14.211 1.00 33.44 ? 9    LYS A CG  1 
ATOM   64   C  CD  . LYS A 1 10  ? 10.696  14.342  -14.900 1.00 33.83 ? 9    LYS A CD  1 
ATOM   65   C  CE  . LYS A 1 10  ? 11.377  15.667  -14.496 1.00 37.91 ? 9    LYS A CE  1 
ATOM   66   N  NZ  . LYS A 1 10  ? 10.962  16.836  -15.344 1.00 38.17 ? 9    LYS A NZ  1 
ATOM   67   N  N   . GLY A 1 11  ? 13.441  10.715  -11.703 1.00 27.23 ? 10   GLY A N   1 
ATOM   68   C  CA  . GLY A 1 11  ? 13.179  10.340  -10.306 1.00 25.87 ? 10   GLY A CA  1 
ATOM   69   C  C   . GLY A 1 11  ? 11.732  10.025  -9.973  1.00 25.62 ? 10   GLY A C   1 
ATOM   70   O  O   . GLY A 1 11  ? 11.397  9.813   -8.795  1.00 25.09 ? 10   GLY A O   1 
ATOM   71   N  N   . GLU A 1 12  ? 10.890  9.933   -11.007 1.00 24.49 ? 11   GLU A N   1 
ATOM   72   C  CA  . GLU A 1 12  ? 9.485   9.599   -10.847 1.00 24.19 ? 11   GLU A CA  1 
ATOM   73   C  C   . GLU A 1 12  ? 9.332   8.100   -10.636 1.00 22.88 ? 11   GLU A C   1 
ATOM   74   O  O   . GLU A 1 12  ? 10.106  7.319   -11.184 1.00 21.82 ? 11   GLU A O   1 
ATOM   75   C  CB  . GLU A 1 12  ? 8.677   10.049  -12.072 1.00 24.07 ? 11   GLU A CB  1 
ATOM   76   C  CG  . GLU A 1 12  ? 8.521   11.576  -12.164 1.00 24.44 ? 11   GLU A CG  1 
ATOM   77   C  CD  . GLU A 1 12  ? 7.966   12.084  -13.490 1.00 26.35 ? 11   GLU A CD  1 
ATOM   78   O  OE1 . GLU A 1 12  ? 8.096   11.383  -14.519 1.00 29.70 ? 11   GLU A OE1 1 
ATOM   79   O  OE2 . GLU A 1 12  ? 7.393   13.203  -13.484 1.00 30.19 ? 11   GLU A OE2 1 
ATOM   80   N  N   . LEU A 1 13  ? 8.355   7.692   -9.819  1.00 22.31 ? 12   LEU A N   1 
ATOM   81   C  CA  . LEU A 1 13  ? 8.181   6.256   -9.570  1.00 21.61 ? 12   LEU A CA  1 
ATOM   82   C  C   . LEU A 1 13  ? 7.407   5.649   -10.741 1.00 21.39 ? 12   LEU A C   1 
ATOM   83   O  O   . LEU A 1 13  ? 6.328   6.111   -11.057 1.00 22.47 ? 12   LEU A O   1 
ATOM   84   C  CB  . LEU A 1 13  ? 7.406   6.008   -8.263  1.00 21.61 ? 12   LEU A CB  1 
ATOM   85   C  CG  . LEU A 1 13  ? 7.040   4.543   -7.936  1.00 19.98 ? 12   LEU A CG  1 
ATOM   86   C  CD1 . LEU A 1 13  ? 8.258   3.665   -7.614  1.00 18.52 ? 12   LEU A CD1 1 
ATOM   87   C  CD2 . LEU A 1 13  ? 6.018   4.554   -6.773  1.00 19.26 ? 12   LEU A CD2 1 
ATOM   88   N  N   . LEU A 1 14  ? 7.955   4.605   -11.345 1.00 22.30 ? 13   LEU A N   1 
ATOM   89   C  CA  . LEU A 1 14  ? 7.242   3.875   -12.401 1.00 23.30 ? 13   LEU A CA  1 
ATOM   90   C  C   . LEU A 1 14  ? 6.118   3.016   -11.775 1.00 23.44 ? 13   LEU A C   1 
ATOM   91   O  O   . LEU A 1 14  ? 6.264   2.497   -10.653 1.00 22.20 ? 13   LEU A O   1 
ATOM   92   C  CB  . LEU A 1 14  ? 8.225   3.022   -13.199 1.00 23.33 ? 13   LEU A CB  1 
ATOM   93   C  CG  . LEU A 1 14  ? 9.264   3.862   -13.989 1.00 24.89 ? 13   LEU A CG  1 
ATOM   94   C  CD1 . LEU A 1 14  ? 10.416  2.999   -14.454 1.00 27.28 ? 13   LEU A CD1 1 
ATOM   95   C  CD2 . LEU A 1 14  ? 8.622   4.620   -15.129 1.00 26.03 ? 13   LEU A CD2 1 
ATOM   96   N  N   . LEU A 1 15  ? 4.993   2.900   -12.477 1.00 24.10 ? 14   LEU A N   1 
ATOM   97   C  CA  . LEU A 1 15  ? 3.935   1.950   -12.073 1.00 24.31 ? 14   LEU A CA  1 
ATOM   98   C  C   . LEU A 1 15  ? 4.518   0.623   -11.661 1.00 23.87 ? 14   LEU A C   1 
ATOM   99   O  O   . LEU A 1 15  ? 5.233   -0.002  -12.457 1.00 24.16 ? 14   LEU A O   1 
ATOM   100  C  CB  . LEU A 1 15  ? 2.997   1.696   -13.261 1.00 25.31 ? 14   LEU A CB  1 
ATOM   101  C  CG  . LEU A 1 15  ? 1.684   2.429   -13.307 1.00 27.26 ? 14   LEU A CG  1 
ATOM   102  C  CD1 . LEU A 1 15  ? 0.960   2.032   -14.609 1.00 27.15 ? 14   LEU A CD1 1 
ATOM   103  C  CD2 . LEU A 1 15  ? 0.846   2.058   -12.096 1.00 26.14 ? 14   LEU A CD2 1 
ATOM   104  N  N   . PRO A 1 16  ? 4.300   0.194   -10.395 1.00 23.38 ? 15   PRO A N   1 
ATOM   105  C  CA  . PRO A 1 16  ? 4.767   -1.155  -10.053 1.00 23.01 ? 15   PRO A CA  1 
ATOM   106  C  C   . PRO A 1 16  ? 4.122   -2.213  -10.955 1.00 23.05 ? 15   PRO A C   1 
ATOM   107  O  O   . PRO A 1 16  ? 2.982   -2.054  -11.394 1.00 22.95 ? 15   PRO A O   1 
ATOM   108  C  CB  . PRO A 1 16  ? 4.315   -1.325  -8.599  1.00 23.23 ? 15   PRO A CB  1 
ATOM   109  C  CG  . PRO A 1 16  ? 4.306   0.092   -8.062  1.00 22.24 ? 15   PRO A CG  1 
ATOM   110  C  CD  . PRO A 1 16  ? 3.736   0.889   -9.218  1.00 23.55 ? 15   PRO A CD  1 
ATOM   111  N  N   . LYS A 1 17  ? 4.871   -3.266  -11.207 1.00 23.71 ? 16   LYS A N   1 
ATOM   112  C  CA  . LYS A 1 17  ? 4.429   -4.314  -12.109 1.00 25.22 ? 16   LYS A CA  1 
ATOM   113  C  C   . LYS A 1 17  ? 3.983   -5.514  -11.293 1.00 23.26 ? 16   LYS A C   1 
ATOM   114  O  O   . LYS A 1 17  ? 4.652   -5.919  -10.327 1.00 23.35 ? 16   LYS A O   1 
ATOM   115  C  CB  . LYS A 1 17  ? 5.573   -4.709  -13.050 1.00 25.83 ? 16   LYS A CB  1 
ATOM   116  C  CG  . LYS A 1 17  ? 5.959   -3.604  -14.036 1.00 30.76 ? 16   LYS A CG  1 
ATOM   117  C  CD  . LYS A 1 17  ? 6.797   -4.194  -15.158 1.00 36.28 ? 16   LYS A CD  1 
ATOM   118  C  CE  . LYS A 1 17  ? 7.848   -3.226  -15.666 1.00 39.07 ? 16   LYS A CE  1 
ATOM   119  N  NZ  . LYS A 1 17  ? 9.062   -3.994  -16.099 1.00 42.27 ? 16   LYS A NZ  1 
ATOM   120  N  N   . ASN A 1 18  ? 2.841   -6.061  -11.685 1.00 22.42 ? 17   ASN A N   1 
ATOM   121  C  CA  . ASN A 1 18  ? 2.290   -7.276  -11.072 1.00 21.88 ? 17   ASN A CA  1 
ATOM   122  C  C   . ASN A 1 18  ? 2.117   -7.212  -9.539  1.00 20.54 ? 17   ASN A C   1 
ATOM   123  O  O   . ASN A 1 18  ? 2.235   -8.220  -8.833  1.00 20.13 ? 17   ASN A O   1 
ATOM   124  C  CB  . ASN A 1 18  ? 3.093   -8.524  -11.496 1.00 22.86 ? 17   ASN A CB  1 
ATOM   125  C  CG  . ASN A 1 18  ? 3.108   -8.724  -13.014 1.00 25.71 ? 17   ASN A CG  1 
ATOM   126  O  OD1 . ASN A 1 18  ? 2.074   -8.712  -13.664 1.00 27.32 ? 17   ASN A OD1 1 
ATOM   127  N  ND2 . ASN A 1 18  ? 4.307   -8.889  -13.577 1.00 32.78 ? 17   ASN A ND2 1 
ATOM   128  N  N   . TYR A 1 19  ? 1.791   -6.029  -9.043  1.00 19.74 ? 18   TYR A N   1 
ATOM   129  C  CA  . TYR A 1 19  ? 1.647   -5.804  -7.581  1.00 18.75 ? 18   TYR A CA  1 
ATOM   130  C  C   . TYR A 1 19  ? 0.441   -6.597  -7.009  1.00 18.72 ? 18   TYR A C   1 
ATOM   131  O  O   . TYR A 1 19  ? 0.358   -6.835  -5.810  1.00 19.05 ? 18   TYR A O   1 
ATOM   132  C  CB  . TYR A 1 19  ? 1.537   -4.293  -7.284  1.00 19.07 ? 18   TYR A CB  1 
ATOM   133  C  CG  . TYR A 1 19  ? 0.379   -3.640  -8.012  1.00 19.72 ? 18   TYR A CG  1 
ATOM   134  C  CD1 . TYR A 1 19  ? -0.935  -3.749  -7.532  1.00 17.85 ? 18   TYR A CD1 1 
ATOM   135  C  CD2 . TYR A 1 19  ? 0.580   -2.972  -9.245  1.00 19.33 ? 18   TYR A CD2 1 
ATOM   136  C  CE1 . TYR A 1 19  ? -2.021  -3.175  -8.217  1.00 18.17 ? 18   TYR A CE1 1 
ATOM   137  C  CE2 . TYR A 1 19  ? -0.491  -2.405  -9.932  1.00 18.73 ? 18   TYR A CE2 1 
ATOM   138  C  CZ  . TYR A 1 19  ? -1.791  -2.521  -9.434  1.00 19.53 ? 18   TYR A CZ  1 
ATOM   139  O  OH  . TYR A 1 19  ? -2.866  -1.979  -10.105 1.00 19.97 ? 18   TYR A OH  1 
ATOM   140  N  N   . ARG A 1 20  ? -0.485  -7.030  -7.868  1.00 17.94 ? 19   ARG A N   1 
ATOM   141  C  CA  . ARG A 1 20  ? -1.613  -7.835  -7.370  1.00 18.27 ? 19   ARG A CA  1 
ATOM   142  C  C   . ARG A 1 20  ? -1.126  -9.248  -6.972  1.00 18.47 ? 19   ARG A C   1 
ATOM   143  O  O   . ARG A 1 20  ? -1.845  -9.974  -6.309  1.00 18.66 ? 19   ARG A O   1 
ATOM   144  C  CB  . ARG A 1 20  ? -2.767  -7.903  -8.372  1.00 18.06 ? 19   ARG A CB  1 
ATOM   145  C  CG  . ARG A 1 20  ? -3.481  -6.531  -8.577  1.00 17.55 ? 19   ARG A CG  1 
ATOM   146  C  CD  . ARG A 1 20  ? -4.602  -6.628  -9.658  1.00 17.67 ? 19   ARG A CD  1 
ATOM   147  N  NE  . ARG A 1 20  ? -5.060  -5.275  -10.024 1.00 18.38 ? 19   ARG A NE  1 
ATOM   148  C  CZ  . ARG A 1 20  ? -5.536  -4.931  -11.217 1.00 19.95 ? 19   ARG A CZ  1 
ATOM   149  N  NH1 . ARG A 1 20  ? -5.688  -5.848  -12.188 1.00 19.28 ? 19   ARG A NH1 1 
ATOM   150  N  NH2 . ARG A 1 20  ? -5.892  -3.666  -11.426 1.00 19.15 ? 19   ARG A NH2 1 
ATOM   151  N  N   . GLU A 1 21  ? 0.089   -9.613  -7.387  1.00 17.70 ? 20   GLU A N   1 
ATOM   152  C  CA  . GLU A 1 21  ? 0.761   -10.825 -6.905  1.00 18.74 ? 20   GLU A CA  1 
ATOM   153  C  C   . GLU A 1 21  ? 1.575   -10.609 -5.624  1.00 18.47 ? 20   GLU A C   1 
ATOM   154  O  O   . GLU A 1 21  ? 2.192   -11.546 -5.098  1.00 19.44 ? 20   GLU A O   1 
ATOM   155  C  CB  . GLU A 1 21  ? 1.660   -11.413 -8.015  1.00 19.11 ? 20   GLU A CB  1 
ATOM   156  C  CG  . GLU A 1 21  ? 0.862   -11.861 -9.246  1.00 20.21 ? 20   GLU A CG  1 
ATOM   157  C  CD  . GLU A 1 21  ? 1.755   -12.198 -10.425 1.00 21.79 ? 20   GLU A CD  1 
ATOM   158  O  OE1 . GLU A 1 21  ? 2.927   -12.578 -10.190 1.00 24.21 ? 20   GLU A OE1 1 
ATOM   159  O  OE2 . GLU A 1 21  ? 1.274   -12.091 -11.565 1.00 23.67 ? 20   GLU A OE2 1 
ATOM   160  N  N   . TRP A 1 22  ? 1.555   -9.391  -5.093  1.00 17.57 ? 21   TRP A N   1 
ATOM   161  C  CA  . TRP A 1 22  ? 2.229   -9.118  -3.818  1.00 17.56 ? 21   TRP A CA  1 
ATOM   162  C  C   . TRP A 1 22  ? 1.354   -9.616  -2.658  1.00 17.15 ? 21   TRP A C   1 
ATOM   163  O  O   . TRP A 1 22  ? 0.298   -10.223 -2.881  1.00 17.14 ? 21   TRP A O   1 
ATOM   164  C  CB  . TRP A 1 22  ? 2.503   -7.622  -3.688  1.00 17.13 ? 21   TRP A CB  1 
ATOM   165  C  CG  . TRP A 1 22  ? 3.516   -7.064  -4.706  1.00 18.49 ? 21   TRP A CG  1 
ATOM   166  C  CD1 . TRP A 1 22  ? 4.142   -7.734  -5.727  1.00 19.90 ? 21   TRP A CD1 1 
ATOM   167  C  CD2 . TRP A 1 22  ? 3.988   -5.720  -4.758  1.00 17.93 ? 21   TRP A CD2 1 
ATOM   168  N  NE1 . TRP A 1 22  ? 4.976   -6.879  -6.423  1.00 20.98 ? 21   TRP A NE1 1 
ATOM   169  C  CE2 . TRP A 1 22  ? 4.913   -5.637  -5.837  1.00 21.13 ? 21   TRP A CE2 1 
ATOM   170  C  CE3 . TRP A 1 22  ? 3.742   -4.583  -3.986  1.00 16.87 ? 21   TRP A CE3 1 
ATOM   171  C  CZ2 . TRP A 1 22  ? 5.574   -4.444  -6.166  1.00 20.10 ? 21   TRP A CZ2 1 
ATOM   172  C  CZ3 . TRP A 1 22  ? 4.389   -3.377  -4.327  1.00 20.06 ? 21   TRP A CZ3 1 
ATOM   173  C  CH2 . TRP A 1 22  ? 5.311   -3.333  -5.399  1.00 20.10 ? 21   TRP A CH2 1 
ATOM   174  N  N   . VAL A 1 23  ? 1.795   -9.346  -1.429  1.00 16.52 ? 22   VAL A N   1 
ATOM   175  C  CA  . VAL A 1 23  ? 1.074   -9.805  -0.256  1.00 16.81 ? 22   VAL A CA  1 
ATOM   176  C  C   . VAL A 1 23  ? 0.007   -8.784  0.125   1.00 16.89 ? 22   VAL A C   1 
ATOM   177  O  O   . VAL A 1 23  ? 0.326   -7.636  0.469   1.00 16.88 ? 22   VAL A O   1 
ATOM   178  C  CB  . VAL A 1 23  ? 2.029   -10.079 0.926   1.00 17.01 ? 22   VAL A CB  1 
ATOM   179  C  CG1 . VAL A 1 23  ? 1.215   -10.698 2.114   1.00 16.97 ? 22   VAL A CG1 1 
ATOM   180  C  CG2 . VAL A 1 23  ? 3.188   -10.992 0.432   1.00 18.08 ? 22   VAL A CG2 1 
ATOM   181  N  N   . MET A 1 24  ? -1.251  -9.204  0.054   1.00 16.16 ? 23   MET A N   1 
ATOM   182  C  CA  A MET A 1 24  ? -2.386  -8.336  0.444   0.60 16.73 ? 23   MET A CA  1 
ATOM   183  C  CA  B MET A 1 24  ? -2.357  -8.335  0.433   0.40 17.00 ? 23   MET A CA  1 
ATOM   184  C  C   . MET A 1 24  ? -2.414  -8.305  1.970   1.00 18.33 ? 23   MET A C   1 
ATOM   185  O  O   . MET A 1 24  ? -2.522  -9.344  2.600   1.00 20.35 ? 23   MET A O   1 
ATOM   186  C  CB  A MET A 1 24  ? -3.711  -8.867  -0.105  0.60 17.39 ? 23   MET A CB  1 
ATOM   187  C  CB  B MET A 1 24  ? -3.645  -8.864  -0.183  0.40 17.27 ? 23   MET A CB  1 
ATOM   188  C  CG  A MET A 1 24  ? -4.971  -8.094  0.343   0.60 15.89 ? 23   MET A CG  1 
ATOM   189  C  CG  B MET A 1 24  ? -4.613  -7.785  -0.598  0.40 16.45 ? 23   MET A CG  1 
ATOM   190  S  SD  A MET A 1 24  ? -5.507  -8.386  2.066   0.60 23.63 ? 23   MET A SD  1 
ATOM   191  S  SD  B MET A 1 24  ? -5.421  -7.101  0.844   0.40 18.23 ? 23   MET A SD  1 
ATOM   192  C  CE  A MET A 1 24  ? -6.282  -9.957  1.873   0.60 17.95 ? 23   MET A CE  1 
ATOM   193  C  CE  B MET A 1 24  ? -6.614  -8.399  1.185   0.40 15.08 ? 23   MET A CE  1 
ATOM   194  N  N   . VAL A 1 25  ? -2.299  -7.125  2.568   1.00 16.59 ? 24   VAL A N   1 
ATOM   195  C  CA  . VAL A 1 25  ? -2.179  -7.070  4.032   1.00 17.75 ? 24   VAL A CA  1 
ATOM   196  C  C   . VAL A 1 25  ? -3.439  -6.600  4.751   1.00 18.47 ? 24   VAL A C   1 
ATOM   197  O  O   . VAL A 1 25  ? -3.576  -6.737  5.979   1.00 18.11 ? 24   VAL A O   1 
ATOM   198  C  CB  . VAL A 1 25  ? -0.921  -6.272  4.498   1.00 18.05 ? 24   VAL A CB  1 
ATOM   199  C  CG1 . VAL A 1 25  ? 0.371   -6.949  3.978   1.00 16.49 ? 24   VAL A CG1 1 
ATOM   200  C  CG2 . VAL A 1 25  ? -1.008  -4.788  4.060   1.00 17.91 ? 24   VAL A CG2 1 
ATOM   201  N  N   . GLY A 1 26  ? -4.344  -6.004  3.992   1.00 19.01 ? 25   GLY A N   1 
ATOM   202  C  CA  . GLY A 1 26  ? -5.611  -5.573  4.560   1.00 19.41 ? 25   GLY A CA  1 
ATOM   203  C  C   . GLY A 1 26  ? -6.513  -5.086  3.449   1.00 20.28 ? 25   GLY A C   1 
ATOM   204  O  O   . GLY A 1 26  ? -6.036  -4.730  2.349   1.00 19.34 ? 25   GLY A O   1 
ATOM   205  N  N   . THR A 1 27  ? -7.816  -5.177  3.704   1.00 20.71 ? 26   THR A N   1 
ATOM   206  C  CA  A THR A 1 27  ? -8.804  -4.585  2.799   0.50 21.54 ? 26   THR A CA  1 
ATOM   207  C  CA  B THR A 1 27  ? -8.834  -4.617  2.810   0.50 21.73 ? 26   THR A CA  1 
ATOM   208  C  C   . THR A 1 27  ? -9.798  -3.776  3.625   1.00 21.94 ? 26   THR A C   1 
ATOM   209  O  O   . THR A 1 27  ? -10.209 -4.190  4.726   1.00 21.62 ? 26   THR A O   1 
ATOM   210  C  CB  A THR A 1 27  ? -9.399  -5.601  1.720   0.50 22.33 ? 26   THR A CB  1 
ATOM   211  C  CB  B THR A 1 27  ? -9.608  -5.703  2.064   0.50 22.14 ? 26   THR A CB  1 
ATOM   212  O  OG1 A THR A 1 27  ? -10.490 -5.012  0.985   0.50 21.98 ? 26   THR A OG1 1 
ATOM   213  O  OG1 B THR A 1 27  ? -10.451 -6.401  2.979   0.50 25.41 ? 26   THR A OG1 1 
ATOM   214  C  CG2 A THR A 1 27  ? -9.829  -6.921  2.312   0.50 21.95 ? 26   THR A CG2 1 
ATOM   215  C  CG2 B THR A 1 27  ? -8.660  -6.674  1.375   0.50 21.04 ? 26   THR A CG2 1 
ATOM   216  N  N   . GLN A 1 28  ? -10.120 -2.588  3.111   1.00 21.79 ? 27   GLN A N   1 
ATOM   217  C  CA  . GLN A 1 28  ? -10.983 -1.659  3.806   1.00 23.11 ? 27   GLN A CA  1 
ATOM   218  C  C   . GLN A 1 28  ? -12.150 -1.292  2.911   1.00 24.02 ? 27   GLN A C   1 
ATOM   219  O  O   . GLN A 1 28  ? -12.071 -1.412  1.689   1.00 22.72 ? 27   GLN A O   1 
ATOM   220  C  CB  . GLN A 1 28  ? -10.217 -0.407  4.212   1.00 22.67 ? 27   GLN A CB  1 
ATOM   221  C  CG  . GLN A 1 28  ? -9.105  -0.642  5.267   1.00 25.61 ? 27   GLN A CG  1 
ATOM   222  C  CD  . GLN A 1 28  ? -7.858  -1.171  4.636   1.00 26.26 ? 27   GLN A CD  1 
ATOM   223  O  OE1 . GLN A 1 28  ? -7.309  -0.561  3.693   1.00 29.89 ? 27   GLN A OE1 1 
ATOM   224  N  NE2 . GLN A 1 28  ? -7.384  -2.289  5.135   1.00 22.20 ? 27   GLN A NE2 1 
ATOM   225  N  N   . VAL A 1 29  ? -13.242 -0.873  3.543   1.00 25.22 ? 28   VAL A N   1 
ATOM   226  C  CA  . VAL A 1 29  ? -14.466 -0.507  2.845   1.00 27.71 ? 28   VAL A CA  1 
ATOM   227  C  C   . VAL A 1 29  ? -14.880 0.879   3.334   1.00 30.04 ? 28   VAL A C   1 
ATOM   228  O  O   . VAL A 1 29  ? -14.817 1.152   4.534   1.00 28.39 ? 28   VAL A O   1 
ATOM   229  C  CB  . VAL A 1 29  ? -15.603 -1.509  3.159   1.00 27.47 ? 28   VAL A CB  1 
ATOM   230  C  CG1 . VAL A 1 29  ? -16.821 -1.240  2.272   1.00 29.37 ? 28   VAL A CG1 1 
ATOM   231  C  CG2 . VAL A 1 29  ? -15.106 -2.965  3.019   1.00 27.38 ? 28   VAL A CG2 1 
ATOM   232  N  N   . THR A 1 30  ? -15.249 1.762   2.409   1.00 32.70 ? 29   THR A N   1 
ATOM   233  C  CA  A THR A 1 30  ? -15.817 3.034   2.815   0.50 34.91 ? 29   THR A CA  1 
ATOM   234  C  CA  B THR A 1 30  ? -15.805 3.078   2.752   0.50 34.83 ? 29   THR A CA  1 
ATOM   235  C  C   . THR A 1 30  ? -17.337 3.065   2.607   1.00 36.10 ? 29   THR A C   1 
ATOM   236  O  O   . THR A 1 30  ? -17.850 2.749   1.524   1.00 37.36 ? 29   THR A O   1 
ATOM   237  C  CB  A THR A 1 30  ? -15.082 4.245   2.204   0.50 34.92 ? 29   THR A CB  1 
ATOM   238  C  CB  B THR A 1 30  ? -15.227 4.195   1.855   0.50 34.87 ? 29   THR A CB  1 
ATOM   239  O  OG1 A THR A 1 30  ? -14.536 3.898   0.925   0.50 35.93 ? 29   THR A OG1 1 
ATOM   240  O  OG1 B THR A 1 30  ? -13.811 4.304   2.065   0.50 34.80 ? 29   THR A OG1 1 
ATOM   241  C  CG2 A THR A 1 30  ? -13.937 4.663   3.117   0.50 35.02 ? 29   THR A CG2 1 
ATOM   242  C  CG2 B THR A 1 30  ? -15.895 5.547   2.151   0.50 35.37 ? 29   THR A CG2 1 
ATOM   243  N  N   . PRO A 1 31  ? -18.078 3.400   3.687   1.00 37.64 ? 30   PRO A N   1 
ATOM   244  C  CA  . PRO A 1 31  ? -19.545 3.373   3.596   1.00 38.82 ? 30   PRO A CA  1 
ATOM   245  C  C   . PRO A 1 31  ? -20.113 4.600   2.874   1.00 39.73 ? 30   PRO A C   1 
ATOM   246  O  O   . PRO A 1 31  ? -21.193 4.508   2.267   1.00 40.78 ? 30   PRO A O   1 
ATOM   247  C  CB  . PRO A 1 31  ? -19.977 3.369   5.057   1.00 39.25 ? 30   PRO A CB  1 
ATOM   248  C  CG  . PRO A 1 31  ? -18.888 4.157   5.759   1.00 39.29 ? 30   PRO A CG  1 
ATOM   249  C  CD  . PRO A 1 31  ? -17.612 3.809   5.030   1.00 37.96 ? 30   PRO A CD  1 
ATOM   250  N  N   . THR A 1 42  ? -19.388 2.252   -0.780  1.00 34.07 ? 41   THR A N   1 
ATOM   251  C  CA  . THR A 1 42  ? -18.943 3.095   -1.900  1.00 34.17 ? 41   THR A CA  1 
ATOM   252  C  C   . THR A 1 42  ? -17.594 2.693   -2.528  1.00 32.80 ? 41   THR A C   1 
ATOM   253  O  O   . THR A 1 42  ? -17.446 2.722   -3.755  1.00 32.62 ? 41   THR A O   1 
ATOM   254  C  CB  . THR A 1 42  ? -18.979 4.619   -1.535  1.00 34.82 ? 41   THR A CB  1 
ATOM   255  O  OG1 . THR A 1 42  ? -20.277 5.123   -1.845  1.00 38.04 ? 41   THR A OG1 1 
ATOM   256  C  CG2 . THR A 1 42  ? -17.965 5.440   -2.325  1.00 36.78 ? 41   THR A CG2 1 
ATOM   257  N  N   . GLU A 1 43  ? -16.616 2.321   -1.703  1.00 31.05 ? 42   GLU A N   1 
ATOM   258  C  CA  . GLU A 1 43  ? -15.302 1.968   -2.235  1.00 29.53 ? 42   GLU A CA  1 
ATOM   259  C  C   . GLU A 1 43  ? -14.700 0.841   -1.432  1.00 27.89 ? 42   GLU A C   1 
ATOM   260  O  O   . GLU A 1 43  ? -14.872 0.788   -0.214  1.00 27.47 ? 42   GLU A O   1 
ATOM   261  C  CB  . GLU A 1 43  ? -14.396 3.187   -2.163  1.00 30.24 ? 42   GLU A CB  1 
ATOM   262  C  CG  . GLU A 1 43  ? -13.042 3.062   -2.798  1.00 34.03 ? 42   GLU A CG  1 
ATOM   263  C  CD  . GLU A 1 43  ? -12.283 4.375   -2.732  1.00 37.36 ? 42   GLU A CD  1 
ATOM   264  O  OE1 . GLU A 1 43  ? -12.558 5.253   -3.573  1.00 39.21 ? 42   GLU A OE1 1 
ATOM   265  O  OE2 . GLU A 1 43  ? -11.436 4.537   -1.833  1.00 38.12 ? 42   GLU A OE2 1 
ATOM   266  N  N   . ILE A 1 44  ? -13.988 -0.050  -2.112  1.00 25.75 ? 43   ILE A N   1 
ATOM   267  C  CA  . ILE A 1 44  ? -13.120 -1.013  -1.426  1.00 24.28 ? 43   ILE A CA  1 
ATOM   268  C  C   . ILE A 1 44  ? -11.661 -0.656  -1.724  1.00 23.80 ? 43   ILE A C   1 
ATOM   269  O  O   . ILE A 1 44  ? -11.314 -0.282  -2.846  1.00 22.96 ? 43   ILE A O   1 
ATOM   270  C  CB  . ILE A 1 44  ? -13.436 -2.464  -1.849  1.00 23.47 ? 43   ILE A CB  1 
ATOM   271  C  CG1 . ILE A 1 44  ? -14.826 -2.880  -1.336  1.00 25.30 ? 43   ILE A CG1 1 
ATOM   272  C  CG2 . ILE A 1 44  ? -12.341 -3.444  -1.329  1.00 22.91 ? 43   ILE A CG2 1 
ATOM   273  C  CD1 . ILE A 1 44  ? -15.398 -4.129  -2.036  1.00 24.69 ? 43   ILE A CD1 1 
ATOM   274  N  N   . ARG A 1 45  ? -10.811 -0.787  -0.716  1.00 23.54 ? 44   ARG A N   1 
ATOM   275  C  CA  . ARG A 1 45  ? -9.397  -0.541  -0.887  1.00 24.04 ? 44   ARG A CA  1 
ATOM   276  C  C   . ARG A 1 45  ? -8.621  -1.767  -0.481  1.00 23.15 ? 44   ARG A C   1 
ATOM   277  O  O   . ARG A 1 45  ? -8.861  -2.366  0.554   1.00 22.68 ? 44   ARG A O   1 
ATOM   278  C  CB  . ARG A 1 45  ? -8.934  0.644   -0.046  1.00 25.10 ? 44   ARG A CB  1 
ATOM   279  C  CG  . ARG A 1 45  ? -9.389  1.958   -0.662  1.00 28.63 ? 44   ARG A CG  1 
ATOM   280  C  CD  . ARG A 1 45  ? -8.949  3.113   0.179   1.00 34.50 ? 44   ARG A CD  1 
ATOM   281  N  NE  . ARG A 1 45  ? -9.548  3.016   1.495   1.00 35.99 ? 44   ARG A NE  1 
ATOM   282  C  CZ  . ARG A 1 45  ? -10.844 3.146   1.728   1.00 40.58 ? 44   ARG A CZ  1 
ATOM   283  N  NH1 . ARG A 1 45  ? -11.304 3.025   2.970   1.00 41.04 ? 44   ARG A NH1 1 
ATOM   284  N  NH2 . ARG A 1 45  ? -11.679 3.399   0.720   1.00 41.51 ? 44   ARG A NH2 1 
ATOM   285  N  N   . THR A 1 46  ? -7.670  -2.126  -1.308  1.00 20.77 ? 45   THR A N   1 
ATOM   286  C  CA  A THR A 1 46  ? -6.885  -3.324  -1.151  0.60 20.73 ? 45   THR A CA  1 
ATOM   287  C  CA  B THR A 1 46  ? -6.836  -3.257  -0.917  0.40 19.35 ? 45   THR A CA  1 
ATOM   288  C  C   . THR A 1 46  ? -5.391  -2.851  -0.934  1.00 19.66 ? 45   THR A C   1 
ATOM   289  O  O   . THR A 1 46  ? -4.920  -2.033  -1.729  1.00 19.46 ? 45   THR A O   1 
ATOM   290  C  CB  A THR A 1 46  ? -7.271  -4.105  -2.459  0.60 21.10 ? 45   THR A CB  1 
ATOM   291  C  CB  B THR A 1 46  ? -7.076  -4.572  -1.682  0.40 19.28 ? 45   THR A CB  1 
ATOM   292  O  OG1 A THR A 1 46  ? -7.592  -5.478  -2.229  0.60 25.17 ? 45   THR A OG1 1 
ATOM   293  O  OG1 B THR A 1 46  ? -6.255  -4.613  -2.840  0.40 19.11 ? 45   THR A OG1 1 
ATOM   294  C  CG2 A THR A 1 46  ? -6.392  -3.861  -3.609  0.60 21.44 ? 45   THR A CG2 1 
ATOM   295  C  CG2 B THR A 1 46  ? -8.550  -4.775  -2.072  0.40 15.79 ? 45   THR A CG2 1 
ATOM   296  N  N   . VAL A 1 47  ? -4.674  -3.349  0.081   1.00 18.27 ? 46   VAL A N   1 
ATOM   297  C  CA  . VAL A 1 47  ? -3.329  -2.863  0.372   1.00 16.49 ? 46   VAL A CA  1 
ATOM   298  C  C   . VAL A 1 47  ? -2.347  -4.009  0.205   1.00 17.34 ? 46   VAL A C   1 
ATOM   299  O  O   . VAL A 1 47  ? -2.582  -5.090  0.752   1.00 16.84 ? 46   VAL A O   1 
ATOM   300  C  CB  . VAL A 1 47  ? -3.226  -2.309  1.825   1.00 17.02 ? 46   VAL A CB  1 
ATOM   301  C  CG1 . VAL A 1 47  ? -1.801  -1.782  2.134   1.00 17.55 ? 46   VAL A CG1 1 
ATOM   302  C  CG2 . VAL A 1 47  ? -4.262  -1.191  2.066   1.00 16.19 ? 46   VAL A CG2 1 
ATOM   303  N  N   . TYR A 1 48  ? -1.277  -3.765  -0.544  1.00 16.75 ? 47   TYR A N   1 
ATOM   304  C  CA  . TYR A 1 48  ? -0.229  -4.780  -0.839  1.00 16.62 ? 47   TYR A CA  1 
ATOM   305  C  C   . TYR A 1 48  ? 1.127   -4.290  -0.338  1.00 16.67 ? 47   TYR A C   1 
ATOM   306  O  O   . TYR A 1 48  ? 1.398   -3.090  -0.372  1.00 17.95 ? 47   TYR A O   1 
ATOM   307  C  CB  . TYR A 1 48  ? -0.126  -4.990  -2.353  1.00 15.72 ? 47   TYR A CB  1 
ATOM   308  C  CG  . TYR A 1 48  ? -1.378  -5.506  -3.019  1.00 17.80 ? 47   TYR A CG  1 
ATOM   309  C  CD1 . TYR A 1 48  ? -2.265  -4.622  -3.672  1.00 16.89 ? 47   TYR A CD1 1 
ATOM   310  C  CD2 . TYR A 1 48  ? -1.676  -6.876  -3.029  1.00 16.19 ? 47   TYR A CD2 1 
ATOM   311  C  CE1 . TYR A 1 48  ? -3.404  -5.093  -4.322  1.00 17.95 ? 47   TYR A CE1 1 
ATOM   312  C  CE2 . TYR A 1 48  ? -2.827  -7.347  -3.668  1.00 15.62 ? 47   TYR A CE2 1 
ATOM   313  C  CZ  . TYR A 1 48  ? -3.684  -6.451  -4.315  1.00 17.16 ? 47   TYR A CZ  1 
ATOM   314  O  OH  . TYR A 1 48  ? -4.827  -6.900  -4.964  1.00 19.21 ? 47   TYR A OH  1 
ATOM   315  N  N   . VAL A 1 49  ? 1.951   -5.233  0.131   1.00 16.93 ? 48   VAL A N   1 
ATOM   316  C  CA  . VAL A 1 49  ? 3.340   -5.011  0.487   1.00 17.17 ? 48   VAL A CA  1 
ATOM   317  C  C   . VAL A 1 49  ? 4.175   -5.963  -0.367  1.00 16.94 ? 48   VAL A C   1 
ATOM   318  O  O   . VAL A 1 49  ? 3.823   -7.148  -0.501  1.00 16.29 ? 48   VAL A O   1 
ATOM   319  C  CB  . VAL A 1 49  ? 3.601   -5.287  1.985   1.00 17.91 ? 48   VAL A CB  1 
ATOM   320  C  CG1 . VAL A 1 49  ? 5.089   -5.154  2.280   1.00 17.47 ? 48   VAL A CG1 1 
ATOM   321  C  CG2 . VAL A 1 49  ? 2.798   -4.262  2.840   1.00 16.76 ? 48   VAL A CG2 1 
ATOM   322  N  N   . ASP A 1 50  ? 5.235   -5.452  -0.994  1.00 17.08 ? 49   ASP A N   1 
ATOM   323  C  CA  . ASP A 1 50  ? 6.015   -6.289  -1.914  1.00 18.23 ? 49   ASP A CA  1 
ATOM   324  C  C   . ASP A 1 50  ? 6.575   -7.500  -1.119  1.00 18.65 ? 49   ASP A C   1 
ATOM   325  O  O   . ASP A 1 50  ? 6.842   -7.377  0.073   1.00 19.13 ? 49   ASP A O   1 
ATOM   326  C  CB  . ASP A 1 50  ? 7.123   -5.484  -2.607  1.00 19.66 ? 49   ASP A CB  1 
ATOM   327  C  CG  . ASP A 1 50  ? 8.310   -5.225  -1.683  1.00 20.53 ? 49   ASP A CG  1 
ATOM   328  O  OD1 . ASP A 1 50  ? 9.189   -6.114  -1.615  1.00 21.58 ? 49   ASP A OD1 1 
ATOM   329  O  OD2 . ASP A 1 50  ? 8.322   -4.145  -1.042  1.00 19.45 ? 49   ASP A OD2 1 
ATOM   330  N  N   . PRO A 1 51  ? 6.649   -8.684  -1.753  1.00 19.45 ? 50   PRO A N   1 
ATOM   331  C  CA  . PRO A 1 51  ? 6.959   -9.943  -1.060  1.00 20.64 ? 50   PRO A CA  1 
ATOM   332  C  C   . PRO A 1 51  ? 8.259   -9.929  -0.260  1.00 20.92 ? 50   PRO A C   1 
ATOM   333  O  O   . PRO A 1 51  ? 8.274   -10.411 0.847   1.00 20.70 ? 50   PRO A O   1 
ATOM   334  C  CB  . PRO A 1 51  ? 7.053   -10.980 -2.193  1.00 20.97 ? 50   PRO A CB  1 
ATOM   335  C  CG  . PRO A 1 51  ? 6.625   -10.308 -3.421  1.00 21.55 ? 50   PRO A CG  1 
ATOM   336  C  CD  . PRO A 1 51  ? 6.259   -8.895  -3.161  1.00 20.36 ? 50   PRO A CD  1 
ATOM   337  N  N   . GLU A 1 52  ? 9.338   -9.378  -0.814  1.00 20.74 ? 51   GLU A N   1 
ATOM   338  C  CA  . GLU A 1 52  ? 10.597  -9.317  -0.031  1.00 22.15 ? 51   GLU A CA  1 
ATOM   339  C  C   . GLU A 1 52  ? 10.489  -8.450  1.243   1.00 20.66 ? 51   GLU A C   1 
ATOM   340  O  O   . GLU A 1 52  ? 10.923  -8.861  2.331   1.00 20.17 ? 51   GLU A O   1 
ATOM   341  C  CB  . GLU A 1 52  ? 11.789  -8.919  -0.905  1.00 22.63 ? 51   GLU A CB  1 
ATOM   342  C  CG  . GLU A 1 52  ? 13.153  -9.035  -0.159  1.00 29.38 ? 51   GLU A CG  1 
ATOM   343  C  CD  . GLU A 1 52  ? 13.728  -10.471 -0.087  1.00 39.43 ? 51   GLU A CD  1 
ATOM   344  O  OE1 . GLU A 1 52  ? 14.839  -10.687 -0.650  1.00 43.62 ? 51   GLU A OE1 1 
ATOM   345  O  OE2 . GLU A 1 52  ? 13.092  -11.369 0.532   1.00 41.37 ? 51   GLU A OE2 1 
ATOM   346  N  N   . SER A 1 53  ? 9.818   -7.303  1.142   1.00 19.64 ? 52   SER A N   1 
ATOM   347  C  CA  . SER A 1 53  ? 9.593   -6.471  2.330   1.00 19.96 ? 52   SER A CA  1 
ATOM   348  C  C   . SER A 1 53  ? 8.678   -7.176  3.326   1.00 19.07 ? 52   SER A C   1 
ATOM   349  O  O   . SER A 1 53  ? 8.890   -7.086  4.548   1.00 20.17 ? 52   SER A O   1 
ATOM   350  C  CB  . SER A 1 53  ? 9.053   -5.083  1.936   1.00 19.21 ? 52   SER A CB  1 
ATOM   351  O  OG  . SER A 1 53  ? 9.955   -4.482  0.998   1.00 21.41 ? 52   SER A OG  1 
ATOM   352  N  N   . TYR A 1 54  ? 7.699   -7.914  2.815   1.00 19.24 ? 53   TYR A N   1 
ATOM   353  C  CA  . TYR A 1 54  ? 6.831   -8.694  3.703   1.00 20.25 ? 53   TYR A CA  1 
ATOM   354  C  C   . TYR A 1 54  ? 7.642   -9.788  4.427   1.00 21.52 ? 53   TYR A C   1 
ATOM   355  O  O   . TYR A 1 54  ? 7.452   -10.009 5.621   1.00 21.51 ? 53   TYR A O   1 
ATOM   356  C  CB  . TYR A 1 54  ? 5.635   -9.293  2.932   1.00 20.51 ? 53   TYR A CB  1 
ATOM   357  C  CG  . TYR A 1 54  ? 4.753   -10.136 3.804   1.00 19.67 ? 53   TYR A CG  1 
ATOM   358  C  CD1 . TYR A 1 54  ? 3.856   -9.549  4.702   1.00 20.52 ? 53   TYR A CD1 1 
ATOM   359  C  CD2 . TYR A 1 54  ? 4.845   -11.530 3.770   1.00 20.01 ? 53   TYR A CD2 1 
ATOM   360  C  CE1 . TYR A 1 54  ? 3.056   -10.336 5.543   1.00 18.11 ? 53   TYR A CE1 1 
ATOM   361  C  CE2 . TYR A 1 54  ? 4.055   -12.311 4.581   1.00 19.97 ? 53   TYR A CE2 1 
ATOM   362  C  CZ  . TYR A 1 54  ? 3.147   -11.704 5.458   1.00 20.53 ? 53   TYR A CZ  1 
ATOM   363  O  OH  . TYR A 1 54  ? 2.370   -12.494 6.250   1.00 20.45 ? 53   TYR A OH  1 
ATOM   364  N  N   . ALA A 1 55  ? 8.534   -10.464 3.693   1.00 22.37 ? 54   ALA A N   1 
ATOM   365  C  CA  . ALA A 1 55  ? 9.401   -11.493 4.302   1.00 23.49 ? 54   ALA A CA  1 
ATOM   366  C  C   . ALA A 1 55  ? 10.220  -10.891 5.432   1.00 23.85 ? 54   ALA A C   1 
ATOM   367  O  O   . ALA A 1 55  ? 10.314  -11.458 6.526   1.00 24.37 ? 54   ALA A O   1 
ATOM   368  C  CB  . ALA A 1 55  ? 10.310  -12.112 3.253   1.00 24.17 ? 54   ALA A CB  1 
ATOM   369  N  N   . HIS A 1 56  ? 10.795  -9.721  5.180   1.00 24.11 ? 55   HIS A N   1 
ATOM   370  C  CA  . HIS A 1 56  ? 11.573  -9.033  6.199   1.00 24.35 ? 55   HIS A CA  1 
ATOM   371  C  C   . HIS A 1 56  ? 10.709  -8.667  7.407   1.00 24.43 ? 55   HIS A C   1 
ATOM   372  O  O   . HIS A 1 56  ? 11.131  -8.832  8.548   1.00 24.09 ? 55   HIS A O   1 
ATOM   373  C  CB  . HIS A 1 56  ? 12.247  -7.797  5.621   1.00 25.12 ? 55   HIS A CB  1 
ATOM   374  C  CG  . HIS A 1 56  ? 13.192  -7.134  6.578   1.00 27.56 ? 55   HIS A CG  1 
ATOM   375  N  ND1 . HIS A 1 56  ? 14.458  -7.627  6.835   1.00 29.67 ? 55   HIS A ND1 1 
ATOM   376  C  CD2 . HIS A 1 56  ? 13.036  -6.054  7.380   1.00 28.95 ? 55   HIS A CD2 1 
ATOM   377  C  CE1 . HIS A 1 56  ? 15.051  -6.854  7.731   1.00 30.59 ? 55   HIS A CE1 1 
ATOM   378  N  NE2 . HIS A 1 56  ? 14.212  -5.889  8.073   1.00 29.51 ? 55   HIS A NE2 1 
ATOM   379  N  N   . TRP A 1 57  ? 9.497   -8.167  7.143   1.00 23.99 ? 56   TRP A N   1 
ATOM   380  C  CA  . TRP A 1 57  ? 8.524   -7.879  8.206   1.00 24.50 ? 56   TRP A CA  1 
ATOM   381  C  C   . TRP A 1 57  ? 8.244   -9.105  9.100   1.00 26.01 ? 56   TRP A C   1 
ATOM   382  O  O   . TRP A 1 57  ? 8.193   -8.976  10.331  1.00 26.96 ? 56   TRP A O   1 
ATOM   383  C  CB  . TRP A 1 57  ? 7.200   -7.335  7.622   1.00 23.55 ? 56   TRP A CB  1 
ATOM   384  C  CG  . TRP A 1 57  ? 6.121   -7.178  8.689   1.00 21.55 ? 56   TRP A CG  1 
ATOM   385  C  CD1 . TRP A 1 57  ? 5.258   -8.134  9.122   1.00 21.04 ? 56   TRP A CD1 1 
ATOM   386  C  CD2 . TRP A 1 57  ? 5.839   -6.004  9.460   1.00 21.87 ? 56   TRP A CD2 1 
ATOM   387  N  NE1 . TRP A 1 57  ? 4.442   -7.631  10.101  1.00 21.68 ? 56   TRP A NE1 1 
ATOM   388  C  CE2 . TRP A 1 57  ? 4.786   -6.331  10.345  1.00 21.52 ? 56   TRP A CE2 1 
ATOM   389  C  CE3 . TRP A 1 57  ? 6.379   -4.708  9.500   1.00 22.23 ? 56   TRP A CE3 1 
ATOM   390  C  CZ2 . TRP A 1 57  ? 4.244   -5.397  11.255  1.00 20.13 ? 56   TRP A CZ2 1 
ATOM   391  C  CZ3 . TRP A 1 57  ? 5.844   -3.780  10.405  1.00 20.75 ? 56   TRP A CZ3 1 
ATOM   392  C  CH2 . TRP A 1 57  ? 4.782   -4.127  11.262  1.00 21.58 ? 56   TRP A CH2 1 
ATOM   393  N  N   . LYS A 1 58  ? 8.033   -10.267 8.482   1.00 27.80 ? 57   LYS A N   1 
ATOM   394  C  CA  . LYS A 1 58  ? 7.783   -11.507 9.215   1.00 30.77 ? 57   LYS A CA  1 
ATOM   395  C  C   . LYS A 1 58  ? 8.892   -11.782 10.210  1.00 32.63 ? 57   LYS A C   1 
ATOM   396  O  O   . LYS A 1 58  ? 8.617   -12.199 11.352  1.00 33.50 ? 57   LYS A O   1 
ATOM   397  C  CB  . LYS A 1 58  ? 7.713   -12.689 8.276   1.00 31.24 ? 57   LYS A CB  1 
ATOM   398  C  CG  . LYS A 1 58  ? 6.479   -12.794 7.481   1.00 34.07 ? 57   LYS A CG  1 
ATOM   399  C  CD  . LYS A 1 58  ? 6.638   -13.921 6.463   1.00 36.53 ? 57   LYS A CD  1 
ATOM   400  C  CE  . LYS A 1 58  ? 6.439   -15.271 7.062   1.00 38.09 ? 57   LYS A CE  1 
ATOM   401  N  NZ  . LYS A 1 58  ? 6.466   -16.276 5.955   1.00 40.96 ? 57   LYS A NZ  1 
ATOM   402  N  N   . LYS A 1 59  ? 10.130  -11.523 9.786   1.00 33.56 ? 58   LYS A N   1 
ATOM   403  C  CA  . LYS A 1 59  ? 11.312  -11.826 10.600  1.00 35.39 ? 58   LYS A CA  1 
ATOM   404  C  C   . LYS A 1 59  ? 11.563  -10.763 11.667  1.00 34.98 ? 58   LYS A C   1 
ATOM   405  O  O   . LYS A 1 59  ? 12.121  -11.079 12.716  1.00 35.84 ? 58   LYS A O   1 
ATOM   406  C  CB  . LYS A 1 59  ? 12.595  -11.977 9.746   1.00 36.03 ? 58   LYS A CB  1 
ATOM   407  C  CG  . LYS A 1 59  ? 12.512  -12.881 8.502   1.00 40.21 ? 58   LYS A CG  1 
ATOM   408  C  CD  . LYS A 1 59  ? 13.834  -13.659 8.272   1.00 44.22 ? 58   LYS A CD  1 
ATOM   409  C  CE  . LYS A 1 59  ? 14.374  -13.613 6.810   1.00 47.94 ? 58   LYS A CE  1 
ATOM   410  N  NZ  . LYS A 1 59  ? 13.420  -13.888 5.662   1.00 47.75 ? 58   LYS A NZ  1 
ATOM   411  N  N   . THR A 1 60  ? 11.166  -9.510  11.417  1.00 34.27 ? 59   THR A N   1 
ATOM   412  C  CA  . THR A 1 60  ? 11.642  -8.385  12.242  1.00 32.74 ? 59   THR A CA  1 
ATOM   413  C  C   . THR A 1 60  ? 10.564  -7.468  12.815  1.00 32.63 ? 59   THR A C   1 
ATOM   414  O  O   . THR A 1 60  ? 10.835  -6.704  13.735  1.00 33.45 ? 59   THR A O   1 
ATOM   415  C  CB  . THR A 1 60  ? 12.651  -7.469  11.462  1.00 33.21 ? 59   THR A CB  1 
ATOM   416  O  OG1 . THR A 1 60  ? 11.966  -6.820  10.379  1.00 30.77 ? 59   THR A OG1 1 
ATOM   417  C  CG2 . THR A 1 60  ? 13.857  -8.255  10.929  1.00 31.10 ? 59   THR A CG2 1 
ATOM   418  N  N   . GLY A 1 61  ? 9.350   -7.508  12.268  1.00 31.52 ? 60   GLY A N   1 
ATOM   419  C  CA  . GLY A 1 61  ? 8.331   -6.515  12.613  1.00 29.73 ? 60   GLY A CA  1 
ATOM   420  C  C   . GLY A 1 61  ? 8.702   -5.106  12.182  1.00 28.60 ? 60   GLY A C   1 
ATOM   421  O  O   . GLY A 1 61  ? 8.197   -4.127  12.734  1.00 29.25 ? 60   GLY A O   1 
ATOM   422  N  N   . GLU A 1 62  ? 9.584   -4.990  11.188  1.00 27.28 ? 61   GLU A N   1 
ATOM   423  C  CA  . GLU A 1 62  ? 10.007  -3.705  10.673  1.00 26.86 ? 61   GLU A CA  1 
ATOM   424  C  C   . GLU A 1 62  ? 9.884   -3.598  9.147   1.00 25.84 ? 61   GLU A C   1 
ATOM   425  O  O   . GLU A 1 62  ? 9.946   -4.600  8.450   1.00 25.04 ? 61   GLU A O   1 
ATOM   426  C  CB  . GLU A 1 62  ? 11.455  -3.429  11.074  1.00 27.92 ? 61   GLU A CB  1 
ATOM   427  C  CG  . GLU A 1 62  ? 11.619  -3.153  12.565  1.00 30.94 ? 61   GLU A CG  1 
ATOM   428  C  CD  . GLU A 1 62  ? 13.066  -3.061  12.994  1.00 36.26 ? 61   GLU A CD  1 
ATOM   429  O  OE1 . GLU A 1 62  ? 13.969  -3.430  12.200  1.00 37.78 ? 61   GLU A OE1 1 
ATOM   430  O  OE2 . GLU A 1 62  ? 13.298  -2.607  14.137  1.00 40.36 ? 61   GLU A OE2 1 
ATOM   431  N  N   . PHE A 1 63  ? 9.681   -2.377  8.660   1.00 24.73 ? 62   PHE A N   1 
ATOM   432  C  CA  . PHE A 1 63  ? 9.708   -2.114  7.231   1.00 24.63 ? 62   PHE A CA  1 
ATOM   433  C  C   . PHE A 1 63  ? 11.127  -1.813  6.804   1.00 24.85 ? 62   PHE A C   1 
ATOM   434  O  O   . PHE A 1 63  ? 11.704  -0.775  7.162   1.00 25.51 ? 62   PHE A O   1 
ATOM   435  C  CB  . PHE A 1 63  ? 8.761   -0.966  6.862   1.00 23.89 ? 62   PHE A CB  1 
ATOM   436  C  CG  . PHE A 1 63  ? 7.307   -1.287  7.120   1.00 23.14 ? 62   PHE A CG  1 
ATOM   437  C  CD1 . PHE A 1 63  ? 6.589   -0.602  8.100   1.00 19.78 ? 62   PHE A CD1 1 
ATOM   438  C  CD2 . PHE A 1 63  ? 6.659   -2.296  6.383   1.00 20.20 ? 62   PHE A CD2 1 
ATOM   439  C  CE1 . PHE A 1 63  ? 5.232   -0.911  8.342   1.00 21.09 ? 62   PHE A CE1 1 
ATOM   440  C  CE2 . PHE A 1 63  ? 5.337   -2.615  6.628   1.00 19.90 ? 62   PHE A CE2 1 
ATOM   441  C  CZ  . PHE A 1 63  ? 4.598   -1.902  7.617   1.00 20.44 ? 62   PHE A CZ  1 
ATOM   442  N  N   . ARG A 1 64  ? 11.674  -2.718  6.008   1.00 24.56 ? 63   ARG A N   1 
ATOM   443  C  CA  . ARG A 1 64  ? 13.009  -2.543  5.471   1.00 24.86 ? 63   ARG A CA  1 
ATOM   444  C  C   . ARG A 1 64  ? 13.119  -1.295  4.601   1.00 25.11 ? 63   ARG A C   1 
ATOM   445  O  O   . ARG A 1 64  ? 12.128  -0.779  4.038   1.00 24.84 ? 63   ARG A O   1 
ATOM   446  C  CB  . ARG A 1 64  ? 13.438  -3.775  4.675   1.00 24.54 ? 63   ARG A CB  1 
ATOM   447  C  CG  . ARG A 1 64  ? 12.687  -3.939  3.379   1.00 24.62 ? 63   ARG A CG  1 
ATOM   448  C  CD  . ARG A 1 64  ? 13.264  -5.061  2.548   1.00 26.50 ? 63   ARG A CD  1 
ATOM   449  N  NE  . ARG A 1 64  ? 12.730  -5.036  1.184   1.00 25.48 ? 63   ARG A NE  1 
ATOM   450  C  CZ  . ARG A 1 64  ? 13.385  -5.556  0.150   1.00 28.56 ? 63   ARG A CZ  1 
ATOM   451  N  NH1 . ARG A 1 64  ? 14.566  -6.112  0.357   1.00 29.34 ? 63   ARG A NH1 1 
ATOM   452  N  NH2 . ARG A 1 64  ? 12.880  -5.522  -1.076  1.00 27.03 ? 63   ARG A NH2 1 
ATOM   453  N  N   . ASP A 1 65  ? 14.343  -0.793  4.516   1.00 25.70 ? 64   ASP A N   1 
ATOM   454  C  CA  . ASP A 1 65  ? 14.698  0.177   3.499   1.00 25.87 ? 64   ASP A CA  1 
ATOM   455  C  C   . ASP A 1 65  ? 14.365  -0.402  2.127   1.00 24.32 ? 64   ASP A C   1 
ATOM   456  O  O   . ASP A 1 65  ? 14.741  -1.521  1.824   1.00 25.41 ? 64   ASP A O   1 
ATOM   457  C  CB  . ASP A 1 65  ? 16.190  0.481   3.594   1.00 26.81 ? 64   ASP A CB  1 
ATOM   458  C  CG  . ASP A 1 65  ? 16.496  1.945   3.423   1.00 29.54 ? 64   ASP A CG  1 
ATOM   459  O  OD1 . ASP A 1 65  ? 15.557  2.767   3.302   1.00 30.27 ? 64   ASP A OD1 1 
ATOM   460  O  OD2 . ASP A 1 65  ? 17.693  2.271   3.450   1.00 33.36 ? 64   ASP A OD2 1 
ATOM   461  N  N   . GLY A 1 66  ? 13.624  0.327   1.314   1.00 22.92 ? 65   GLY A N   1 
ATOM   462  C  CA  . GLY A 1 66  ? 13.208  -0.195  0.005   1.00 22.80 ? 65   GLY A CA  1 
ATOM   463  C  C   . GLY A 1 66  ? 11.764  -0.699  -0.031  1.00 21.06 ? 65   GLY A C   1 
ATOM   464  O  O   . GLY A 1 66  ? 11.241  -1.033  -1.093  1.00 21.76 ? 65   GLY A O   1 
ATOM   465  N  N   . THR A 1 67  ? 11.114  -0.755  1.128   1.00 20.61 ? 66   THR A N   1 
ATOM   466  C  CA  . THR A 1 67  ? 9.710   -1.209  1.193   1.00 19.00 ? 66   THR A CA  1 
ATOM   467  C  C   . THR A 1 67  ? 8.819   -0.431  0.208   1.00 18.57 ? 66   THR A C   1 
ATOM   468  O  O   . THR A 1 67  ? 8.898   0.783   0.133   1.00 19.37 ? 66   THR A O   1 
ATOM   469  C  CB  . THR A 1 67  ? 9.134   -1.093  2.639   1.00 18.23 ? 66   THR A CB  1 
ATOM   470  O  OG1 . THR A 1 67  ? 9.815   -1.986  3.532   1.00 18.61 ? 66   THR A OG1 1 
ATOM   471  C  CG2 . THR A 1 67  ? 7.598   -1.391  2.696   1.00 18.87 ? 66   THR A CG2 1 
ATOM   472  N  N   . VAL A 1 68  ? 7.972   -1.141  -0.543  1.00 18.60 ? 67   VAL A N   1 
ATOM   473  C  CA  . VAL A 1 68  ? 6.938   -0.534  -1.349  1.00 18.56 ? 67   VAL A CA  1 
ATOM   474  C  C   . VAL A 1 68  ? 5.556   -1.036  -0.899  1.00 18.89 ? 67   VAL A C   1 
ATOM   475  O  O   . VAL A 1 68  ? 5.346   -2.244  -0.758  1.00 18.18 ? 67   VAL A O   1 
ATOM   476  C  CB  . VAL A 1 68  ? 7.093   -0.850  -2.861  1.00 19.00 ? 67   VAL A CB  1 
ATOM   477  C  CG1 . VAL A 1 68  ? 6.035   -0.075  -3.679  1.00 18.58 ? 67   VAL A CG1 1 
ATOM   478  C  CG2 . VAL A 1 68  ? 8.516   -0.486  -3.327  1.00 20.97 ? 67   VAL A CG2 1 
ATOM   479  N  N   . THR A 1 69  ? 4.637   -0.100  -0.691  1.00 18.50 ? 68   THR A N   1 
ATOM   480  C  CA  . THR A 1 69  ? 3.219   -0.451  -0.480  1.00 18.53 ? 68   THR A CA  1 
ATOM   481  C  C   . THR A 1 69  ? 2.377   0.123   -1.633  1.00 18.73 ? 68   THR A C   1 
ATOM   482  O  O   . THR A 1 69  ? 2.729   1.174   -2.212  1.00 18.31 ? 68   THR A O   1 
ATOM   483  C  CB  . THR A 1 69  ? 2.635   0.011   0.905   1.00 19.40 ? 68   THR A CB  1 
ATOM   484  O  OG1 . THR A 1 69  ? 2.169   1.369   0.833   1.00 19.19 ? 68   THR A OG1 1 
ATOM   485  C  CG2 . THR A 1 69  ? 3.637   -0.151  2.035   1.00 18.86 ? 68   THR A CG2 1 
ATOM   486  N  N   . VAL A 1 70  ? 1.277   -0.559  -1.948  1.00 18.19 ? 69   VAL A N   1 
ATOM   487  C  CA  . VAL A 1 70  ? 0.342   -0.142  -2.986  1.00 18.73 ? 69   VAL A CA  1 
ATOM   488  C  C   . VAL A 1 70  ? -1.063  -0.217  -2.425  1.00 18.82 ? 69   VAL A C   1 
ATOM   489  O  O   . VAL A 1 70  ? -1.446  -1.230  -1.829  1.00 18.23 ? 69   VAL A O   1 
ATOM   490  C  CB  . VAL A 1 70  ? 0.460   -1.058  -4.257  1.00 19.56 ? 69   VAL A CB  1 
ATOM   491  C  CG1 . VAL A 1 70  ? -0.672  -0.801  -5.208  1.00 19.62 ? 69   VAL A CG1 1 
ATOM   492  C  CG2 . VAL A 1 70  ? 1.813   -0.864  -4.952  1.00 21.49 ? 69   VAL A CG2 1 
ATOM   493  N  N   . LYS A 1 71  ? -1.837  0.842   -2.634  1.00 17.39 ? 70   LYS A N   1 
ATOM   494  C  CA  . LYS A 1 71  ? -3.237  0.833   -2.274  1.00 17.46 ? 70   LYS A CA  1 
ATOM   495  C  C   . LYS A 1 71  ? -4.071  0.965   -3.548  1.00 18.68 ? 70   LYS A C   1 
ATOM   496  O  O   . LYS A 1 71  ? -3.995  1.994   -4.262  1.00 17.89 ? 70   LYS A O   1 
ATOM   497  C  CB  . LYS A 1 71  ? -3.544  1.966   -1.292  1.00 15.99 ? 70   LYS A CB  1 
ATOM   498  C  CG  . LYS A 1 71  ? -5.017  2.039   -0.926  1.00 18.24 ? 70   LYS A CG  1 
ATOM   499  C  CD  . LYS A 1 71  ? -5.226  2.888   0.323   1.00 21.09 ? 70   LYS A CD  1 
ATOM   500  C  CE  . LYS A 1 71  ? -4.996  2.033   1.562   1.00 20.09 ? 70   LYS A CE  1 
ATOM   501  N  NZ  . LYS A 1 71  ? -5.029  2.835   2.860   1.00 17.35 ? 70   LYS A NZ  1 
ATOM   502  N  N   . GLU A 1 72  ? -4.847  -0.077  -3.821  1.00 18.39 ? 71   GLU A N   1 
ATOM   503  C  CA  . GLU A 1 72  ? -5.676  -0.136  -5.019  1.00 19.77 ? 71   GLU A CA  1 
ATOM   504  C  C   . GLU A 1 72  ? -7.126  0.119   -4.665  1.00 21.11 ? 71   GLU A C   1 
ATOM   505  O  O   . GLU A 1 72  ? -7.678  -0.517  -3.764  1.00 20.83 ? 71   GLU A O   1 
ATOM   506  C  CB  . GLU A 1 72  ? -5.493  -1.479  -5.727  1.00 18.76 ? 71   GLU A CB  1 
ATOM   507  C  CG  . GLU A 1 72  ? -6.342  -1.642  -6.991  1.00 19.96 ? 71   GLU A CG  1 
ATOM   508  C  CD  . GLU A 1 72  ? -5.645  -2.498  -8.023  1.00 20.16 ? 71   GLU A CD  1 
ATOM   509  O  OE1 . GLU A 1 72  ? -5.430  -3.711  -7.743  1.00 18.29 ? 71   GLU A OE1 1 
ATOM   510  O  OE2 . GLU A 1 72  ? -5.294  -1.937  -9.095  1.00 18.91 ? 71   GLU A OE2 1 
ATOM   511  N  N   . LEU A 1 73  ? -7.733  1.056   -5.396  1.00 21.58 ? 72   LEU A N   1 
ATOM   512  C  CA  . LEU A 1 73  ? -9.100  1.510   -5.129  1.00 23.07 ? 72   LEU A CA  1 
ATOM   513  C  C   . LEU A 1 73  ? -10.078 0.887   -6.148  1.00 22.98 ? 72   LEU A C   1 
ATOM   514  O  O   . LEU A 1 73  ? -9.810  0.875   -7.360  1.00 21.83 ? 72   LEU A O   1 
ATOM   515  C  CB  . LEU A 1 73  ? -9.172  3.039   -5.224  1.00 23.38 ? 72   LEU A CB  1 
ATOM   516  C  CG  . LEU A 1 73  ? -8.387  3.942   -4.264  1.00 26.46 ? 72   LEU A CG  1 
ATOM   517  C  CD1 . LEU A 1 73  ? -6.885  3.865   -4.429  1.00 27.38 ? 72   LEU A CD1 1 
ATOM   518  C  CD2 . LEU A 1 73  ? -8.842  5.394   -4.499  1.00 25.48 ? 72   LEU A CD2 1 
ATOM   519  N  N   . VAL A 1 74  ? -11.180 0.338   -5.636  1.00 22.79 ? 73   VAL A N   1 
ATOM   520  C  CA  . VAL A 1 74  ? -12.242 -0.214  -6.476  1.00 24.74 ? 73   VAL A CA  1 
ATOM   521  C  C   . VAL A 1 74  ? -13.617 0.302   -6.067  1.00 24.65 ? 73   VAL A C   1 
ATOM   522  O  O   . VAL A 1 74  ? -13.871 0.603   -4.899  1.00 24.33 ? 73   VAL A O   1 
ATOM   523  C  CB  . VAL A 1 74  ? -12.296 -1.789  -6.533  1.00 25.26 ? 73   VAL A CB  1 
ATOM   524  C  CG1 . VAL A 1 74  ? -11.009 -2.389  -7.059  1.00 26.82 ? 73   VAL A CG1 1 
ATOM   525  C  CG2 . VAL A 1 74  ? -12.650 -2.398  -5.185  1.00 27.44 ? 73   VAL A CG2 1 
ATOM   526  N  N   . SER A 1 75  ? -14.511 0.384   -7.047  1.00 26.05 ? 74   SER A N   1 
ATOM   527  C  CA  . SER A 1 75  ? -15.921 0.605   -6.768  1.00 27.18 ? 74   SER A CA  1 
ATOM   528  C  C   . SER A 1 75  ? -16.504 -0.722  -6.285  1.00 27.70 ? 74   SER A C   1 
ATOM   529  O  O   . SER A 1 75  ? -15.846 -1.755  -6.319  1.00 27.19 ? 74   SER A O   1 
ATOM   530  C  CB  . SER A 1 75  ? -16.658 1.090   -8.025  1.00 27.57 ? 74   SER A CB  1 
ATOM   531  O  OG  . SER A 1 75  ? -16.654 0.082   -9.014  1.00 28.70 ? 74   SER A OG  1 
ATOM   532  N  N   . VAL A 1 76  ? -17.748 -0.692  -5.827  1.00 27.98 ? 75   VAL A N   1 
ATOM   533  C  CA  . VAL A 1 76  ? -18.328 -1.870  -5.201  1.00 28.72 ? 75   VAL A CA  1 
ATOM   534  C  C   . VAL A 1 76  ? -19.409 -2.426  -6.113  1.00 29.38 ? 75   VAL A C   1 
ATOM   535  O  O   . VAL A 1 76  ? -20.280 -1.675  -6.571  1.00 28.01 ? 75   VAL A O   1 
ATOM   536  C  CB  . VAL A 1 76  ? -18.931 -1.507  -3.814  1.00 29.33 ? 75   VAL A CB  1 
ATOM   537  C  CG1 . VAL A 1 76  ? -19.779 -2.637  -3.267  1.00 30.04 ? 75   VAL A CG1 1 
ATOM   538  C  CG2 . VAL A 1 76  ? -17.818 -1.098  -2.811  1.00 29.96 ? 75   VAL A CG2 1 
ATOM   539  N  N   . GLY A 1 77  ? -19.332 -3.726  -6.394  1.00 29.44 ? 76   GLY A N   1 
ATOM   540  C  CA  . GLY A 1 77  ? -20.415 -4.458  -7.062  1.00 30.46 ? 76   GLY A CA  1 
ATOM   541  C  C   . GLY A 1 77  ? -21.394 -5.016  -6.038  1.00 31.45 ? 76   GLY A C   1 
ATOM   542  O  O   . GLY A 1 77  ? -21.020 -5.263  -4.880  1.00 30.07 ? 76   GLY A O   1 
ATOM   543  N  N   . ASP A 1 78  ? -22.646 -5.215  -6.461  1.00 32.51 ? 77   ASP A N   1 
ATOM   544  C  CA  . ASP A 1 78  ? -23.690 -5.784  -5.600  1.00 34.07 ? 77   ASP A CA  1 
ATOM   545  C  C   . ASP A 1 78  ? -24.056 -7.192  -6.057  1.00 34.10 ? 77   ASP A C   1 
ATOM   546  O  O   . ASP A 1 78  ? -24.387 -7.414  -7.225  1.00 33.50 ? 77   ASP A O   1 
ATOM   547  C  CB  . ASP A 1 78  ? -24.974 -4.930  -5.619  1.00 35.21 ? 77   ASP A CB  1 
ATOM   548  C  CG  . ASP A 1 78  ? -24.722 -3.461  -5.354  1.00 39.29 ? 77   ASP A CG  1 
ATOM   549  O  OD1 . ASP A 1 78  ? -23.649 -3.098  -4.821  1.00 43.69 ? 77   ASP A OD1 1 
ATOM   550  O  OD2 . ASP A 1 78  ? -25.618 -2.649  -5.692  1.00 44.70 ? 77   ASP A OD2 1 
ATOM   551  N  N   . ARG A 1 79  ? -24.011 -8.128  -5.117  1.00 34.45 ? 78   ARG A N   1 
ATOM   552  C  CA  . ARG A 1 79  ? -24.377 -9.517  -5.364  1.00 35.41 ? 78   ARG A CA  1 
ATOM   553  C  C   . ARG A 1 79  ? -25.734 -9.815  -4.716  1.00 35.52 ? 78   ARG A C   1 
ATOM   554  O  O   . ARG A 1 79  ? -25.952 -9.504  -3.549  1.00 34.54 ? 78   ARG A O   1 
ATOM   555  C  CB  . ARG A 1 79  ? -23.297 -10.440 -4.780  1.00 35.47 ? 78   ARG A CB  1 
ATOM   556  C  CG  . ARG A 1 79  ? -23.700 -11.893 -4.729  1.00 36.38 ? 78   ARG A CG  1 
ATOM   557  C  CD  . ARG A 1 79  ? -22.559 -12.785 -4.362  1.00 39.14 ? 78   ARG A CD  1 
ATOM   558  N  NE  . ARG A 1 79  ? -22.199 -12.701 -2.952  1.00 38.59 ? 78   ARG A NE  1 
ATOM   559  C  CZ  . ARG A 1 79  ? -22.824 -13.352 -1.983  1.00 39.55 ? 78   ARG A CZ  1 
ATOM   560  N  NH1 . ARG A 1 79  ? -23.864 -14.134 -2.270  1.00 40.36 ? 78   ARG A NH1 1 
ATOM   561  N  NH2 . ARG A 1 79  ? -22.412 -13.211 -0.729  1.00 39.92 ? 78   ARG A NH2 1 
ATOM   562  N  N   . LYS A 1 80  ? -26.629 -10.441 -5.475  1.00 36.93 ? 79   LYS A N   1 
ATOM   563  C  CA  . LYS A 1 80  ? -27.941 -10.835 -4.974  1.00 38.74 ? 79   LYS A CA  1 
ATOM   564  C  C   . LYS A 1 80  ? -28.085 -12.336 -5.137  1.00 39.35 ? 79   LYS A C   1 
ATOM   565  O  O   . LYS A 1 80  ? -28.072 -12.840 -6.257  1.00 39.01 ? 79   LYS A O   1 
ATOM   566  C  CB  . LYS A 1 80  ? -29.053 -10.082 -5.726  1.00 39.34 ? 79   LYS A CB  1 
ATOM   567  C  CG  . LYS A 1 80  ? -28.891 -8.554  -5.725  1.00 41.92 ? 79   LYS A CG  1 
ATOM   568  C  CD  . LYS A 1 80  ? -28.843 -7.992  -4.297  1.00 46.31 ? 79   LYS A CD  1 
ATOM   569  C  CE  . LYS A 1 80  ? -29.139 -6.494  -4.270  1.00 50.31 ? 79   LYS A CE  1 
ATOM   570  N  NZ  . LYS A 1 80  ? -27.995 -5.678  -4.791  1.00 53.12 ? 79   LYS A NZ  1 
ATOM   571  N  N   . GLY A 1 81  ? -28.185 -13.050 -4.014  1.00 40.62 ? 80   GLY A N   1 
ATOM   572  C  CA  . GLY A 1 81  ? -28.083 -14.519 -4.011  1.00 41.91 ? 80   GLY A CA  1 
ATOM   573  C  C   . GLY A 1 81  ? -26.651 -14.997 -4.265  1.00 43.11 ? 80   GLY A C   1 
ATOM   574  O  O   . GLY A 1 81  ? -25.709 -14.182 -4.231  1.00 42.96 ? 80   GLY A O   1 
ATOM   575  N  N   . PRO A 1 82  ? -26.457 -16.317 -4.512  1.00 43.83 ? 81   PRO A N   1 
ATOM   576  C  CA  . PRO A 1 82  ? -27.458 -17.385 -4.444  1.00 44.21 ? 81   PRO A CA  1 
ATOM   577  C  C   . PRO A 1 82  ? -27.612 -17.859 -3.010  1.00 44.98 ? 81   PRO A C   1 
ATOM   578  O  O   . PRO A 1 82  ? -28.698 -17.747 -2.453  1.00 46.19 ? 81   PRO A O   1 
ATOM   579  C  CB  . PRO A 1 82  ? -26.849 -18.493 -5.304  1.00 44.33 ? 81   PRO A CB  1 
ATOM   580  C  CG  . PRO A 1 82  ? -25.353 -18.274 -5.199  1.00 44.26 ? 81   PRO A CG  1 
ATOM   581  C  CD  . PRO A 1 82  ? -25.128 -16.826 -4.913  1.00 43.64 ? 81   PRO A CD  1 
ATOM   582  N  N   . ASN A 1 86  ? -26.796 -12.487 -0.265  1.00 41.06 ? 85   ASN A N   1 
ATOM   583  C  CA  . ASN A 1 86  ? -26.585 -11.092 -0.664  1.00 40.27 ? 85   ASN A CA  1 
ATOM   584  C  C   . ASN A 1 86  ? -25.224 -10.566 -0.190  1.00 38.91 ? 85   ASN A C   1 
ATOM   585  O  O   . ASN A 1 86  ? -24.738 -10.945 0.892   1.00 39.30 ? 85   ASN A O   1 
ATOM   586  C  CB  . ASN A 1 86  ? -27.705 -10.200 -0.125  1.00 41.06 ? 85   ASN A CB  1 
ATOM   587  C  CG  . ASN A 1 86  ? -28.897 -10.105 -1.069  1.00 43.46 ? 85   ASN A CG  1 
ATOM   588  O  OD1 . ASN A 1 86  ? -29.200 -11.039 -1.817  1.00 43.94 ? 85   ASN A OD1 1 
ATOM   589  N  ND2 . ASN A 1 86  ? -29.602 -8.965  -1.017  1.00 46.19 ? 85   ASN A ND2 1 
ATOM   590  N  N   . GLY A 1 87  ? -24.607 -9.699  -0.991  1.00 36.82 ? 86   GLY A N   1 
ATOM   591  C  CA  . GLY A 1 87  ? -23.303 -9.163  -0.633  1.00 34.18 ? 86   GLY A CA  1 
ATOM   592  C  C   . GLY A 1 87  ? -22.748 -8.101  -1.559  1.00 32.69 ? 86   GLY A C   1 
ATOM   593  O  O   . GLY A 1 87  ? -23.404 -7.675  -2.507  1.00 31.91 ? 86   GLY A O   1 
ATOM   594  N  N   . TYR A 1 88  ? -21.538 -7.657  -1.232  1.00 30.58 ? 87   TYR A N   1 
ATOM   595  C  CA  . TYR A 1 88  ? -20.778 -6.719  -2.040  1.00 29.84 ? 87   TYR A CA  1 
ATOM   596  C  C   . TYR A 1 88  ? -19.477 -7.380  -2.471  1.00 27.69 ? 87   TYR A C   1 
ATOM   597  O  O   . TYR A 1 88  ? -19.001 -8.303  -1.803  1.00 26.80 ? 87   TYR A O   1 
ATOM   598  C  CB  . TYR A 1 88  ? -20.605 -5.419  -1.258  1.00 32.36 ? 87   TYR A CB  1 
ATOM   599  C  CG  . TYR A 1 88  ? -22.013 -4.931  -0.963  1.00 36.85 ? 87   TYR A CG  1 
ATOM   600  C  CD1 . TYR A 1 88  ? -22.673 -5.280  0.230   1.00 39.88 ? 87   TYR A CD1 1 
ATOM   601  C  CD2 . TYR A 1 88  ? -22.740 -4.267  -1.945  1.00 38.11 ? 87   TYR A CD2 1 
ATOM   602  C  CE1 . TYR A 1 88  ? -24.006 -4.899  0.454   1.00 40.94 ? 87   TYR A CE1 1 
ATOM   603  C  CE2 . TYR A 1 88  ? -24.051 -3.881  -1.734  1.00 41.14 ? 87   TYR A CE2 1 
ATOM   604  C  CZ  . TYR A 1 88  ? -24.681 -4.201  -0.542  1.00 39.78 ? 87   TYR A CZ  1 
ATOM   605  O  OH  . TYR A 1 88  ? -25.987 -3.794  -0.376  1.00 40.15 ? 87   TYR A OH  1 
ATOM   606  N  N   . PHE A 1 89  ? -18.954 -6.948  -3.609  1.00 24.89 ? 88   PHE A N   1 
ATOM   607  C  CA  . PHE A 1 89  ? -17.689 -7.479  -4.133  1.00 23.45 ? 88   PHE A CA  1 
ATOM   608  C  C   . PHE A 1 89  ? -16.920 -6.373  -4.876  1.00 22.86 ? 88   PHE A C   1 
ATOM   609  O  O   . PHE A 1 89  ? -17.472 -5.302  -5.122  1.00 21.33 ? 88   PHE A O   1 
ATOM   610  C  CB  . PHE A 1 89  ? -17.962 -8.700  -5.020  1.00 23.11 ? 88   PHE A CB  1 
ATOM   611  C  CG  . PHE A 1 89  ? -18.724 -8.377  -6.292  1.00 21.96 ? 88   PHE A CG  1 
ATOM   612  C  CD1 . PHE A 1 89  ? -18.039 -8.047  -7.444  1.00 19.90 ? 88   PHE A CD1 1 
ATOM   613  C  CD2 . PHE A 1 89  ? -20.122 -8.421  -6.327  1.00 22.59 ? 88   PHE A CD2 1 
ATOM   614  C  CE1 . PHE A 1 89  ? -18.736 -7.736  -8.644  1.00 24.44 ? 88   PHE A CE1 1 
ATOM   615  C  CE2 . PHE A 1 89  ? -20.824 -8.101  -7.526  1.00 22.27 ? 88   PHE A CE2 1 
ATOM   616  C  CZ  . PHE A 1 89  ? -20.131 -7.770  -8.657  1.00 21.99 ? 88   PHE A CZ  1 
ATOM   617  N  N   . MET A 1 90  ? -15.647 -6.630  -5.206  1.00 23.19 ? 89   MET A N   1 
ATOM   618  C  CA  . MET A 1 90  ? -14.790 -5.647  -5.880  1.00 23.97 ? 89   MET A CA  1 
ATOM   619  C  C   . MET A 1 90  ? -15.263 -5.409  -7.308  1.00 23.98 ? 89   MET A C   1 
ATOM   620  O  O   . MET A 1 90  ? -15.303 -6.341  -8.105  1.00 24.35 ? 89   MET A O   1 
ATOM   621  C  CB  . MET A 1 90  ? -13.339 -6.136  -5.890  1.00 23.46 ? 89   MET A CB  1 
ATOM   622  C  CG  . MET A 1 90  ? -12.771 -6.348  -4.489  1.00 25.17 ? 89   MET A CG  1 
ATOM   623  S  SD  . MET A 1 90  ? -11.091 -7.009  -4.610  1.00 25.75 ? 89   MET A SD  1 
ATOM   624  C  CE  . MET A 1 90  ? -10.217 -5.495  -4.945  1.00 29.75 ? 89   MET A CE  1 
ATOM   625  N  N   . GLY A 1 91  ? -15.642 -4.172  -7.619  1.00 24.75 ? 90   GLY A N   1 
ATOM   626  C  CA  . GLY A 1 91  ? -16.149 -3.860  -8.952  1.00 26.45 ? 90   GLY A CA  1 
ATOM   627  C  C   . GLY A 1 91  ? -15.068 -3.422  -9.913  1.00 27.52 ? 90   GLY A C   1 
ATOM   628  O  O   . GLY A 1 91  ? -14.218 -4.231  -10.317 1.00 29.19 ? 90   GLY A O   1 
ATOM   629  N  N   . ASP A 1 92  ? -15.112 -2.151  -10.310 1.00 27.65 ? 91   ASP A N   1 
ATOM   630  C  CA  . ASP A 1 92  ? -14.158 -1.639  -11.290 1.00 27.98 ? 91   ASP A CA  1 
ATOM   631  C  C   . ASP A 1 92  ? -12.981 -0.997  -10.601 1.00 26.83 ? 91   ASP A C   1 
ATOM   632  O  O   . ASP A 1 92  ? -13.152 -0.322  -9.582  1.00 26.65 ? 91   ASP A O   1 
ATOM   633  C  CB  . ASP A 1 92  ? -14.798 -0.575  -12.190 1.00 29.30 ? 91   ASP A CB  1 
ATOM   634  C  CG  . ASP A 1 92  ? -16.007 -1.095  -12.957 1.00 32.61 ? 91   ASP A CG  1 
ATOM   635  O  OD1 . ASP A 1 92  ? -16.990 -0.330  -13.023 1.00 36.93 ? 91   ASP A OD1 1 
ATOM   636  O  OD2 . ASP A 1 92  ? -15.974 -2.241  -13.474 1.00 33.17 ? 91   ASP A OD2 1 
ATOM   637  N  N   . TYR A 1 93  ? -11.801 -1.166  -11.186 1.00 25.27 ? 92   TYR A N   1 
ATOM   638  C  CA  . TYR A 1 93  ? -10.613 -0.450  -10.679 1.00 24.97 ? 92   TYR A CA  1 
ATOM   639  C  C   . TYR A 1 93  ? -10.751 1.045   -10.980 1.00 24.98 ? 92   TYR A C   1 
ATOM   640  O  O   . TYR A 1 93  ? -10.954 1.433   -12.150 1.00 24.48 ? 92   TYR A O   1 
ATOM   641  C  CB  . TYR A 1 93  ? -9.336  -1.021  -11.271 1.00 23.98 ? 92   TYR A CB  1 
ATOM   642  C  CG  . TYR A 1 93  ? -9.089  -2.441  -10.786 1.00 24.94 ? 92   TYR A CG  1 
ATOM   643  C  CD1 . TYR A 1 93  ? -9.312  -3.545  -11.623 1.00 23.61 ? 92   TYR A CD1 1 
ATOM   644  C  CD2 . TYR A 1 93  ? -8.712  -2.671  -9.460  1.00 22.60 ? 92   TYR A CD2 1 
ATOM   645  C  CE1 . TYR A 1 93  ? -9.104  -4.856  -11.160 1.00 23.99 ? 92   TYR A CE1 1 
ATOM   646  C  CE2 . TYR A 1 93  ? -8.517  -3.975  -8.981  1.00 24.16 ? 92   TYR A CE2 1 
ATOM   647  C  CZ  . TYR A 1 93  ? -8.716  -5.057  -9.838  1.00 25.06 ? 92   TYR A CZ  1 
ATOM   648  O  OH  . TYR A 1 93  ? -8.500  -6.336  -9.333  1.00 26.62 ? 92   TYR A OH  1 
ATOM   649  N  N   . ILE A 1 94  ? -10.623 1.867   -9.937  1.00 24.05 ? 93   ILE A N   1 
ATOM   650  C  CA  . ILE A 1 94  ? -10.811 3.320   -10.079 1.00 24.96 ? 93   ILE A CA  1 
ATOM   651  C  C   . ILE A 1 94  ? -9.652  4.186   -9.566  1.00 24.77 ? 93   ILE A C   1 
ATOM   652  O  O   . ILE A 1 94  ? -9.691  5.424   -9.672  1.00 25.19 ? 93   ILE A O   1 
ATOM   653  C  CB  . ILE A 1 94  ? -12.144 3.777   -9.428  1.00 24.57 ? 93   ILE A CB  1 
ATOM   654  C  CG1 . ILE A 1 94  ? -12.116 3.577   -7.893  1.00 24.85 ? 93   ILE A CG1 1 
ATOM   655  C  CG2 . ILE A 1 94  ? -13.342 3.101   -10.138 1.00 25.69 ? 93   ILE A CG2 1 
ATOM   656  C  CD1 . ILE A 1 94  ? -13.276 4.233   -7.135  1.00 26.34 ? 93   ILE A CD1 1 
ATOM   657  N  N   . GLY A 1 95  ? -8.614  3.554   -9.007  1.00 24.59 ? 94   GLY A N   1 
ATOM   658  C  CA  . GLY A 1 95  ? -7.490  4.320   -8.463  1.00 22.37 ? 94   GLY A CA  1 
ATOM   659  C  C   . GLY A 1 95  ? -6.341  3.467   -7.964  1.00 22.18 ? 94   GLY A C   1 
ATOM   660  O  O   . GLY A 1 95  ? -6.511  2.262   -7.714  1.00 21.25 ? 94   GLY A O   1 
ATOM   661  N  N   . LEU A 1 96  ? -5.177  4.098   -7.824  1.00 20.11 ? 95   LEU A N   1 
ATOM   662  C  CA  . LEU A 1 96  ? -3.969  3.414   -7.391  1.00 20.84 ? 95   LEU A CA  1 
ATOM   663  C  C   . LEU A 1 96  ? -3.035  4.435   -6.767  1.00 21.29 ? 95   LEU A C   1 
ATOM   664  O  O   . LEU A 1 96  ? -2.712  5.465   -7.397  1.00 21.58 ? 95   LEU A O   1 
ATOM   665  C  CB  . LEU A 1 96  ? -3.282  2.696   -8.570  1.00 19.47 ? 95   LEU A CB  1 
ATOM   666  C  CG  . LEU A 1 96  ? -2.165  1.699   -8.196  1.00 20.49 ? 95   LEU A CG  1 
ATOM   667  C  CD1 . LEU A 1 96  ? -2.803  0.430   -7.527  1.00 22.66 ? 95   LEU A CD1 1 
ATOM   668  C  CD2 . LEU A 1 96  ? -1.337  1.328   -9.435  1.00 18.72 ? 95   LEU A CD2 1 
ATOM   669  N  N   . GLU A 1 97  ? -2.659  4.165   -5.518  1.00 20.58 ? 96   GLU A N   1 
ATOM   670  C  CA  . GLU A 1 97  ? -1.660  4.950   -4.779  1.00 21.59 ? 96   GLU A CA  1 
ATOM   671  C  C   . GLU A 1 97  ? -0.542  4.014   -4.344  1.00 21.10 ? 96   GLU A C   1 
ATOM   672  O  O   . GLU A 1 97  ? -0.735  2.788   -4.316  1.00 21.16 ? 96   GLU A O   1 
ATOM   673  C  CB  . GLU A 1 97  ? -2.283  5.594   -3.541  1.00 21.74 ? 96   GLU A CB  1 
ATOM   674  C  CG  . GLU A 1 97  ? -3.487  6.434   -3.831  1.00 24.62 ? 96   GLU A CG  1 
ATOM   675  C  CD  . GLU A 1 97  ? -4.185  6.857   -2.558  1.00 30.01 ? 96   GLU A CD  1 
ATOM   676  O  OE1 . GLU A 1 97  ? -4.802  5.988   -1.901  1.00 30.08 ? 96   GLU A OE1 1 
ATOM   677  O  OE2 . GLU A 1 97  ? -4.105  8.056   -2.223  1.00 31.19 ? 96   GLU A OE2 1 
ATOM   678  N  N   . ALA A 1 98  ? 0.619   4.584   -4.019  1.00 19.82 ? 97   ALA A N   1 
ATOM   679  C  CA  . ALA A 1 98  ? 1.767   3.814   -3.524  1.00 19.90 ? 97   ALA A CA  1 
ATOM   680  C  C   . ALA A 1 98  ? 2.570   4.644   -2.545  1.00 19.93 ? 97   ALA A C   1 
ATOM   681  O  O   . ALA A 1 98  ? 2.437   5.887   -2.487  1.00 20.17 ? 97   ALA A O   1 
ATOM   682  C  CB  . ALA A 1 98  ? 2.668   3.340   -4.673  1.00 19.13 ? 97   ALA A CB  1 
ATOM   683  N  N   . SER A 1 99  ? 3.377   3.961   -1.750  1.00 19.66 ? 98   SER A N   1 
ATOM   684  C  CA  . SER A 1 99  ? 4.351   4.629   -0.894  1.00 19.66 ? 98   SER A CA  1 
ATOM   685  C  C   . SER A 1 99  ? 5.654   3.846   -0.987  1.00 18.56 ? 98   SER A C   1 
ATOM   686  O  O   . SER A 1 99  ? 5.641   2.610   -1.174  1.00 19.20 ? 98   SER A O   1 
ATOM   687  C  CB  . SER A 1 99  ? 3.850   4.773   0.561   1.00 20.07 ? 98   SER A CB  1 
ATOM   688  O  OG  . SER A 1 99  ? 3.637   3.505   1.161   1.00 20.90 ? 98   SER A OG  1 
ATOM   689  N  N   . VAL A 1 100 ? 6.779   4.549   -0.884  1.00 17.11 ? 99   VAL A N   1 
ATOM   690  C  CA  . VAL A 1 100 ? 8.088   3.921   -0.955  1.00 17.94 ? 99   VAL A CA  1 
ATOM   691  C  C   . VAL A 1 100 ? 8.975   4.493   0.137   1.00 18.28 ? 99   VAL A C   1 
ATOM   692  O  O   . VAL A 1 100 ? 9.096   5.721   0.272   1.00 17.58 ? 99   VAL A O   1 
ATOM   693  C  CB  . VAL A 1 100 ? 8.796   4.161   -2.348  1.00 17.53 ? 99   VAL A CB  1 
ATOM   694  C  CG1 . VAL A 1 100 ? 10.156  3.499   -2.396  1.00 19.24 ? 99   VAL A CG1 1 
ATOM   695  C  CG2 . VAL A 1 100 ? 7.911   3.646   -3.498  1.00 18.85 ? 99   VAL A CG2 1 
ATOM   696  N  N   . LYS A 1 101 ? 9.584   3.591   0.891   1.00 18.63 ? 100  LYS A N   1 
ATOM   697  C  CA  . LYS A 1 101 ? 10.549  3.918   1.931   1.00 19.22 ? 100  LYS A CA  1 
ATOM   698  C  C   . LYS A 1 101 ? 11.957  3.778   1.384   1.00 18.88 ? 100  LYS A C   1 
ATOM   699  O  O   . LYS A 1 101 ? 12.326  2.719   0.911   1.00 19.45 ? 100  LYS A O   1 
ATOM   700  C  CB  . LYS A 1 101 ? 10.365  2.971   3.134   1.00 19.36 ? 100  LYS A CB  1 
ATOM   701  C  CG  . LYS A 1 101 ? 11.371  3.219   4.240   1.00 20.05 ? 100  LYS A CG  1 
ATOM   702  C  CD  . LYS A 1 101 ? 11.066  2.386   5.506   1.00 20.53 ? 100  LYS A CD  1 
ATOM   703  C  CE  . LYS A 1 101 ? 12.163  2.607   6.559   1.00 23.22 ? 100  LYS A CE  1 
ATOM   704  N  NZ  . LYS A 1 101 ? 11.858  1.838   7.832   1.00 25.07 ? 100  LYS A NZ  1 
ATOM   705  N  N   . ASP A 1 102 ? 12.759  4.841   1.470   1.00 21.16 ? 101  ASP A N   1 
ATOM   706  C  CA  . ASP A 1 102 ? 14.153  4.783   0.993   1.00 22.92 ? 101  ASP A CA  1 
ATOM   707  C  C   . ASP A 1 102 ? 14.955  5.846   1.766   1.00 23.11 ? 101  ASP A C   1 
ATOM   708  O  O   . ASP A 1 102 ? 14.778  7.025   1.520   1.00 22.98 ? 101  ASP A O   1 
ATOM   709  C  CB  . ASP A 1 102 ? 14.172  5.026   -0.542  1.00 22.54 ? 101  ASP A CB  1 
ATOM   710  C  CG  . ASP A 1 102 ? 15.522  4.722   -1.205  1.00 26.73 ? 101  ASP A CG  1 
ATOM   711  O  OD1 . ASP A 1 102 ? 16.593  5.029   -0.650  1.00 26.69 ? 101  ASP A OD1 1 
ATOM   712  O  OD2 . ASP A 1 102 ? 15.474  4.192   -2.339  1.00 31.12 ? 101  ASP A OD2 1 
ATOM   713  N  N   . SER A 1 103 ? 15.776  5.422   2.736   1.00 22.97 ? 102  SER A N   1 
ATOM   714  C  CA  . SER A 1 103 ? 16.577  6.333   3.578   1.00 23.64 ? 102  SER A CA  1 
ATOM   715  C  C   . SER A 1 103 ? 17.514  7.231   2.753   1.00 24.10 ? 102  SER A C   1 
ATOM   716  O  O   . SER A 1 103 ? 17.834  8.342   3.182   1.00 23.80 ? 102  SER A O   1 
ATOM   717  C  CB  . SER A 1 103 ? 17.437  5.549   4.579   1.00 23.78 ? 102  SER A CB  1 
ATOM   718  O  OG  . SER A 1 103 ? 18.389  4.743   3.903   1.00 25.81 ? 102  SER A OG  1 
ATOM   719  N  N   . GLN A 1 104 ? 17.970  6.722   1.607   1.00 24.05 ? 103  GLN A N   1 
ATOM   720  C  CA  . GLN A 1 104 ? 18.895  7.464   0.722   1.00 24.30 ? 103  GLN A CA  1 
ATOM   721  C  C   . GLN A 1 104 ? 18.160  8.382   -0.258  1.00 23.75 ? 103  GLN A C   1 
ATOM   722  O  O   . GLN A 1 104 ? 18.375  9.599   -0.235  1.00 24.59 ? 103  GLN A O   1 
ATOM   723  C  CB  . GLN A 1 104 ? 19.839  6.510   -0.025  1.00 24.56 ? 103  GLN A CB  1 
ATOM   724  C  CG  . GLN A 1 104 ? 20.711  5.675   0.890   1.00 27.19 ? 103  GLN A CG  1 
ATOM   725  C  CD  . GLN A 1 104 ? 21.308  6.483   2.034   1.00 32.46 ? 103  GLN A CD  1 
ATOM   726  O  OE1 . GLN A 1 104 ? 22.143  7.372   1.826   1.00 32.27 ? 103  GLN A OE1 1 
ATOM   727  N  NE2 . GLN A 1 104 ? 20.855  6.194   3.258   1.00 35.70 ? 103  GLN A NE2 1 
ATOM   728  N  N   . ARG A 1 105 ? 17.278  7.824   -1.088  1.00 22.67 ? 104  ARG A N   1 
ATOM   729  C  CA  . ARG A 1 105 ? 16.519  8.637   -2.045  1.00 22.32 ? 104  ARG A CA  1 
ATOM   730  C  C   . ARG A 1 105 ? 15.598  9.658   -1.372  1.00 21.98 ? 104  ARG A C   1 
ATOM   731  O  O   . ARG A 1 105 ? 15.393  10.751  -1.897  1.00 20.71 ? 104  ARG A O   1 
ATOM   732  C  CB  . ARG A 1 105 ? 15.734  7.751   -3.018  1.00 22.36 ? 104  ARG A CB  1 
ATOM   733  C  CG  . ARG A 1 105 ? 15.047  8.501   -4.146  1.00 23.18 ? 104  ARG A CG  1 
ATOM   734  C  CD  . ARG A 1 105 ? 14.266  7.535   -5.055  1.00 23.77 ? 104  ARG A CD  1 
ATOM   735  N  NE  . ARG A 1 105 ? 15.187  6.882   -5.979  1.00 28.40 ? 104  ARG A NE  1 
ATOM   736  C  CZ  . ARG A 1 105 ? 15.549  7.385   -7.166  1.00 26.61 ? 104  ARG A CZ  1 
ATOM   737  N  NH1 . ARG A 1 105 ? 16.402  6.727   -7.907  1.00 27.79 ? 104  ARG A NH1 1 
ATOM   738  N  NH2 . ARG A 1 105 ? 15.075  8.540   -7.597  1.00 29.22 ? 104  ARG A NH2 1 
ATOM   739  N  N   . PHE A 1 106 ? 15.014  9.295   -0.221  1.00 21.36 ? 105  PHE A N   1 
ATOM   740  C  CA  . PHE A 1 106 ? 14.074  10.183  0.461   1.00 21.28 ? 105  PHE A CA  1 
ATOM   741  C  C   . PHE A 1 106 ? 14.602  10.589  1.831   1.00 21.87 ? 105  PHE A C   1 
ATOM   742  O  O   . PHE A 1 106 ? 13.859  10.664  2.803   1.00 21.53 ? 105  PHE A O   1 
ATOM   743  C  CB  . PHE A 1 106 ? 12.664  9.565   0.550   1.00 21.01 ? 105  PHE A CB  1 
ATOM   744  C  CG  . PHE A 1 106 ? 12.171  9.025   -0.761  1.00 22.25 ? 105  PHE A CG  1 
ATOM   745  C  CD1 . PHE A 1 106 ? 11.820  7.673   -0.885  1.00 22.15 ? 105  PHE A CD1 1 
ATOM   746  C  CD2 . PHE A 1 106 ? 12.125  9.841   -1.902  1.00 21.24 ? 105  PHE A CD2 1 
ATOM   747  C  CE1 . PHE A 1 106 ? 11.385  7.158   -2.109  1.00 21.18 ? 105  PHE A CE1 1 
ATOM   748  C  CE2 . PHE A 1 106 ? 11.709  9.334   -3.128  1.00 20.63 ? 105  PHE A CE2 1 
ATOM   749  C  CZ  . PHE A 1 106 ? 11.324  7.985   -3.235  1.00 20.58 ? 105  PHE A CZ  1 
ATOM   750  N  N   . ALA A 1 107 ? 15.901  10.862  1.867   1.00 21.76 ? 106  ALA A N   1 
ATOM   751  C  CA  . ALA A 1 107 ? 16.573  11.313  3.066   1.00 23.09 ? 106  ALA A CA  1 
ATOM   752  C  C   . ALA A 1 107 ? 15.882  12.493  3.719   1.00 23.75 ? 106  ALA A C   1 
ATOM   753  O  O   . ALA A 1 107 ? 15.922  12.610  4.951   1.00 25.92 ? 106  ALA A O   1 
ATOM   754  C  CB  . ALA A 1 107 ? 18.025  11.645  2.763   1.00 22.26 ? 106  ALA A CB  1 
ATOM   755  N  N   . ASN A 1 108 ? 15.228  13.342  2.929   1.00 23.14 ? 107  ASN A N   1 
ATOM   756  C  CA  . ASN A 1 108 ? 14.612  14.559  3.460   1.00 22.52 ? 107  ASN A CA  1 
ATOM   757  C  C   . ASN A 1 108 ? 13.091  14.533  3.632   1.00 22.48 ? 107  ASN A C   1 
ATOM   758  O  O   . ASN A 1 108 ? 12.472  15.586  3.815   1.00 22.92 ? 107  ASN A O   1 
ATOM   759  C  CB  . ASN A 1 108 ? 15.053  15.799  2.639   1.00 22.60 ? 107  ASN A CB  1 
ATOM   760  C  CG  . ASN A 1 108 ? 14.634  15.732  1.196   1.00 22.66 ? 107  ASN A CG  1 
ATOM   761  O  OD1 . ASN A 1 108 ? 14.141  14.715  0.717   1.00 22.45 ? 107  ASN A OD1 1 
ATOM   762  N  ND2 . ASN A 1 108 ? 14.841  16.840  0.473   1.00 23.11 ? 107  ASN A ND2 1 
ATOM   763  N  N   . GLU A 1 109 ? 12.484  13.343  3.525   1.00 22.30 ? 108  GLU A N   1 
ATOM   764  C  CA  . GLU A 1 109 ? 11.050  13.159  3.711   1.00 21.76 ? 108  GLU A CA  1 
ATOM   765  C  C   . GLU A 1 109 ? 10.811  12.536  5.091   1.00 21.73 ? 108  GLU A C   1 
ATOM   766  O  O   . GLU A 1 109 ? 11.651  11.779  5.534   1.00 22.77 ? 108  GLU A O   1 
ATOM   767  C  CB  . GLU A 1 109 ? 10.488  12.174  2.664   1.00 22.12 ? 108  GLU A CB  1 
ATOM   768  C  CG  . GLU A 1 109 ? 10.583  12.657  1.187   1.00 22.38 ? 108  GLU A CG  1 
ATOM   769  C  CD  . GLU A 1 109 ? 9.654   13.818  0.855   1.00 25.60 ? 108  GLU A CD  1 
ATOM   770  O  OE1 . GLU A 1 109 ? 8.687   14.084  1.612   1.00 26.85 ? 108  GLU A OE1 1 
ATOM   771  O  OE2 . GLU A 1 109 ? 9.870   14.474  -0.192  1.00 26.71 ? 108  GLU A OE2 1 
ATOM   772  N  N   . PRO A 1 110 ? 9.662   12.820  5.727   1.00 22.77 ? 109  PRO A N   1 
ATOM   773  C  CA  . PRO A 1 110 ? 9.350   12.251  7.069   1.00 23.45 ? 109  PRO A CA  1 
ATOM   774  C  C   . PRO A 1 110 ? 9.386   10.744  6.982   1.00 23.09 ? 109  PRO A C   1 
ATOM   775  O  O   . PRO A 1 110 ? 8.813   10.174  6.025   1.00 23.51 ? 109  PRO A O   1 
ATOM   776  C  CB  . PRO A 1 110 ? 7.910   12.721  7.355   1.00 24.09 ? 109  PRO A CB  1 
ATOM   777  C  CG  . PRO A 1 110 ? 7.583   13.727  6.376   1.00 25.44 ? 109  PRO A CG  1 
ATOM   778  C  CD  . PRO A 1 110 ? 8.578   13.675  5.225   1.00 22.70 ? 109  PRO A CD  1 
ATOM   779  N  N   . GLY A 1 111 ? 10.100  10.111  7.915   1.00 22.95 ? 110  GLY A N   1 
ATOM   780  C  CA  . GLY A 1 111 ? 10.286  8.658   7.922   1.00 22.30 ? 110  GLY A CA  1 
ATOM   781  C  C   . GLY A 1 111 ? 10.942  8.075   6.675   1.00 22.27 ? 110  GLY A C   1 
ATOM   782  O  O   . GLY A 1 111 ? 10.942  6.868   6.483   1.00 23.01 ? 110  GLY A O   1 
ATOM   783  N  N   . ASN A 1 112 ? 11.503  8.931   5.819   1.00 22.05 ? 111  ASN A N   1 
ATOM   784  C  CA  . ASN A 1 112 ? 12.026  8.520   4.507   1.00 21.36 ? 111  ASN A CA  1 
ATOM   785  C  C   . ASN A 1 112 ? 10.991  7.836   3.591   1.00 20.18 ? 111  ASN A C   1 
ATOM   786  O  O   . ASN A 1 112 ? 11.367  7.006   2.765   1.00 19.82 ? 111  ASN A O   1 
ATOM   787  C  CB  . ASN A 1 112 ? 13.301  7.679   4.626   1.00 21.35 ? 111  ASN A CB  1 
ATOM   788  C  CG  . ASN A 1 112 ? 14.304  8.281   5.612   1.00 24.80 ? 111  ASN A CG  1 
ATOM   789  O  OD1 . ASN A 1 112 ? 14.626  9.483   5.544   1.00 26.24 ? 111  ASN A OD1 1 
ATOM   790  N  ND2 . ASN A 1 112 ? 14.793  7.454   6.545   1.00 21.59 ? 111  ASN A ND2 1 
ATOM   791  N  N   . TRP A 1 113 ? 9.720   8.243   3.701   1.00 19.74 ? 112  TRP A N   1 
ATOM   792  C  CA  . TRP A 1 113 ? 8.658   7.719   2.815   1.00 19.29 ? 112  TRP A CA  1 
ATOM   793  C  C   . TRP A 1 113 ? 8.230   8.746   1.778   1.00 19.79 ? 112  TRP A C   1 
ATOM   794  O  O   . TRP A 1 113 ? 7.997   9.917   2.122   1.00 19.61 ? 112  TRP A O   1 
ATOM   795  C  CB  . TRP A 1 113 ? 7.370   7.375   3.581   1.00 19.13 ? 112  TRP A CB  1 
ATOM   796  C  CG  . TRP A 1 113 ? 7.489   6.164   4.465   1.00 20.20 ? 112  TRP A CG  1 
ATOM   797  C  CD1 . TRP A 1 113 ? 7.885   6.142   5.775   1.00 20.88 ? 112  TRP A CD1 1 
ATOM   798  C  CD2 . TRP A 1 113 ? 7.202   4.807   4.106   1.00 19.59 ? 112  TRP A CD2 1 
ATOM   799  N  NE1 . TRP A 1 113 ? 7.902   4.845   6.244   1.00 19.43 ? 112  TRP A NE1 1 
ATOM   800  C  CE2 . TRP A 1 113 ? 7.444   4.010   5.256   1.00 19.39 ? 112  TRP A CE2 1 
ATOM   801  C  CE3 . TRP A 1 113 ? 6.754   4.181   2.925   1.00 19.61 ? 112  TRP A CE3 1 
ATOM   802  C  CZ2 . TRP A 1 113 ? 7.256   2.606   5.262   1.00 19.07 ? 112  TRP A CZ2 1 
ATOM   803  C  CZ3 . TRP A 1 113 ? 6.566   2.784   2.925   1.00 19.66 ? 112  TRP A CZ3 1 
ATOM   804  C  CH2 . TRP A 1 113 ? 6.829   2.011   4.081   1.00 19.77 ? 112  TRP A CH2 1 
ATOM   805  N  N   . ALA A 1 114 ? 8.080   8.294   0.535   1.00 19.15 ? 113  ALA A N   1 
ATOM   806  C  CA  . ALA A 1 114 ? 7.508   9.141   -0.517  1.00 19.12 ? 113  ALA A CA  1 
ATOM   807  C  C   . ALA A 1 114 ? 6.131   8.569   -0.866  1.00 19.64 ? 113  ALA A C   1 
ATOM   808  O  O   . ALA A 1 114 ? 5.939   7.346   -0.813  1.00 20.03 ? 113  ALA A O   1 
ATOM   809  C  CB  . ALA A 1 114 ? 8.420   9.135   -1.727  1.00 18.20 ? 113  ALA A CB  1 
ATOM   810  N  N   . PHE A 1 115 ? 5.191   9.448   -1.205  1.00 19.76 ? 114  PHE A N   1 
ATOM   811  C  CA  . PHE A 1 115 ? 3.811   9.093   -1.505  1.00 20.13 ? 114  PHE A CA  1 
ATOM   812  C  C   . PHE A 1 115 ? 3.426   9.492   -2.931  1.00 21.92 ? 114  PHE A C   1 
ATOM   813  O  O   . PHE A 1 115 ? 3.883   10.538  -3.430  1.00 21.72 ? 114  PHE A O   1 
ATOM   814  C  CB  . PHE A 1 115 ? 2.876   9.779   -0.511  1.00 20.34 ? 114  PHE A CB  1 
ATOM   815  C  CG  . PHE A 1 115 ? 2.970   9.206   0.885   1.00 20.49 ? 114  PHE A CG  1 
ATOM   816  C  CD1 . PHE A 1 115 ? 3.970   9.631   1.770   1.00 21.97 ? 114  PHE A CD1 1 
ATOM   817  C  CD2 . PHE A 1 115 ? 2.069   8.224   1.305   1.00 20.84 ? 114  PHE A CD2 1 
ATOM   818  C  CE1 . PHE A 1 115 ? 4.077   9.068   3.068   1.00 19.47 ? 114  PHE A CE1 1 
ATOM   819  C  CE2 . PHE A 1 115 ? 2.170   7.671   2.580   1.00 19.56 ? 114  PHE A CE2 1 
ATOM   820  C  CZ  . PHE A 1 115 ? 3.168   8.079   3.451   1.00 21.99 ? 114  PHE A CZ  1 
ATOM   821  N  N   . TYR A 1 116 ? 2.548   8.696   -3.545  1.00 21.71 ? 115  TYR A N   1 
ATOM   822  C  CA  . TYR A 1 116 ? 2.254   8.793   -4.975  1.00 22.20 ? 115  TYR A CA  1 
ATOM   823  C  C   . TYR A 1 116 ? 0.826   8.462   -5.329  1.00 23.14 ? 115  TYR A C   1 
ATOM   824  O  O   . TYR A 1 116 ? 0.226   7.533   -4.775  1.00 22.07 ? 115  TYR A O   1 
ATOM   825  C  CB  . TYR A 1 116 ? 3.125   7.786   -5.751  1.00 22.10 ? 115  TYR A CB  1 
ATOM   826  C  CG  . TYR A 1 116 ? 4.619   7.944   -5.577  1.00 21.72 ? 115  TYR A CG  1 
ATOM   827  C  CD1 . TYR A 1 116 ? 5.310   7.266   -4.563  1.00 22.08 ? 115  TYR A CD1 1 
ATOM   828  C  CD2 . TYR A 1 116 ? 5.349   8.776   -6.436  1.00 23.43 ? 115  TYR A CD2 1 
ATOM   829  C  CE1 . TYR A 1 116 ? 6.694   7.413   -4.403  1.00 22.65 ? 115  TYR A CE1 1 
ATOM   830  C  CE2 . TYR A 1 116 ? 6.725   8.932   -6.289  1.00 21.04 ? 115  TYR A CE2 1 
ATOM   831  C  CZ  . TYR A 1 116 ? 7.392   8.245   -5.259  1.00 22.46 ? 115  TYR A CZ  1 
ATOM   832  O  OH  . TYR A 1 116 ? 8.749   8.364   -5.116  1.00 20.67 ? 115  TYR A OH  1 
ATOM   833  N  N   . ILE A 1 117 ? 0.323   9.168   -6.337  1.00 22.87 ? 116  ILE A N   1 
ATOM   834  C  CA  . ILE A 1 117 ? -0.918  8.828   -6.971  1.00 23.11 ? 116  ILE A CA  1 
ATOM   835  C  C   . ILE A 1 117 ? -0.656  8.473   -8.429  1.00 23.35 ? 116  ILE A C   1 
ATOM   836  O  O   . ILE A 1 117 ? -0.082  9.289   -9.201  1.00 22.55 ? 116  ILE A O   1 
ATOM   837  C  CB  . ILE A 1 117 ? -1.897  10.009  -6.945  1.00 22.92 ? 116  ILE A CB  1 
ATOM   838  C  CG1 . ILE A 1 117 ? -2.368  10.257  -5.505  1.00 23.24 ? 116  ILE A CG1 1 
ATOM   839  C  CG2 . ILE A 1 117 ? -3.077  9.733   -7.871  1.00 23.24 ? 116  ILE A CG2 1 
ATOM   840  C  CD1 . ILE A 1 117 ? -3.212  11.549  -5.374  1.00 24.27 ? 116  ILE A CD1 1 
ATOM   841  N  N   . PHE A 1 118 ? -1.076  7.276   -8.821  1.00 22.83 ? 117  PHE A N   1 
ATOM   842  C  CA  . PHE A 1 118 ? -1.031  6.921   -10.236 1.00 24.21 ? 117  PHE A CA  1 
ATOM   843  C  C   . PHE A 1 118 ? -2.291  7.325   -10.984 1.00 25.12 ? 117  PHE A C   1 
ATOM   844  O  O   . PHE A 1 118 ? -2.212  7.766   -12.134 1.00 26.02 ? 117  PHE A O   1 
ATOM   845  C  CB  . PHE A 1 118 ? -0.653  5.453   -10.458 1.00 23.89 ? 117  PHE A CB  1 
ATOM   846  C  CG  . PHE A 1 118 ? 0.785   5.188   -10.138 1.00 24.55 ? 117  PHE A CG  1 
ATOM   847  C  CD1 . PHE A 1 118 ? 1.166   4.797   -8.856  1.00 20.68 ? 117  PHE A CD1 1 
ATOM   848  C  CD2 . PHE A 1 118 ? 1.770   5.458   -11.087 1.00 21.77 ? 117  PHE A CD2 1 
ATOM   849  C  CE1 . PHE A 1 118 ? 2.526   4.597   -8.546  1.00 23.72 ? 117  PHE A CE1 1 
ATOM   850  C  CE2 . PHE A 1 118 ? 3.110   5.290   -10.801 1.00 23.51 ? 117  PHE A CE2 1 
ATOM   851  C  CZ  . PHE A 1 118 ? 3.512   4.857   -9.529  1.00 24.16 ? 117  PHE A CZ  1 
ATOM   852  N  N   . TYR A 1 119 ? -3.432  7.168   -10.326 1.00 25.99 ? 118  TYR A N   1 
ATOM   853  C  CA  . TYR A 1 119 ? -4.722  7.704   -10.785 1.00 27.00 ? 118  TYR A CA  1 
ATOM   854  C  C   . TYR A 1 119 ? -5.752  7.624   -9.663  1.00 29.22 ? 118  TYR A C   1 
ATOM   855  O  O   . TYR A 1 119 ? -5.591  6.845   -8.706  1.00 28.19 ? 118  TYR A O   1 
ATOM   856  C  CB  . TYR A 1 119 ? -5.200  7.018   -12.073 1.00 26.25 ? 118  TYR A CB  1 
ATOM   857  C  CG  . TYR A 1 119 ? -5.792  5.621   -11.964 1.00 25.16 ? 118  TYR A CG  1 
ATOM   858  C  CD1 . TYR A 1 119 ? -7.105  5.374   -12.379 1.00 26.26 ? 118  TYR A CD1 1 
ATOM   859  C  CD2 . TYR A 1 119 ? -5.043  4.543   -11.488 1.00 25.23 ? 118  TYR A CD2 1 
ATOM   860  C  CE1 . TYR A 1 119 ? -7.669  4.095   -12.298 1.00 26.36 ? 118  TYR A CE1 1 
ATOM   861  C  CE2 . TYR A 1 119 ? -5.608  3.244   -11.405 1.00 23.27 ? 118  TYR A CE2 1 
ATOM   862  C  CZ  . TYR A 1 119 ? -6.907  3.038   -11.810 1.00 24.17 ? 118  TYR A CZ  1 
ATOM   863  O  OH  . TYR A 1 119 ? -7.441  1.774   -11.754 1.00 24.65 ? 118  TYR A OH  1 
ATOM   864  N  N   . VAL A 1 120 ? -6.763  8.484   -9.758  1.00 31.65 ? 119  VAL A N   1 
ATOM   865  C  CA  . VAL A 1 120 ? -7.926  8.489   -8.863  1.00 34.60 ? 119  VAL A CA  1 
ATOM   866  C  C   . VAL A 1 120 ? -9.128  8.915   -9.709  1.00 36.67 ? 119  VAL A C   1 
ATOM   867  O  O   . VAL A 1 120 ? -8.936  9.344   -10.847 1.00 36.99 ? 119  VAL A O   1 
ATOM   868  C  CB  . VAL A 1 120 ? -7.753  9.408   -7.604  1.00 34.70 ? 119  VAL A CB  1 
ATOM   869  C  CG1 . VAL A 1 120 ? -6.777  8.806   -6.598  1.00 35.13 ? 119  VAL A CG1 1 
ATOM   870  C  CG2 . VAL A 1 120 ? -7.345  10.844  -7.981  1.00 34.63 ? 119  VAL A CG2 1 
ATOM   871  N  N   . PRO A 1 121 ? -10.366 8.759   -9.190  1.00 39.01 ? 120  PRO A N   1 
ATOM   872  C  CA  . PRO A 1 121 ? -11.495 9.348   -9.908  1.00 40.93 ? 120  PRO A CA  1 
ATOM   873  C  C   . PRO A 1 121 ? -11.091 10.726  -10.422 1.00 42.60 ? 120  PRO A C   1 
ATOM   874  O  O   . PRO A 1 121 ? -10.629 11.578  -9.650  1.00 43.14 ? 120  PRO A O   1 
ATOM   875  C  CB  . PRO A 1 121 ? -12.574 9.426   -8.840  1.00 41.05 ? 120  PRO A CB  1 
ATOM   876  C  CG  . PRO A 1 121 ? -12.312 8.201   -8.010  1.00 40.71 ? 120  PRO A CG  1 
ATOM   877  C  CD  . PRO A 1 121 ? -10.807 8.058   -7.968  1.00 39.25 ? 120  PRO A CD  1 
ATOM   878  N  N   . ASP A 1 122 ? -11.357 10.927  -11.705 1.00 44.43 ? 121  ASP A N   1 
ATOM   879  C  CA  . ASP A 1 122 ? -10.455 11.582  -12.667 1.00 46.22 ? 121  ASP A CA  1 
ATOM   880  C  C   . ASP A 1 122 ? -9.312  12.579  -12.404 1.00 46.20 ? 121  ASP A C   1 
ATOM   881  O  O   . ASP A 1 122 ? -9.432  13.795  -12.621 1.00 46.75 ? 121  ASP A O   1 
ATOM   882  C  CB  . ASP A 1 122 ? -11.167 11.881  -13.985 1.00 47.22 ? 121  ASP A CB  1 
ATOM   883  C  CG  . ASP A 1 122 ? -11.196 10.662  -14.887 1.00 50.22 ? 121  ASP A CG  1 
ATOM   884  O  OD1 . ASP A 1 122 ? -11.901 9.684   -14.516 1.00 52.19 ? 121  ASP A OD1 1 
ATOM   885  O  OD2 . ASP A 1 122 ? -10.492 10.677  -15.939 1.00 53.27 ? 121  ASP A OD2 1 
ATOM   886  N  N   . THR A 1 123 ? -8.196  12.008  -11.962 1.00 45.45 ? 122  THR A N   1 
ATOM   887  C  CA  . THR A 1 123 ? -6.905  12.347  -12.516 1.00 44.88 ? 122  THR A CA  1 
ATOM   888  C  C   . THR A 1 123 ? -6.565  11.112  -13.362 1.00 44.08 ? 122  THR A C   1 
ATOM   889  O  O   . THR A 1 123 ? -6.463  9.996   -12.819 1.00 44.04 ? 122  THR A O   1 
ATOM   890  C  CB  . THR A 1 123 ? -5.790  12.647  -11.453 1.00 45.30 ? 122  THR A CB  1 
ATOM   891  O  OG1 . THR A 1 123 ? -5.148  11.437  -11.032 1.00 46.61 ? 122  THR A OG1 1 
ATOM   892  C  CG2 . THR A 1 123 ? -6.332  13.406  -10.240 1.00 45.23 ? 122  THR A CG2 1 
ATOM   893  N  N   . PRO A 1 124 ? -6.433  11.281  -14.696 1.00 42.88 ? 123  PRO A N   1 
ATOM   894  C  CA  . PRO A 1 124 ? -6.064  10.148  -15.554 1.00 41.44 ? 123  PRO A CA  1 
ATOM   895  C  C   . PRO A 1 124 ? -4.763  9.459   -15.120 1.00 39.83 ? 123  PRO A C   1 
ATOM   896  O  O   . PRO A 1 124 ? -3.904  10.082  -14.491 1.00 39.68 ? 123  PRO A O   1 
ATOM   897  C  CB  . PRO A 1 124 ? -5.867  10.794  -16.939 1.00 41.71 ? 123  PRO A CB  1 
ATOM   898  C  CG  . PRO A 1 124 ? -5.748  12.262  -16.682 1.00 42.28 ? 123  PRO A CG  1 
ATOM   899  C  CD  . PRO A 1 124 ? -6.618  12.515  -15.485 1.00 43.22 ? 123  PRO A CD  1 
ATOM   900  N  N   . LEU A 1 125 ? -4.643  8.183   -15.472 1.00 38.24 ? 124  LEU A N   1 
ATOM   901  C  CA  . LEU A 1 125 ? -3.467  7.369   -15.181 1.00 36.43 ? 124  LEU A CA  1 
ATOM   902  C  C   . LEU A 1 125 ? -2.168  7.907   -15.792 1.00 35.63 ? 124  LEU A C   1 
ATOM   903  O  O   . LEU A 1 125 ? -2.120  8.255   -16.977 1.00 35.46 ? 124  LEU A O   1 
ATOM   904  C  CB  . LEU A 1 125 ? -3.704  5.927   -15.650 1.00 36.56 ? 124  LEU A CB  1 
ATOM   905  C  CG  . LEU A 1 125 ? -2.612  4.883   -15.395 1.00 36.02 ? 124  LEU A CG  1 
ATOM   906  C  CD1 . LEU A 1 125 ? -2.324  4.693   -13.896 1.00 34.84 ? 124  LEU A CD1 1 
ATOM   907  C  CD2 . LEU A 1 125 ? -2.985  3.544   -16.028 1.00 36.53 ? 124  LEU A CD2 1 
ATOM   908  N  N   . VAL A 1 126 ? -1.116  7.956   -14.975 1.00 33.19 ? 125  VAL A N   1 
ATOM   909  C  CA  . VAL A 1 126 ? 0.242   8.258   -15.444 1.00 31.47 ? 125  VAL A CA  1 
ATOM   910  C  C   . VAL A 1 126 ? 1.122   6.998   -15.394 1.00 30.37 ? 125  VAL A C   1 
ATOM   911  O  O   . VAL A 1 126 ? 0.916   6.136   -14.526 1.00 29.86 ? 125  VAL A O   1 
ATOM   912  C  CB  . VAL A 1 126 ? 0.890   9.399   -14.611 1.00 31.39 ? 125  VAL A CB  1 
ATOM   913  C  CG1 . VAL A 1 126 ? 0.137   10.709  -14.821 1.00 32.53 ? 125  VAL A CG1 1 
ATOM   914  C  CG2 . VAL A 1 126 ? 0.907   9.047   -13.115 1.00 31.16 ? 125  VAL A CG2 1 
ATOM   915  N  N   . ALA A 1 127 ? 2.076   6.870   -16.322 1.00 28.50 ? 126  ALA A N   1 
ATOM   916  C  CA  . ALA A 1 127 ? 3.027   5.746   -16.294 1.00 28.00 ? 126  ALA A CA  1 
ATOM   917  C  C   . ALA A 1 127 ? 4.033   5.908   -15.161 1.00 26.93 ? 126  ALA A C   1 
ATOM   918  O  O   . ALA A 1 127 ? 4.577   4.928   -14.644 1.00 26.48 ? 126  ALA A O   1 
ATOM   919  C  CB  . ALA A 1 127 ? 3.764   5.622   -17.634 1.00 28.38 ? 126  ALA A CB  1 
ATOM   920  N  N   . ALA A 1 128 ? 4.285   7.167   -14.815 1.00 26.49 ? 127  ALA A N   1 
ATOM   921  C  CA  . ALA A 1 128 ? 5.236   7.524   -13.766 1.00 26.08 ? 127  ALA A CA  1 
ATOM   922  C  C   . ALA A 1 128 ? 4.672   8.668   -12.942 1.00 25.77 ? 127  ALA A C   1 
ATOM   923  O  O   . ALA A 1 128 ? 4.023   9.584   -13.484 1.00 26.54 ? 127  ALA A O   1 
ATOM   924  C  CB  . ALA A 1 128 ? 6.595   7.886   -14.368 1.00 26.94 ? 127  ALA A CB  1 
ATOM   925  N  N   . ALA A 1 129 ? 4.897   8.609   -11.628 1.00 25.41 ? 128  ALA A N   1 
ATOM   926  C  CA  . ALA A 1 129 ? 4.314   9.553   -10.672 1.00 25.04 ? 128  ALA A CA  1 
ATOM   927  C  C   . ALA A 1 129 ? 5.402   10.304  -9.892  1.00 25.55 ? 128  ALA A C   1 
ATOM   928  O  O   . ALA A 1 129 ? 6.411   9.733   -9.517  1.00 24.04 ? 128  ALA A O   1 
ATOM   929  C  CB  . ALA A 1 129 ? 3.388   8.787   -9.681  1.00 24.82 ? 128  ALA A CB  1 
ATOM   930  N  N   . LYS A 1 130 ? 5.147   11.583  -9.626  1.00 27.13 ? 129  LYS A N   1 
ATOM   931  C  CA  . LYS A 1 130 ? 6.028   12.415  -8.814  1.00 29.38 ? 129  LYS A CA  1 
ATOM   932  C  C   . LYS A 1 130 ? 5.611   12.313  -7.334  1.00 28.45 ? 129  LYS A C   1 
ATOM   933  O  O   . LYS A 1 130 ? 4.423   12.280  -7.036  1.00 27.66 ? 129  LYS A O   1 
ATOM   934  C  CB  . LYS A 1 130 ? 5.921   13.874  -9.278  1.00 29.03 ? 129  LYS A CB  1 
ATOM   935  C  CG  . LYS A 1 130 ? 7.114   14.744  -8.854  1.00 34.10 ? 129  LYS A CG  1 
ATOM   936  C  CD  . LYS A 1 130 ? 6.886   16.267  -9.137  1.00 33.06 ? 129  LYS A CD  1 
ATOM   937  C  CE  . LYS A 1 130 ? 6.791   16.609  -10.631 1.00 38.18 ? 129  LYS A CE  1 
ATOM   938  N  NZ  . LYS A 1 130 ? 6.794   18.116  -10.817 1.00 38.99 ? 129  LYS A NZ  1 
ATOM   939  N  N   . ASN A 1 131 ? 6.591   12.291  -6.433  1.00 28.48 ? 130  ASN A N   1 
ATOM   940  C  CA  . ASN A 1 131 ? 6.333   12.297  -4.979  1.00 29.52 ? 130  ASN A CA  1 
ATOM   941  C  C   . ASN A 1 131 ? 5.543   13.520  -4.513  1.00 29.44 ? 130  ASN A C   1 
ATOM   942  O  O   . ASN A 1 131 ? 5.817   14.666  -4.921  1.00 28.47 ? 130  ASN A O   1 
ATOM   943  C  CB  . ASN A 1 131 ? 7.628   12.098  -4.162  1.00 30.62 ? 130  ASN A CB  1 
ATOM   944  C  CG  . ASN A 1 131 ? 8.780   13.011  -4.613  1.00 31.74 ? 130  ASN A CG  1 
ATOM   945  O  OD1 . ASN A 1 131 ? 9.076   13.991  -3.960  1.00 37.50 ? 130  ASN A OD1 1 
ATOM   946  N  ND2 . ASN A 1 131 ? 9.425   12.680  -5.729  1.00 37.83 ? 130  ASN A ND2 1 
ATOM   947  N  N   . LEU A 1 132 ? 4.535   13.279  -3.680  1.00 28.37 ? 131  LEU A N   1 
ATOM   948  C  CA  . LEU A 1 132 ? 3.608   14.331  -3.328  1.00 28.13 ? 131  LEU A CA  1 
ATOM   949  C  C   . LEU A 1 132 ? 4.036   15.096  -2.064  1.00 28.79 ? 131  LEU A C   1 
ATOM   950  O  O   . LEU A 1 132 ? 4.765   14.548  -1.219  1.00 28.69 ? 131  LEU A O   1 
ATOM   951  C  CB  . LEU A 1 132 ? 2.180   13.789  -3.243  1.00 27.54 ? 131  LEU A CB  1 
ATOM   952  C  CG  . LEU A 1 132 ? 1.615   13.188  -4.532  1.00 27.89 ? 131  LEU A CG  1 
ATOM   953  C  CD1 . LEU A 1 132 ? 0.327   12.454  -4.264  1.00 26.52 ? 131  LEU A CD1 1 
ATOM   954  C  CD2 . LEU A 1 132 ? 1.429   14.256  -5.661  1.00 25.86 ? 131  LEU A CD2 1 
ATOM   955  N  N   . PRO A 1 133 ? 3.573   16.359  -1.932  1.00 29.89 ? 132  PRO A N   1 
ATOM   956  C  CA  . PRO A 1 133 ? 3.917   17.203  -0.785  1.00 29.99 ? 132  PRO A CA  1 
ATOM   957  C  C   . PRO A 1 133 ? 3.440   16.570  0.527   1.00 30.21 ? 132  PRO A C   1 
ATOM   958  O  O   . PRO A 1 133 ? 2.443   15.851  0.530   1.00 29.09 ? 132  PRO A O   1 
ATOM   959  C  CB  . PRO A 1 133 ? 3.105   18.482  -1.023  1.00 30.35 ? 132  PRO A CB  1 
ATOM   960  C  CG  . PRO A 1 133 ? 2.745   18.479  -2.465  1.00 30.26 ? 132  PRO A CG  1 
ATOM   961  C  CD  . PRO A 1 133 ? 2.666   17.047  -2.880  1.00 29.28 ? 132  PRO A CD  1 
ATOM   962  N  N   . THR A 1 134 ? 4.120   16.880  1.634   1.00 30.68 ? 133  THR A N   1 
ATOM   963  C  CA  . THR A 1 134 ? 3.826   16.234  2.906   1.00 30.86 ? 133  THR A CA  1 
ATOM   964  C  C   . THR A 1 134 ? 2.436   16.618  3.419   1.00 31.09 ? 133  THR A C   1 
ATOM   965  O  O   . THR A 1 134 ? 1.793   15.808  4.072   1.00 31.28 ? 133  THR A O   1 
ATOM   966  C  CB  . THR A 1 134 ? 4.881   16.546  3.989   1.00 31.57 ? 133  THR A CB  1 
ATOM   967  O  OG1 . THR A 1 134 ? 4.901   17.959  4.200   1.00 34.38 ? 133  THR A OG1 1 
ATOM   968  C  CG2 . THR A 1 134 ? 6.279   16.068  3.595   1.00 29.18 ? 133  THR A CG2 1 
ATOM   969  N  N   . ALA A 1 135 ? 1.952   17.835  3.130   1.00 30.85 ? 134  ALA A N   1 
ATOM   970  C  CA  . ALA A 1 135 ? 0.617   18.222  3.603   1.00 30.36 ? 134  ALA A CA  1 
ATOM   971  C  C   . ALA A 1 135 ? -0.466  17.363  2.974   1.00 29.62 ? 134  ALA A C   1 
ATOM   972  O  O   . ALA A 1 135 ? -1.525  17.131  3.577   1.00 29.33 ? 134  ALA A O   1 
ATOM   973  C  CB  . ALA A 1 135 ? 0.337   19.703  3.325   1.00 30.76 ? 134  ALA A CB  1 
ATOM   974  N  N   . GLU A 1 136 ? -0.195  16.887  1.759   1.00 28.03 ? 135  GLU A N   1 
ATOM   975  C  CA  . GLU A 1 136 ? -1.170  16.135  0.996   1.00 26.97 ? 135  GLU A CA  1 
ATOM   976  C  C   . GLU A 1 136 ? -1.281  14.678  1.478   1.00 26.06 ? 135  GLU A C   1 
ATOM   977  O  O   . GLU A 1 136 ? -2.374  14.110  1.441   1.00 26.06 ? 135  GLU A O   1 
ATOM   978  C  CB  . GLU A 1 136 ? -0.814  16.140  -0.494  1.00 27.00 ? 135  GLU A CB  1 
ATOM   979  C  CG  . GLU A 1 136 ? -1.917  15.550  -1.352  1.00 28.29 ? 135  GLU A CG  1 
ATOM   980  C  CD  . GLU A 1 136 ? -1.684  15.720  -2.844  1.00 30.32 ? 135  GLU A CD  1 
ATOM   981  O  OE1 . GLU A 1 136 ? -0.686  16.369  -3.236  1.00 31.30 ? 135  GLU A OE1 1 
ATOM   982  O  OE2 . GLU A 1 136 ? -2.513  15.207  -3.620  1.00 30.77 ? 135  GLU A OE2 1 
ATOM   983  N  N   . CYS A 1 137 ? -0.157  14.079  1.878   1.00 25.19 ? 136  CYS A N   1 
ATOM   984  C  CA  . CYS A 1 137 ? -0.133  12.622  2.173   1.00 24.89 ? 136  CYS A CA  1 
ATOM   985  C  C   . CYS A 1 137 ? 0.588   12.256  3.454   1.00 24.83 ? 136  CYS A C   1 
ATOM   986  O  O   . CYS A 1 137 ? -0.043  11.738  4.377   1.00 24.73 ? 136  CYS A O   1 
ATOM   987  C  CB  . CYS A 1 137 ? 0.496   11.839  1.012   1.00 24.49 ? 136  CYS A CB  1 
ATOM   988  S  SG  . CYS A 1 137 ? -0.207  12.214  -0.611  1.00 23.85 ? 136  CYS A SG  1 
ATOM   989  N  N   . ALA A 1 138 ? 1.899   12.506  3.497   1.00 24.60 ? 137  ALA A N   1 
ATOM   990  C  CA  . ALA A 1 138 ? 2.723   12.126  4.655   1.00 24.78 ? 137  ALA A CA  1 
ATOM   991  C  C   . ALA A 1 138 ? 2.256   12.665  5.998   1.00 24.77 ? 137  ALA A C   1 
ATOM   992  O  O   . ALA A 1 138 ? 2.453   11.991  7.014   1.00 24.31 ? 137  ALA A O   1 
ATOM   993  C  CB  . ALA A 1 138 ? 4.193   12.468  4.442   1.00 24.89 ? 137  ALA A CB  1 
ATOM   994  N  N   . ALA A 1 139 ? 1.648   13.859  6.009   1.00 24.68 ? 138  ALA A N   1 
ATOM   995  C  CA  . ALA A 1 139 ? 1.223   14.496  7.264   1.00 25.26 ? 138  ALA A CA  1 
ATOM   996  C  C   . ALA A 1 139 ? 0.223   13.602  7.973   1.00 25.05 ? 138  ALA A C   1 
ATOM   997  O  O   . ALA A 1 139 ? 0.394   13.314  9.143   1.00 25.39 ? 138  ALA A O   1 
ATOM   998  C  CB  . ALA A 1 139 ? 0.610   15.895  7.022   1.00 25.08 ? 138  ALA A CB  1 
ATOM   999  N  N   . CYS A 1 140 ? -0.820  13.167  7.271   1.00 24.77 ? 139  CYS A N   1 
ATOM   1000 C  CA  . CYS A 1 140 ? -1.803  12.306  7.918   1.00 24.35 ? 139  CYS A CA  1 
ATOM   1001 C  C   . CYS A 1 140 ? -1.209  10.989  8.408   1.00 24.13 ? 139  CYS A C   1 
ATOM   1002 O  O   . CYS A 1 140 ? -1.489  10.541  9.528   1.00 23.23 ? 139  CYS A O   1 
ATOM   1003 C  CB  . CYS A 1 140 ? -2.973  12.032  6.999   1.00 24.02 ? 139  CYS A CB  1 
ATOM   1004 S  SG  . CYS A 1 140 ? -4.243  10.982  7.776   1.00 24.92 ? 139  CYS A SG  1 
ATOM   1005 N  N   . HIS A 1 141 ? -0.401  10.370  7.552   1.00 23.45 ? 140  HIS A N   1 
ATOM   1006 C  CA  . HIS A 1 141 ? 0.253   9.105   7.876   1.00 23.40 ? 140  HIS A CA  1 
ATOM   1007 C  C   . HIS A 1 141 ? 1.145   9.197   9.113   1.00 23.88 ? 140  HIS A C   1 
ATOM   1008 O  O   . HIS A 1 141 ? 1.032   8.367   10.016  1.00 23.26 ? 140  HIS A O   1 
ATOM   1009 C  CB  . HIS A 1 141 ? 1.005   8.553   6.650   1.00 22.72 ? 140  HIS A CB  1 
ATOM   1010 C  CG  . HIS A 1 141 ? 0.092   7.929   5.627   1.00 21.30 ? 140  HIS A CG  1 
ATOM   1011 N  ND1 . HIS A 1 141 ? 0.091   6.574   5.359   1.00 21.24 ? 140  HIS A ND1 1 
ATOM   1012 C  CD2 . HIS A 1 141 ? -0.845  8.471   4.807   1.00 20.14 ? 140  HIS A CD2 1 
ATOM   1013 C  CE1 . HIS A 1 141 ? -0.822  6.306   4.441   1.00 18.86 ? 140  HIS A CE1 1 
ATOM   1014 N  NE2 . HIS A 1 141 ? -1.405  7.439   4.082   1.00 21.61 ? 140  HIS A NE2 1 
ATOM   1015 N  N   . LYS A 1 142 ? 2.019   10.204  9.163   1.00 24.61 ? 141  LYS A N   1 
ATOM   1016 C  CA  . LYS A 1 142 ? 2.961   10.323  10.274  1.00 26.56 ? 141  LYS A CA  1 
ATOM   1017 C  C   . LYS A 1 142 ? 2.253   10.725  11.562  1.00 26.69 ? 141  LYS A C   1 
ATOM   1018 O  O   . LYS A 1 142 ? 2.744   10.433  12.658  1.00 27.34 ? 141  LYS A O   1 
ATOM   1019 C  CB  . LYS A 1 142 ? 4.086   11.303  9.932   1.00 25.67 ? 141  LYS A CB  1 
ATOM   1020 C  CG  . LYS A 1 142 ? 3.667   12.772  9.975   1.00 26.92 ? 141  LYS A CG  1 
ATOM   1021 C  CD  . LYS A 1 142 ? 4.741   13.680  9.349   1.00 28.50 ? 141  LYS A CD  1 
ATOM   1022 C  CE  . LYS A 1 142 ? 4.363   15.154  9.544   1.00 31.83 ? 141  LYS A CE  1 
ATOM   1023 N  NZ  . LYS A 1 142 ? 4.766   15.552  10.924  1.00 33.35 ? 141  LYS A NZ  1 
ATOM   1024 N  N   . GLU A 1 143 ? 1.100   11.371  11.418  1.00 27.23 ? 142  GLU A N   1 
ATOM   1025 C  CA  . GLU A 1 143 ? 0.286   11.786  12.557  1.00 28.66 ? 142  GLU A CA  1 
ATOM   1026 C  C   . GLU A 1 143 ? -0.556  10.671  13.152  1.00 27.72 ? 142  GLU A C   1 
ATOM   1027 O  O   . GLU A 1 143 ? -0.856  10.693  14.353  1.00 27.97 ? 142  GLU A O   1 
ATOM   1028 C  CB  . GLU A 1 143 ? -0.617  12.974  12.177  1.00 28.98 ? 142  GLU A CB  1 
ATOM   1029 C  CG  . GLU A 1 143 ? 0.163   14.306  12.214  1.00 33.59 ? 142  GLU A CG  1 
ATOM   1030 C  CD  . GLU A 1 143 ? -0.397  15.393  11.305  1.00 36.80 ? 142  GLU A CD  1 
ATOM   1031 O  OE1 . GLU A 1 143 ? -1.612  15.388  11.011  1.00 38.65 ? 142  GLU A OE1 1 
ATOM   1032 O  OE2 . GLU A 1 143 ? 0.407   16.260  10.885  1.00 39.27 ? 142  GLU A OE2 1 
ATOM   1033 N  N   . ASN A 1 144 ? -0.928  9.683   12.330  1.00 26.42 ? 143  ASN A N   1 
ATOM   1034 C  CA  . ASN A 1 144 ? -1.991  8.762   12.723  1.00 25.36 ? 143  ASN A CA  1 
ATOM   1035 C  C   . ASN A 1 144 ? -1.670  7.293   12.562  1.00 24.21 ? 143  ASN A C   1 
ATOM   1036 O  O   . ASN A 1 144 ? -2.312  6.438   13.191  1.00 23.15 ? 143  ASN A O   1 
ATOM   1037 C  CB  . ASN A 1 144 ? -3.276  9.072   11.966  1.00 24.99 ? 143  ASN A CB  1 
ATOM   1038 C  CG  . ASN A 1 144 ? -3.845  10.428  12.327  1.00 27.65 ? 143  ASN A CG  1 
ATOM   1039 O  OD1 . ASN A 1 144 ? -4.245  10.649  13.472  1.00 25.97 ? 143  ASN A OD1 1 
ATOM   1040 N  ND2 . ASN A 1 144 ? -3.886  11.339  11.360  1.00 24.23 ? 143  ASN A ND2 1 
ATOM   1041 N  N   . ALA A 1 145 ? -0.719  6.979   11.685  1.00 22.37 ? 144  ALA A N   1 
ATOM   1042 C  CA  . ALA A 1 145 ? -0.432  5.561   11.451  1.00 22.17 ? 144  ALA A CA  1 
ATOM   1043 C  C   . ALA A 1 145 ? 0.272   4.920   12.646  1.00 20.64 ? 144  ALA A C   1 
ATOM   1044 O  O   . ALA A 1 145 ? 1.156   5.523   13.255  1.00 21.58 ? 144  ALA A O   1 
ATOM   1045 C  CB  . ALA A 1 145 ? 0.380   5.386   10.188  1.00 21.68 ? 144  ALA A CB  1 
ATOM   1046 N  N   . LYS A 1 146 ? -0.083  3.673   12.949  1.00 20.47 ? 145  LYS A N   1 
ATOM   1047 C  CA  . LYS A 1 146 ? 0.504   2.998   14.097  1.00 19.89 ? 145  LYS A CA  1 
ATOM   1048 C  C   . LYS A 1 146 ? 2.016   2.780   13.965  1.00 20.28 ? 145  LYS A C   1 
ATOM   1049 O  O   . LYS A 1 146 ? 2.761   2.934   14.939  1.00 18.85 ? 145  LYS A O   1 
ATOM   1050 C  CB  . LYS A 1 146 ? -0.203  1.663   14.369  1.00 19.33 ? 145  LYS A CB  1 
ATOM   1051 C  CG  . LYS A 1 146 ? 0.339   0.933   15.602  1.00 18.92 ? 145  LYS A CG  1 
ATOM   1052 C  CD  . LYS A 1 146 ? -0.451  -0.351  15.834  1.00 19.47 ? 145  LYS A CD  1 
ATOM   1053 C  CE  . LYS A 1 146 ? 0.201   -1.155  16.946  1.00 20.57 ? 145  LYS A CE  1 
ATOM   1054 N  NZ  . LYS A 1 146 ? -0.351  -2.544  16.961  1.00 23.77 ? 145  LYS A NZ  1 
ATOM   1055 N  N   . THR A 1 147 ? 2.480   2.391   12.775  1.00 19.14 ? 146  THR A N   1 
ATOM   1056 C  CA  . THR A 1 147 ? 3.834   1.849   12.657  1.00 20.07 ? 146  THR A CA  1 
ATOM   1057 C  C   . THR A 1 147 ? 4.573   2.410   11.455  1.00 19.75 ? 146  THR A C   1 
ATOM   1058 O  O   . THR A 1 147 ? 4.308   2.004   10.326  1.00 19.04 ? 146  THR A O   1 
ATOM   1059 C  CB  . THR A 1 147 ? 3.823   0.291   12.536  1.00 20.71 ? 146  THR A CB  1 
ATOM   1060 O  OG1 . THR A 1 147 ? 3.017   -0.272  13.575  1.00 22.55 ? 146  THR A OG1 1 
ATOM   1061 C  CG2 . THR A 1 147 ? 5.248   -0.284  12.593  1.00 21.73 ? 146  THR A CG2 1 
ATOM   1062 N  N   . ASP A 1 148 ? 5.493   3.347   11.715  1.00 19.83 ? 147  ASP A N   1 
ATOM   1063 C  CA  . ASP A 1 148 ? 6.406   3.839   10.680  1.00 20.72 ? 147  ASP A CA  1 
ATOM   1064 C  C   . ASP A 1 148 ? 5.643   4.299   9.425   1.00 20.24 ? 147  ASP A C   1 
ATOM   1065 O  O   . ASP A 1 148 ? 5.974   3.904   8.296   1.00 20.73 ? 147  ASP A O   1 
ATOM   1066 C  CB  . ASP A 1 148 ? 7.413   2.721   10.358  1.00 20.25 ? 147  ASP A CB  1 
ATOM   1067 C  CG  . ASP A 1 148 ? 8.597   3.199   9.495   1.00 22.56 ? 147  ASP A CG  1 
ATOM   1068 O  OD1 . ASP A 1 148 ? 8.813   4.417   9.357   1.00 24.12 ? 147  ASP A OD1 1 
ATOM   1069 O  OD2 . ASP A 1 148 ? 9.288   2.324   8.966   1.00 23.39 ? 147  ASP A OD2 1 
ATOM   1070 N  N   . MET A 1 149 ? 4.592   5.086   9.652   1.00 20.63 ? 148  MET A N   1 
ATOM   1071 C  CA  . MET A 1 149 ? 3.811   5.749   8.610   1.00 20.24 ? 148  MET A CA  1 
ATOM   1072 C  C   . MET A 1 149 ? 2.940   4.831   7.754   1.00 19.68 ? 148  MET A C   1 
ATOM   1073 O  O   . MET A 1 149 ? 2.416   5.243   6.713   1.00 19.88 ? 148  MET A O   1 
ATOM   1074 C  CB  . MET A 1 149 ? 4.692   6.703   7.786   1.00 19.81 ? 148  MET A CB  1 
ATOM   1075 C  CG  . MET A 1 149 ? 5.040   7.914   8.641   1.00 21.68 ? 148  MET A CG  1 
ATOM   1076 S  SD  . MET A 1 149 ? 6.329   8.939   7.973   1.00 23.33 ? 148  MET A SD  1 
ATOM   1077 C  CE  . MET A 1 149 ? 5.628   9.485   6.403   1.00 24.32 ? 148  MET A CE  1 
ATOM   1078 N  N   . VAL A 1 150 ? 2.780   3.597   8.226   1.00 18.51 ? 149  VAL A N   1 
ATOM   1079 C  CA  . VAL A 1 150 ? 1.858   2.605   7.622   1.00 17.74 ? 149  VAL A CA  1 
ATOM   1080 C  C   . VAL A 1 150 ? 0.773   2.262   8.662   1.00 17.30 ? 149  VAL A C   1 
ATOM   1081 O  O   . VAL A 1 150 ? 1.099   2.051   9.854   1.00 15.77 ? 149  VAL A O   1 
ATOM   1082 C  CB  . VAL A 1 150 ? 2.615   1.320   7.223   1.00 18.65 ? 149  VAL A CB  1 
ATOM   1083 C  CG1 . VAL A 1 150 ? 1.655   0.287   6.591   1.00 18.41 ? 149  VAL A CG1 1 
ATOM   1084 C  CG2 . VAL A 1 150 ? 3.771   1.653   6.228   1.00 19.44 ? 149  VAL A CG2 1 
ATOM   1085 N  N   . PHE A 1 151 ? -0.485  2.204   8.203   1.00 16.85 ? 150  PHE A N   1 
ATOM   1086 C  CA  . PHE A 1 151 ? -1.659  1.998   9.071   1.00 17.30 ? 150  PHE A CA  1 
ATOM   1087 C  C   . PHE A 1 151 ? -1.867  0.532   9.475   1.00 16.52 ? 150  PHE A C   1 
ATOM   1088 O  O   . PHE A 1 151 ? -2.926  -0.070  9.230   1.00 17.52 ? 150  PHE A O   1 
ATOM   1089 C  CB  . PHE A 1 151 ? -2.916  2.593   8.401   1.00 17.14 ? 150  PHE A CB  1 
ATOM   1090 C  CG  . PHE A 1 151 ? -2.960  4.099   8.470   1.00 20.29 ? 150  PHE A CG  1 
ATOM   1091 C  CD1 . PHE A 1 151 ? -2.507  4.872   7.399   1.00 19.36 ? 150  PHE A CD1 1 
ATOM   1092 C  CD2 . PHE A 1 151 ? -3.423  4.737   9.624   1.00 20.39 ? 150  PHE A CD2 1 
ATOM   1093 C  CE1 . PHE A 1 151 ? -2.519  6.296   7.478   1.00 20.36 ? 150  PHE A CE1 1 
ATOM   1094 C  CE2 . PHE A 1 151 ? -3.462  6.137   9.715   1.00 22.16 ? 150  PHE A CE2 1 
ATOM   1095 C  CZ  . PHE A 1 151 ? -2.994  6.924   8.637   1.00 21.26 ? 150  PHE A CZ  1 
ATOM   1096 N  N   . THR A 1 152 ? -0.836  -0.021  10.099  1.00 16.57 ? 151  THR A N   1 
ATOM   1097 C  CA  . THR A 1 152 ? -0.803  -1.440  10.451  1.00 17.30 ? 151  THR A CA  1 
ATOM   1098 C  C   . THR A 1 152 ? -1.884  -1.779  11.483  1.00 17.22 ? 151  THR A C   1 
ATOM   1099 O  O   . THR A 1 152 ? -2.255  -2.943  11.618  1.00 17.83 ? 151  THR A O   1 
ATOM   1100 C  CB  . THR A 1 152 ? 0.560   -1.881  10.981  1.00 16.73 ? 151  THR A CB  1 
ATOM   1101 O  OG1 . THR A 1 152 ? 0.827   -1.272  12.249  1.00 18.15 ? 151  THR A OG1 1 
ATOM   1102 C  CG2 . THR A 1 152 ? 1.714   -1.508  9.992   1.00 16.39 ? 151  THR A CG2 1 
ATOM   1103 N  N   . GLN A 1 153 ? -2.406  -0.771  12.169  1.00 18.67 ? 152  GLN A N   1 
ATOM   1104 C  CA  . GLN A 1 153 ? -3.543  -1.021  13.106  1.00 19.28 ? 152  GLN A CA  1 
ATOM   1105 C  C   . GLN A 1 153 ? -4.750  -1.649  12.380  1.00 19.20 ? 152  GLN A C   1 
ATOM   1106 O  O   . GLN A 1 153 ? -5.629  -2.257  13.018  1.00 20.03 ? 152  GLN A O   1 
ATOM   1107 C  CB  . GLN A 1 153 ? -3.962  0.248   13.846  1.00 19.76 ? 152  GLN A CB  1 
ATOM   1108 C  CG  . GLN A 1 153 ? -4.577  1.391   12.987  1.00 20.78 ? 152  GLN A CG  1 
ATOM   1109 C  CD  . GLN A 1 153 ? -3.592  2.533   12.720  1.00 19.51 ? 152  GLN A CD  1 
ATOM   1110 O  OE1 . GLN A 1 153 ? -3.868  3.699   13.046  1.00 25.10 ? 152  GLN A OE1 1 
ATOM   1111 N  NE2 . GLN A 1 153 ? -2.447  2.209   12.138  1.00 15.61 ? 152  GLN A NE2 1 
ATOM   1112 N  N   . PHE A 1 154 ? -4.788  -1.515  11.049  1.00 18.50 ? 153  PHE A N   1 
ATOM   1113 C  CA  . PHE A 1 154 ? -5.900  -2.028  10.249  1.00 19.30 ? 153  PHE A CA  1 
ATOM   1114 C  C   . PHE A 1 154 ? -5.573  -3.253  9.383   1.00 19.15 ? 153  PHE A C   1 
ATOM   1115 O  O   . PHE A 1 154 ? -6.435  -3.704  8.613   1.00 18.92 ? 153  PHE A O   1 
ATOM   1116 C  CB  . PHE A 1 154 ? -6.468  -0.907  9.362   1.00 18.69 ? 153  PHE A CB  1 
ATOM   1117 C  CG  . PHE A 1 154 ? -6.873  0.314   10.138  1.00 20.89 ? 153  PHE A CG  1 
ATOM   1118 C  CD1 . PHE A 1 154 ? -6.455  1.578   9.719   1.00 22.04 ? 153  PHE A CD1 1 
ATOM   1119 C  CD2 . PHE A 1 154 ? -7.679  0.199   11.309  1.00 19.79 ? 153  PHE A CD2 1 
ATOM   1120 C  CE1 . PHE A 1 154 ? -6.806  2.716   10.442  1.00 21.54 ? 153  PHE A CE1 1 
ATOM   1121 C  CE2 . PHE A 1 154 ? -8.035  1.332   12.019  1.00 21.26 ? 153  PHE A CE2 1 
ATOM   1122 C  CZ  . PHE A 1 154 ? -7.588  2.591   11.591  1.00 20.39 ? 153  PHE A CZ  1 
ATOM   1123 N  N   . TYR A 1 155 ? -4.343  -3.773  9.503   1.00 18.00 ? 154  TYR A N   1 
ATOM   1124 C  CA  . TYR A 1 155 ? -3.830  -4.827  8.600   1.00 17.63 ? 154  TYR A CA  1 
ATOM   1125 C  C   . TYR A 1 155 ? -3.502  -6.144  9.312   1.00 18.03 ? 154  TYR A C   1 
ATOM   1126 O  O   . TYR A 1 155 ? -2.364  -6.387  9.706   1.00 17.05 ? 154  TYR A O   1 
ATOM   1127 C  CB  . TYR A 1 155 ? -2.577  -4.332  7.854   1.00 17.17 ? 154  TYR A CB  1 
ATOM   1128 C  CG  . TYR A 1 155 ? -2.769  -3.018  7.111   1.00 15.33 ? 154  TYR A CG  1 
ATOM   1129 C  CD1 . TYR A 1 155 ? -4.017  -2.641  6.581   1.00 17.50 ? 154  TYR A CD1 1 
ATOM   1130 C  CD2 . TYR A 1 155 ? -1.684  -2.167  6.912   1.00 15.16 ? 154  TYR A CD2 1 
ATOM   1131 C  CE1 . TYR A 1 155 ? -4.177  -1.421  5.885   1.00 17.57 ? 154  TYR A CE1 1 
ATOM   1132 C  CE2 . TYR A 1 155 ? -1.838  -0.939  6.207   1.00 18.96 ? 154  TYR A CE2 1 
ATOM   1133 C  CZ  . TYR A 1 155 ? -3.078  -0.596  5.702   1.00 17.36 ? 154  TYR A CZ  1 
ATOM   1134 O  OH  . TYR A 1 155 ? -3.239  0.582   5.014   1.00 18.36 ? 154  TYR A OH  1 
ATOM   1135 N  N   . PRO A 1 156 ? -4.509  -7.001  9.482   1.00 18.17 ? 155  PRO A N   1 
ATOM   1136 C  CA  . PRO A 1 156 ? -4.316  -8.151  10.376  1.00 18.64 ? 155  PRO A CA  1 
ATOM   1137 C  C   . PRO A 1 156 ? -3.334  -9.193  9.824   1.00 18.39 ? 155  PRO A C   1 
ATOM   1138 O  O   . PRO A 1 156 ? -2.804  -9.979  10.591  1.00 18.89 ? 155  PRO A O   1 
ATOM   1139 C  CB  . PRO A 1 156 ? -5.726  -8.723  10.539  1.00 18.98 ? 155  PRO A CB  1 
ATOM   1140 C  CG  . PRO A 1 156 ? -6.485  -8.246  9.328   1.00 19.50 ? 155  PRO A CG  1 
ATOM   1141 C  CD  . PRO A 1 156 ? -5.865  -6.919  8.917   1.00 18.85 ? 155  PRO A CD  1 
ATOM   1142 N  N   . VAL A 1 157 ? -3.109  -9.216  8.503   1.00 17.76 ? 156  VAL A N   1 
ATOM   1143 C  CA  . VAL A 1 157 ? -2.069  -10.108 7.937   1.00 18.08 ? 156  VAL A CA  1 
ATOM   1144 C  C   . VAL A 1 157 ? -0.694  -9.776  8.552   1.00 18.40 ? 156  VAL A C   1 
ATOM   1145 O  O   . VAL A 1 157 ? 0.082   -10.667 8.934   1.00 18.24 ? 156  VAL A O   1 
ATOM   1146 C  CB  . VAL A 1 157 ? -2.010  -9.997  6.365   1.00 17.12 ? 156  VAL A CB  1 
ATOM   1147 C  CG1 . VAL A 1 157 ? -0.996  -10.967 5.827   1.00 17.49 ? 156  VAL A CG1 1 
ATOM   1148 C  CG2 . VAL A 1 157 ? -3.435  -10.283 5.727   1.00 17.40 ? 156  VAL A CG2 1 
ATOM   1149 N  N   . LEU A 1 158 ? -0.391  -8.481  8.643   1.00 18.75 ? 157  LEU A N   1 
ATOM   1150 C  CA  . LEU A 1 158 ? 0.894   -8.034  9.203   1.00 18.62 ? 157  LEU A CA  1 
ATOM   1151 C  C   . LEU A 1 158 ? 0.957   -8.369  10.706  1.00 19.31 ? 157  LEU A C   1 
ATOM   1152 O  O   . LEU A 1 158 ? 2.004   -8.728  11.219  1.00 19.23 ? 157  LEU A O   1 
ATOM   1153 C  CB  . LEU A 1 158 ? 1.087   -6.525  8.978   1.00 18.23 ? 157  LEU A CB  1 
ATOM   1154 C  CG  . LEU A 1 158 ? 1.403   -6.072  7.535   1.00 18.33 ? 157  LEU A CG  1 
ATOM   1155 C  CD1 . LEU A 1 158 ? 1.476   -4.552  7.452   1.00 21.30 ? 157  LEU A CD1 1 
ATOM   1156 C  CD2 . LEU A 1 158 ? 2.707   -6.687  7.033   1.00 17.61 ? 157  LEU A CD2 1 
ATOM   1157 N  N   . ARG A 1 159 ? -0.182  -8.281  11.390  1.00 20.01 ? 158  ARG A N   1 
ATOM   1158 C  CA  . ARG A 1 159 ? -0.187  -8.510  12.832  1.00 21.05 ? 158  ARG A CA  1 
ATOM   1159 C  C   . ARG A 1 159 ? 0.199   -9.946  13.131  1.00 21.16 ? 158  ARG A C   1 
ATOM   1160 O  O   . ARG A 1 159 ? 1.120   -10.202 13.951  1.00 21.42 ? 158  ARG A O   1 
ATOM   1161 C  CB  . ARG A 1 159 ? -1.571  -8.175  13.415  1.00 21.28 ? 158  ARG A CB  1 
ATOM   1162 C  CG  . ARG A 1 159 ? -1.735  -8.555  14.890  1.00 24.61 ? 158  ARG A CG  1 
ATOM   1163 C  CD  . ARG A 1 159 ? -0.933  -7.659  15.777  1.00 28.32 ? 158  ARG A CD  1 
ATOM   1164 N  NE  . ARG A 1 159 ? -1.253  -7.837  17.202  1.00 29.78 ? 158  ARG A NE  1 
ATOM   1165 C  CZ  . ARG A 1 159 ? -0.799  -7.024  18.158  1.00 31.28 ? 158  ARG A CZ  1 
ATOM   1166 N  NH1 . ARG A 1 159 ? -0.017  -5.998  17.835  1.00 29.46 ? 158  ARG A NH1 1 
ATOM   1167 N  NH2 . ARG A 1 159 ? -1.127  -7.221  19.437  1.00 29.39 ? 158  ARG A NH2 1 
ATOM   1168 N  N   . ALA A 1 160 ? -0.480  -10.880 12.457  1.00 20.93 ? 159  ALA A N   1 
ATOM   1169 C  CA  . ALA A 1 160 ? -0.216  -12.310 12.636  1.00 22.49 ? 159  ALA A CA  1 
ATOM   1170 C  C   . ALA A 1 160 ? 1.222   -12.663 12.213  1.00 24.18 ? 159  ALA A C   1 
ATOM   1171 O  O   . ALA A 1 160 ? 1.883   -13.471 12.865  1.00 25.05 ? 159  ALA A O   1 
ATOM   1172 C  CB  . ALA A 1 160 ? -1.242  -13.161 11.877  1.00 21.64 ? 159  ALA A CB  1 
ATOM   1173 N  N   . ALA A 1 161 ? 1.704   -12.036 11.142  1.00 24.78 ? 160  ALA A N   1 
ATOM   1174 C  CA  . ALA A 1 161 ? 3.082   -12.230 10.673  1.00 26.54 ? 160  ALA A CA  1 
ATOM   1175 C  C   . ALA A 1 161 ? 4.131   -11.741 11.699  1.00 28.22 ? 160  ALA A C   1 
ATOM   1176 O  O   . ALA A 1 161 ? 5.115   -12.425 11.955  1.00 28.81 ? 160  ALA A O   1 
ATOM   1177 C  CB  . ALA A 1 161 ? 3.285   -11.502 9.339   1.00 25.60 ? 160  ALA A CB  1 
ATOM   1178 N  N   . LYS A 1 162 ? 3.910   -10.560 12.271  1.00 29.83 ? 161  LYS A N   1 
ATOM   1179 C  CA  . LYS A 1 162 ? 4.832   -9.997  13.268  1.00 32.17 ? 161  LYS A CA  1 
ATOM   1180 C  C   . LYS A 1 162 ? 4.756   -10.763 14.595  1.00 34.15 ? 161  LYS A C   1 
ATOM   1181 O  O   . LYS A 1 162 ? 5.785   -11.160 15.124  1.00 34.25 ? 161  LYS A O   1 
ATOM   1182 C  CB  . LYS A 1 162 ? 4.544   -8.521  13.519  1.00 32.04 ? 161  LYS A CB  1 
ATOM   1183 C  CG  . LYS A 1 162 ? 5.438   -7.894  14.575  1.00 32.13 ? 161  LYS A CG  1 
ATOM   1184 C  CD  . LYS A 1 162 ? 4.976   -6.528  15.012  1.00 33.36 ? 161  LYS A CD  1 
ATOM   1185 C  CE  . LYS A 1 162 ? 5.876   -6.042  16.163  1.00 36.00 ? 161  LYS A CE  1 
ATOM   1186 N  NZ  . LYS A 1 162 ? 5.605   -4.633  16.566  1.00 38.80 ? 161  LYS A NZ  1 
ATOM   1187 N  N   . ALA A 1 163 ? 3.538   -10.940 15.123  1.00 35.44 ? 162  ALA A N   1 
ATOM   1188 C  CA  . ALA A 1 163 ? 3.335   -11.590 16.433  1.00 37.44 ? 162  ALA A CA  1 
ATOM   1189 C  C   . ALA A 1 163 ? 3.700   -13.077 16.458  1.00 38.13 ? 162  ALA A C   1 
ATOM   1190 O  O   . ALA A 1 163 ? 4.190   -13.573 17.482  1.00 39.27 ? 162  ALA A O   1 
ATOM   1191 C  CB  . ALA A 1 163 ? 1.899   -11.380 16.930  1.00 37.38 ? 162  ALA A CB  1 
ATOM   1192 N  N   . THR A 1 164 ? 3.474   -13.787 15.349  1.00 38.44 ? 163  THR A N   1 
ATOM   1193 C  CA  . THR A 1 164 ? 3.691   -15.241 15.314  1.00 38.14 ? 163  THR A CA  1 
ATOM   1194 C  C   . THR A 1 164 ? 4.586   -15.790 14.191  1.00 37.45 ? 163  THR A C   1 
ATOM   1195 O  O   . THR A 1 164 ? 4.857   -16.990 14.159  1.00 37.92 ? 163  THR A O   1 
ATOM   1196 C  CB  . THR A 1 164 ? 2.335   -16.045 15.321  1.00 38.80 ? 163  THR A CB  1 
ATOM   1197 O  OG1 . THR A 1 164 ? 1.580   -15.753 14.138  1.00 38.42 ? 163  THR A OG1 1 
ATOM   1198 C  CG2 . THR A 1 164 ? 1.500   -15.740 16.564  1.00 38.95 ? 163  THR A CG2 1 
ATOM   1199 N  N   . GLY A 1 165 ? 5.052   -14.945 13.271  1.00 36.53 ? 164  GLY A N   1 
ATOM   1200 C  CA  . GLY A 1 165 ? 5.810   -15.429 12.102  1.00 34.40 ? 164  GLY A CA  1 
ATOM   1201 C  C   . GLY A 1 165 ? 4.971   -16.194 11.068  1.00 33.95 ? 164  GLY A C   1 
ATOM   1202 O  O   . GLY A 1 165 ? 5.505   -16.810 10.132  1.00 33.67 ? 164  GLY A O   1 
ATOM   1203 N  N   . GLU A 1 166 ? 3.652   -16.157 11.230  1.00 32.89 ? 165  GLU A N   1 
ATOM   1204 C  CA  . GLU A 1 166 ? 2.789   -16.937 10.336  1.00 32.19 ? 165  GLU A CA  1 
ATOM   1205 C  C   . GLU A 1 166 ? 2.057   -16.143 9.262   1.00 29.07 ? 165  GLU A C   1 
ATOM   1206 O  O   . GLU A 1 166 ? 1.671   -14.996 9.508   1.00 29.51 ? 165  GLU A O   1 
ATOM   1207 C  CB  . GLU A 1 166 ? 1.830   -17.801 11.138  1.00 33.29 ? 165  GLU A CB  1 
ATOM   1208 C  CG  . GLU A 1 166 ? 2.460   -19.162 11.502  1.00 38.24 ? 165  GLU A CG  1 
ATOM   1209 C  CD  . GLU A 1 166 ? 3.126   -19.864 10.311  1.00 44.45 ? 165  GLU A CD  1 
ATOM   1210 O  OE1 . GLU A 1 166 ? 4.067   -20.651 10.562  1.00 46.60 ? 165  GLU A OE1 1 
ATOM   1211 O  OE2 . GLU A 1 166 ? 2.720   -19.634 9.127   1.00 47.88 ? 165  GLU A OE2 1 
ATOM   1212 N  N   . SER A 1 167 ? 1.846   -16.763 8.102   1.00 26.12 ? 166  SER A N   1 
ATOM   1213 C  CA  . SER A 1 167 ? 0.977   -16.173 7.061   1.00 24.13 ? 166  SER A CA  1 
ATOM   1214 C  C   . SER A 1 167 ? -0.307  -16.979 6.843   1.00 23.13 ? 166  SER A C   1 
ATOM   1215 O  O   . SER A 1 167 ? -0.683  -17.306 5.721   1.00 21.85 ? 166  SER A O   1 
ATOM   1216 C  CB  . SER A 1 167 ? 1.740   -15.953 5.763   1.00 24.01 ? 166  SER A CB  1 
ATOM   1217 O  OG  . SER A 1 167 ? 2.829   -15.075 5.990   1.00 22.24 ? 166  SER A OG  1 
ATOM   1218 N  N   . GLY A 1 168 ? -0.971  -17.296 7.944   1.00 23.34 ? 167  GLY A N   1 
ATOM   1219 C  CA  . GLY A 1 168 ? -2.199  -18.077 7.909   1.00 22.92 ? 167  GLY A CA  1 
ATOM   1220 C  C   . GLY A 1 168 ? -2.462  -18.655 9.281   1.00 25.13 ? 167  GLY A C   1 
ATOM   1221 O  O   . GLY A 1 168 ? -1.596  -18.595 10.153  1.00 25.33 ? 167  GLY A O   1 
ATOM   1222 N  N   . VAL A 1 169 ? -3.659  -19.182 9.475   1.00 25.43 ? 168  VAL A N   1 
ATOM   1223 C  CA  . VAL A 1 169 ? -3.991  -19.864 10.739  1.00 28.11 ? 168  VAL A CA  1 
ATOM   1224 C  C   . VAL A 1 169 ? -3.199  -21.169 10.812  1.00 28.69 ? 168  VAL A C   1 
ATOM   1225 O  O   . VAL A 1 169 ? -2.970  -21.835 9.799   1.00 28.38 ? 168  VAL A O   1 
ATOM   1226 C  CB  . VAL A 1 169 ? -5.515  -20.131 10.901  1.00 27.87 ? 168  VAL A CB  1 
ATOM   1227 C  CG1 . VAL A 1 169 ? -6.315  -18.813 10.949  1.00 29.63 ? 168  VAL A CG1 1 
ATOM   1228 C  CG2 . VAL A 1 169 ? -6.021  -21.013 9.811   1.00 28.76 ? 168  VAL A CG2 1 
ATOM   1229 N  N   . VAL A 1 170 ? -2.756  -21.511 12.017  1.00 31.11 ? 169  VAL A N   1 
ATOM   1230 C  CA  . VAL A 1 170 ? -2.039  -22.763 12.239  1.00 33.66 ? 169  VAL A CA  1 
ATOM   1231 C  C   . VAL A 1 170 ? -2.776  -23.510 13.353  1.00 34.58 ? 169  VAL A C   1 
ATOM   1232 O  O   . VAL A 1 170 ? -3.231  -22.895 14.319  1.00 35.70 ? 169  VAL A O   1 
ATOM   1233 C  CB  . VAL A 1 170 ? -0.544  -22.512 12.587  1.00 33.75 ? 169  VAL A CB  1 
ATOM   1234 C  CG1 . VAL A 1 170 ? 0.189   -23.820 12.941  1.00 35.41 ? 169  VAL A CG1 1 
ATOM   1235 C  CG2 . VAL A 1 170 ? 0.173   -21.852 11.414  1.00 34.51 ? 169  VAL A CG2 1 
ATOM   1236 N  N   . ALA A 1 171 ? -2.927  -24.822 13.200  1.00 36.38 ? 170  ALA A N   1 
ATOM   1237 C  CA  . ALA A 1 171 ? -3.705  -25.609 14.169  1.00 37.13 ? 170  ALA A CA  1 
ATOM   1238 C  C   . ALA A 1 171 ? -2.933  -25.818 15.472  1.00 37.84 ? 170  ALA A C   1 
ATOM   1239 O  O   . ALA A 1 171 ? -1.708  -25.637 15.503  1.00 38.17 ? 170  ALA A O   1 
ATOM   1240 C  CB  . ALA A 1 171 ? -4.114  -26.927 13.568  1.00 37.58 ? 170  ALA A CB  1 
HETATM 1241 FE FE  . HEC B 2 .   ? -3.245  7.290   2.962   1.00 24.87 ? 1171 HEC A FE  1 
HETATM 1242 C  CHA . HEC B 2 .   ? -4.049  4.078   3.264   1.00 21.44 ? 1171 HEC A CHA 1 
HETATM 1243 C  CHB . HEC B 2 .   ? -1.313  6.592   0.206   1.00 21.63 ? 1171 HEC A CHB 1 
HETATM 1244 C  CHC . HEC B 2 .   ? -3.307  10.633  1.985   1.00 25.51 ? 1171 HEC A CHC 1 
HETATM 1245 C  CHD . HEC B 2 .   ? -5.043  8.103   5.770   1.00 24.23 ? 1171 HEC A CHD 1 
HETATM 1246 N  NA  . HEC B 2 .   ? -2.817  5.569   1.791   1.00 20.00 ? 1171 HEC A NA  1 
HETATM 1247 C  C1A . HEC B 2 .   ? -2.988  4.350   2.382   1.00 21.19 ? 1171 HEC A C1A 1 
HETATM 1248 C  C2A . HEC B 2 .   ? -1.928  3.459   1.888   1.00 17.20 ? 1171 HEC A C2A 1 
HETATM 1249 C  C3A . HEC B 2 .   ? -1.167  4.184   1.017   1.00 19.93 ? 1171 HEC A C3A 1 
HETATM 1250 C  C4A . HEC B 2 .   ? -1.734  5.524   0.954   1.00 21.36 ? 1171 HEC A C4A 1 
HETATM 1251 C  CMA . HEC B 2 .   ? 0.083   3.746   0.223   1.00 18.46 ? 1171 HEC A CMA 1 
HETATM 1252 C  CAA . HEC B 2 .   ? -1.727  1.978   2.332   1.00 19.29 ? 1171 HEC A CAA 1 
HETATM 1253 C  CBA . HEC B 2 .   ? -0.383  1.863   3.109   1.00 20.32 ? 1171 HEC A CBA 1 
HETATM 1254 C  CGA . HEC B 2 .   ? -0.402  2.569   4.463   1.00 22.62 ? 1171 HEC A CGA 1 
HETATM 1255 O  O1A . HEC B 2 .   ? 0.437   3.483   4.695   1.00 22.50 ? 1171 HEC A O1A 1 
HETATM 1256 O  O2A . HEC B 2 .   ? -1.239  2.221   5.343   1.00 19.28 ? 1171 HEC A O2A 1 
HETATM 1257 N  NB  . HEC B 2 .   ? -2.445  8.416   1.377   1.00 23.60 ? 1171 HEC A NB  1 
HETATM 1258 C  C1B . HEC B 2 .   ? -1.722  7.894   0.338   1.00 23.60 ? 1171 HEC A C1B 1 
HETATM 1259 C  C2B . HEC B 2 .   ? -1.463  8.974   -0.606  1.00 25.02 ? 1171 HEC A C2B 1 
HETATM 1260 C  C3B . HEC B 2 .   ? -2.019  10.104  -0.110  1.00 23.59 ? 1171 HEC A C3B 1 
HETATM 1261 C  C4B . HEC B 2 .   ? -2.654  9.762   1.146   1.00 25.28 ? 1171 HEC A C4B 1 
HETATM 1262 C  CMB . HEC B 2 .   ? -0.667  8.780   -1.906  1.00 24.82 ? 1171 HEC A CMB 1 
HETATM 1263 C  CAB . HEC B 2 .   ? -2.037  11.535  -0.729  1.00 22.79 ? 1171 HEC A CAB 1 
HETATM 1264 C  CBB . HEC B 2 .   ? -2.730  11.564  -2.112  1.00 22.13 ? 1171 HEC A CBB 1 
HETATM 1265 N  NC  . HEC B 2 .   ? -4.047  9.091   3.751   1.00 25.11 ? 1171 HEC A NC  1 
HETATM 1266 C  C1C . HEC B 2 .   ? -3.929  10.339  3.197   1.00 26.61 ? 1171 HEC A C1C 1 
HETATM 1267 C  C2C . HEC B 2 .   ? -4.541  11.288  4.128   1.00 27.58 ? 1171 HEC A C2C 1 
HETATM 1268 C  C3C . HEC B 2 .   ? -5.118  10.580  5.135   1.00 26.07 ? 1171 HEC A C3C 1 
HETATM 1269 C  C4C . HEC B 2 .   ? -4.755  9.177   4.930   1.00 25.97 ? 1171 HEC A C4C 1 
HETATM 1270 C  CMC . HEC B 2 .   ? -4.714  12.791  3.805   1.00 25.77 ? 1171 HEC A CMC 1 
HETATM 1271 C  CAC . HEC B 2 .   ? -5.924  11.069  6.389   1.00 27.68 ? 1171 HEC A CAC 1 
HETATM 1272 C  CBC . HEC B 2 .   ? -6.565  12.482  6.291   1.00 27.15 ? 1171 HEC A CBC 1 
HETATM 1273 N  ND  . HEC B 2 .   ? -4.439  6.215   4.347   1.00 21.52 ? 1171 HEC A ND  1 
HETATM 1274 C  C1D . HEC B 2 .   ? -5.042  6.761   5.464   1.00 23.25 ? 1171 HEC A C1D 1 
HETATM 1275 C  C2D . HEC B 2 .   ? -5.646  5.676   6.247   1.00 21.81 ? 1171 HEC A C2D 1 
HETATM 1276 C  C3D . HEC B 2 .   ? -5.354  4.411   5.445   1.00 22.55 ? 1171 HEC A C3D 1 
HETATM 1277 C  C4D . HEC B 2 .   ? -4.583  4.861   4.283   1.00 22.88 ? 1171 HEC A C4D 1 
HETATM 1278 C  CMD . HEC B 2 .   ? -6.438  5.773   7.580   1.00 21.41 ? 1171 HEC A CMD 1 
HETATM 1279 C  CAD . HEC B 2 .   ? -5.747  2.966   5.819   1.00 23.96 ? 1171 HEC A CAD 1 
HETATM 1280 C  CBD . HEC B 2 .   ? -7.263  2.903   6.043   1.00 24.51 ? 1171 HEC A CBD 1 
HETATM 1281 C  CGD . HEC B 2 .   ? -8.084  2.751   4.784   1.00 27.30 ? 1171 HEC A CGD 1 
HETATM 1282 O  O1D . HEC B 2 .   ? -9.338  2.896   4.866   1.00 29.22 ? 1171 HEC A O1D 1 
HETATM 1283 O  O2D . HEC B 2 .   ? -7.546  2.494   3.684   1.00 24.96 ? 1171 HEC A O2D 1 
HETATM 1284 P  P   . PO4 C 3 .   ? -6.290  7.772   0.620   1.00 47.58 ? 1172 PO4 A P   1 
HETATM 1285 O  O1  . PO4 C 3 .   ? -5.459  8.728   -0.208  1.00 46.37 ? 1172 PO4 A O1  1 
HETATM 1286 O  O2  . PO4 C 3 .   ? -5.364  6.930   1.464   1.00 48.30 ? 1172 PO4 A O2  1 
HETATM 1287 O  O3  . PO4 C 3 .   ? -7.201  8.589   1.500   1.00 48.72 ? 1172 PO4 A O3  1 
HETATM 1288 O  O4  . PO4 C 3 .   ? -7.139  6.886   -0.262  1.00 47.03 ? 1172 PO4 A O4  1 
HETATM 1289 P  P   . PO4 D 3 .   ? 1.246   -4.361  14.246  1.00 22.29 ? 1173 PO4 A P   1 
HETATM 1290 O  O1  . PO4 D 3 .   ? 1.265   -4.813  15.680  1.00 24.21 ? 1173 PO4 A O1  1 
HETATM 1291 O  O2  . PO4 D 3 .   ? 0.963   -5.593  13.409  1.00 24.50 ? 1173 PO4 A O2  1 
HETATM 1292 O  O3  . PO4 D 3 .   ? 0.229   -3.304  14.060  1.00 18.85 ? 1173 PO4 A O3  1 
HETATM 1293 O  O4  . PO4 D 3 .   ? 2.665   -3.919  13.943  1.00 23.49 ? 1173 PO4 A O4  1 
HETATM 1294 P  P   . PO4 E 3 .   ? 18.172  6.885   -20.787 0.50 39.83 ? 1174 PO4 A P   1 
HETATM 1295 O  O1  . PO4 E 3 .   ? 19.125  5.922   -21.440 0.50 40.57 ? 1174 PO4 A O1  1 
HETATM 1296 O  O2  . PO4 E 3 .   ? 18.290  8.236   -21.451 0.50 40.47 ? 1174 PO4 A O2  1 
HETATM 1297 O  O3  . PO4 E 3 .   ? 16.756  6.388   -20.954 0.50 40.90 ? 1174 PO4 A O3  1 
HETATM 1298 O  O4  . PO4 E 3 .   ? 18.498  6.965   -19.320 0.50 39.51 ? 1174 PO4 A O4  1 
HETATM 1299 O  O   . HOH F 4 .   ? 7.730   -1.346  -7.892  1.00 31.65 ? 2001 HOH A O   1 
HETATM 1300 O  O   . HOH F 4 .   ? 14.715  0.851   -5.773  1.00 41.26 ? 2002 HOH A O   1 
HETATM 1301 O  O   . HOH F 4 .   ? 7.175   8.207   -18.166 1.00 51.16 ? 2003 HOH A O   1 
HETATM 1302 O  O   . HOH F 4 .   ? 14.692  -1.651  -8.175  1.00 38.42 ? 2004 HOH A O   1 
HETATM 1303 O  O   . HOH F 4 .   ? 8.250   0.699   -9.480  1.00 23.64 ? 2005 HOH A O   1 
HETATM 1304 O  O   . HOH F 4 .   ? 14.193  2.363   -14.017 1.00 47.80 ? 2006 HOH A O   1 
HETATM 1305 O  O   . HOH F 4 .   ? 15.171  2.492   -10.414 1.00 34.11 ? 2007 HOH A O   1 
HETATM 1306 O  O   . HOH F 4 .   ? 3.344   -1.426  -15.939 1.00 30.50 ? 2008 HOH A O   1 
HETATM 1307 O  O   . HOH F 4 .   ? 9.927   -0.923  -14.074 1.00 43.69 ? 2009 HOH A O   1 
HETATM 1308 O  O   . HOH F 4 .   ? 9.271   7.253   -17.746 1.00 34.53 ? 2010 HOH A O   1 
HETATM 1309 O  O   . HOH F 4 .   ? 12.662  -8.058  -7.284  1.00 45.36 ? 2011 HOH A O   1 
HETATM 1310 O  O   . HOH F 4 .   ? 13.696  7.607   -17.942 1.00 31.87 ? 2012 HOH A O   1 
HETATM 1311 O  O   . HOH F 4 .   ? 12.357  10.588  -17.122 1.00 34.86 ? 2013 HOH A O   1 
HETATM 1312 O  O   . HOH F 4 .   ? 10.908  14.066  -10.073 1.00 44.17 ? 2014 HOH A O   1 
HETATM 1313 O  O   . HOH F 4 .   ? 10.940  19.740  -14.824 1.00 38.59 ? 2015 HOH A O   1 
HETATM 1314 O  O   . HOH F 4 .   ? 7.309   14.930  -16.252 1.00 51.84 ? 2016 HOH A O   1 
HETATM 1315 O  O   . HOH F 4 .   ? 5.745   0.192   -14.991 1.00 27.57 ? 2017 HOH A O   1 
HETATM 1316 O  O   . HOH F 4 .   ? 7.980   -0.810  -11.997 1.00 27.40 ? 2018 HOH A O   1 
HETATM 1317 O  O   . HOH F 4 .   ? 2.021   -2.317  -13.871 1.00 28.89 ? 2019 HOH A O   1 
HETATM 1318 O  O   . HOH F 4 .   ? 6.848   -7.020  -8.935  1.00 36.90 ? 2020 HOH A O   1 
HETATM 1319 O  O   . HOH F 4 .   ? -21.494 1.756   -4.654  1.00 47.30 ? 2021 HOH A O   1 
HETATM 1320 O  O   . HOH F 4 .   ? -9.505  9.175   -2.342  1.00 58.61 ? 2022 HOH A O   1 
HETATM 1321 O  O   . HOH F 4 .   ? 1.350   -5.086  -13.782 1.00 29.84 ? 2023 HOH A O   1 
HETATM 1322 O  O   . HOH F 4 .   ? 8.729   -8.450  -5.845  1.00 40.03 ? 2024 HOH A O   1 
HETATM 1323 O  O   . HOH F 4 .   ? -6.849  -3.949  -14.170 1.00 32.93 ? 2025 HOH A O   1 
HETATM 1324 O  O   . HOH F 4 .   ? 9.299   1.098   -17.856 1.00 47.95 ? 2026 HOH A O   1 
HETATM 1325 O  O   . HOH F 4 .   ? 2.887   -14.951 -8.154  1.00 35.45 ? 2027 HOH A O   1 
HETATM 1326 O  O   . HOH F 4 .   ? 1.841   -15.315 -11.793 1.00 40.81 ? 2028 HOH A O   1 
HETATM 1327 O  O   . HOH F 4 .   ? 2.406   -14.502 -5.648  1.00 37.11 ? 2029 HOH A O   1 
HETATM 1328 O  O   . HOH F 4 .   ? 5.278   -11.555 -6.725  1.00 41.15 ? 2030 HOH A O   1 
HETATM 1329 O  O   . HOH F 4 .   ? -2.260  -10.936 -3.666  1.00 16.47 ? 2031 HOH A O   1 
HETATM 1330 O  O   . HOH F 4 .   ? 5.842   -9.452  18.401  1.00 37.69 ? 2032 HOH A O   1 
HETATM 1331 O  O   . HOH F 4 .   ? -20.079 -1.107  3.628   1.00 41.27 ? 2033 HOH A O   1 
HETATM 1332 O  O   . HOH F 4 .   ? -30.569 -16.535 2.687   1.00 54.13 ? 2034 HOH A O   1 
HETATM 1333 O  O   . HOH F 4 .   ? -19.024 1.941   -5.779  1.00 38.71 ? 2035 HOH A O   1 
HETATM 1334 O  O   . HOH F 4 .   ? -24.773 1.296   0.498   1.00 49.66 ? 2036 HOH A O   1 
HETATM 1335 O  O   . HOH F 4 .   ? -11.841 8.140   -4.727  1.00 57.40 ? 2037 HOH A O   1 
HETATM 1336 O  O   . HOH F 4 .   ? -4.372  -9.330  -5.656  1.00 20.02 ? 2038 HOH A O   1 
HETATM 1337 O  O   . HOH F 4 .   ? 9.649   -8.045  -3.494  1.00 22.09 ? 2039 HOH A O   1 
HETATM 1338 O  O   . HOH F 4 .   ? 7.074   -12.861 1.193   1.00 31.45 ? 2040 HOH A O   1 
HETATM 1339 O  O   . HOH F 4 .   ? 10.130  -5.177  5.794   1.00 21.89 ? 2041 HOH A O   1 
HETATM 1340 O  O   . HOH F 4 .   ? 6.841   3.225   -18.338 1.00 41.62 ? 2042 HOH A O   1 
HETATM 1341 O  O   . HOH F 4 .   ? 2.166   12.121  -17.654 1.00 46.56 ? 2043 HOH A O   1 
HETATM 1342 O  O   . HOH F 4 .   ? 15.470  -10.192 5.878   1.00 42.54 ? 2044 HOH A O   1 
HETATM 1343 O  O   . HOH F 4 .   ? 2.169   15.422  -9.253  1.00 44.31 ? 2045 HOH A O   1 
HETATM 1344 O  O   . HOH F 4 .   ? 0.109   19.401  7.066   1.00 47.48 ? 2046 HOH A O   1 
HETATM 1345 O  O   . HOH F 4 .   ? -3.977  15.621  6.396   1.00 49.81 ? 2047 HOH A O   1 
HETATM 1346 O  O   . HOH F 4 .   ? 13.969  -11.346 5.113   1.00 40.30 ? 2048 HOH A O   1 
HETATM 1347 O  O   . HOH F 4 .   ? 9.014   -4.876  15.978  1.00 57.19 ? 2049 HOH A O   1 
HETATM 1348 O  O   . HOH F 4 .   ? -6.735  7.454   13.000  1.00 55.62 ? 2050 HOH A O   1 
HETATM 1349 O  O   . HOH F 4 .   ? 9.147   -9.608  15.388  1.00 49.24 ? 2051 HOH A O   1 
HETATM 1350 O  O   . HOH F 4 .   ? 6.801   -3.228  14.615  1.00 50.92 ? 2052 HOH A O   1 
HETATM 1351 O  O   . HOH F 4 .   ? 14.769  -3.779  9.807   1.00 33.54 ? 2053 HOH A O   1 
HETATM 1352 O  O   . HOH F 4 .   ? 8.696   -0.424  12.747  1.00 30.21 ? 2054 HOH A O   1 
HETATM 1353 O  O   . HOH F 4 .   ? 15.823  -7.744  3.265   1.00 39.81 ? 2055 HOH A O   1 
HETATM 1354 O  O   . HOH F 4 .   ? 13.726  -7.401  -3.162  1.00 39.42 ? 2056 HOH A O   1 
HETATM 1355 O  O   . HOH F 4 .   ? -5.388  -8.193  14.300  1.00 39.26 ? 2057 HOH A O   1 
HETATM 1356 O  O   . HOH F 4 .   ? 16.526  -2.149  6.278   1.00 43.64 ? 2058 HOH A O   1 
HETATM 1357 O  O   . HOH F 4 .   ? 16.833  -3.001  2.718   1.00 35.69 ? 2059 HOH A O   1 
HETATM 1358 O  O   . HOH F 4 .   ? 3.129   -8.278  18.167  1.00 42.43 ? 2060 HOH A O   1 
HETATM 1359 O  O   . HOH F 4 .   ? 11.089  -3.596  -1.944  1.00 28.62 ? 2061 HOH A O   1 
HETATM 1360 O  O   . HOH F 4 .   ? 12.267  -0.125  -3.274  1.00 26.36 ? 2062 HOH A O   1 
HETATM 1361 O  O   . HOH F 4 .   ? -6.742  -5.348  -6.151  1.00 27.31 ? 2063 HOH A O   1 
HETATM 1362 O  O   . HOH F 4 .   ? -19.334 -3.159  -10.608 1.00 60.90 ? 2064 HOH A O   1 
HETATM 1363 O  O   . HOH F 4 .   ? -23.162 -4.326  -9.172  1.00 36.78 ? 2065 HOH A O   1 
HETATM 1364 O  O   . HOH F 4 .   ? -24.076 -17.251 -1.016  1.00 49.70 ? 2066 HOH A O   1 
HETATM 1365 O  O   . HOH F 4 .   ? -20.228 -10.962 -2.288  1.00 38.29 ? 2067 HOH A O   1 
HETATM 1366 O  O   . HOH F 4 .   ? -21.885 -16.651 -0.041  1.00 46.94 ? 2068 HOH A O   1 
HETATM 1367 O  O   . HOH F 4 .   ? -28.087 -15.570 -7.597  1.00 45.55 ? 2069 HOH A O   1 
HETATM 1368 O  O   . HOH F 4 .   ? -26.403 -6.406  -2.695  1.00 55.35 ? 2070 HOH A O   1 
HETATM 1369 O  O   . HOH F 4 .   ? -24.952 -14.159 -6.983  1.00 33.29 ? 2071 HOH A O   1 
HETATM 1370 O  O   . HOH F 4 .   ? -30.589 -16.026 -2.597  1.00 52.35 ? 2072 HOH A O   1 
HETATM 1371 O  O   . HOH F 4 .   ? -28.738 -15.082 0.857   1.00 47.57 ? 2073 HOH A O   1 
HETATM 1372 O  O   . HOH F 4 .   ? -24.826 -1.653  1.262   1.00 47.65 ? 2074 HOH A O   1 
HETATM 1373 O  O   . HOH F 4 .   ? -16.011 -6.576  -10.803 1.00 33.99 ? 2075 HOH A O   1 
HETATM 1374 O  O   . HOH F 4 .   ? -12.798 -5.007  -12.503 1.00 37.77 ? 2076 HOH A O   1 
HETATM 1375 O  O   . HOH F 4 .   ? -11.763 -2.150  -13.894 1.00 37.58 ? 2077 HOH A O   1 
HETATM 1376 O  O   . HOH F 4 .   ? -8.766  -6.468  -6.933  1.00 36.97 ? 2078 HOH A O   1 
HETATM 1377 O  O   . HOH F 4 .   ? -10.711 6.337   -12.117 1.00 34.14 ? 2079 HOH A O   1 
HETATM 1378 O  O   . HOH F 4 .   ? 13.761  2.995   9.586   1.00 47.42 ? 2080 HOH A O   1 
HETATM 1379 O  O   . HOH F 4 .   ? 13.945  2.173   -3.209  1.00 30.75 ? 2081 HOH A O   1 
HETATM 1380 O  O   . HOH F 4 .   ? 18.302  4.894   -3.163  1.00 45.96 ? 2082 HOH A O   1 
HETATM 1381 O  O   . HOH F 4 .   ? 18.741  2.874   0.157   1.00 46.49 ? 2083 HOH A O   1 
HETATM 1382 O  O   . HOH F 4 .   ? 12.990  17.891  5.151   1.00 32.55 ? 2084 HOH A O   1 
HETATM 1383 O  O   . HOH F 4 .   ? 16.470  18.642  2.218   1.00 23.20 ? 2085 HOH A O   1 
HETATM 1384 O  O   . HOH F 4 .   ? 13.516  12.679  7.120   1.00 32.84 ? 2086 HOH A O   1 
HETATM 1385 O  O   . HOH F 4 .   ? 6.638   12.398  1.808   1.00 23.59 ? 2087 HOH A O   1 
HETATM 1386 O  O   . HOH F 4 .   ? 11.283  11.467  10.110  1.00 35.68 ? 2088 HOH A O   1 
HETATM 1387 O  O   . HOH F 4 .   ? 13.651  9.072   9.162   1.00 45.41 ? 2089 HOH A O   1 
HETATM 1388 O  O   . HOH F 4 .   ? 14.624  5.017   7.428   1.00 37.26 ? 2090 HOH A O   1 
HETATM 1389 O  O   . HOH F 4 .   ? 16.300  10.881  7.362   1.00 42.46 ? 2091 HOH A O   1 
HETATM 1390 O  O   . HOH F 4 .   ? 0.134   11.888  -10.009 1.00 33.98 ? 2092 HOH A O   1 
HETATM 1391 O  O   . HOH F 4 .   ? -8.080  1.183   -14.454 1.00 34.09 ? 2093 HOH A O   1 
HETATM 1392 O  O   . HOH F 4 .   ? -6.434  0.522   -9.823  1.00 20.56 ? 2094 HOH A O   1 
HETATM 1393 O  O   . HOH F 4 .   ? -8.960  8.353   -13.562 1.00 42.07 ? 2095 HOH A O   1 
HETATM 1394 O  O   . HOH F 4 .   ? -8.935  13.651  -8.722  1.00 57.26 ? 2096 HOH A O   1 
HETATM 1395 O  O   . HOH F 4 .   ? -11.157 11.492  -6.732  1.00 51.41 ? 2097 HOH A O   1 
HETATM 1396 O  O   . HOH F 4 .   ? -2.749  12.516  -14.359 1.00 44.43 ? 2098 HOH A O   1 
HETATM 1397 O  O   . HOH F 4 .   ? 2.020   8.597   -18.525 1.00 48.59 ? 2099 HOH A O   1 
HETATM 1398 O  O   . HOH F 4 .   ? 5.125   2.610   -16.215 1.00 30.31 ? 2100 HOH A O   1 
HETATM 1399 O  O   . HOH F 4 .   ? 3.743   9.538   -16.668 1.00 46.41 ? 2101 HOH A O   1 
HETATM 1400 O  O   . HOH F 4 .   ? 4.141   16.681  -12.509 1.00 49.93 ? 2102 HOH A O   1 
HETATM 1401 O  O   . HOH F 4 .   ? 2.634   12.709  -10.636 1.00 35.24 ? 2103 HOH A O   1 
HETATM 1402 O  O   . HOH F 4 .   ? 1.908   11.234  -7.436  1.00 20.72 ? 2104 HOH A O   1 
HETATM 1403 O  O   . HOH F 4 .   ? 6.422   17.122  -4.086  1.00 44.77 ? 2105 HOH A O   1 
HETATM 1404 O  O   . HOH F 4 .   ? 9.669   10.458  -6.878  1.00 27.50 ? 2106 HOH A O   1 
HETATM 1405 O  O   . HOH F 4 .   ? 7.607   16.277  -6.275  1.00 56.47 ? 2107 HOH A O   1 
HETATM 1406 O  O   . HOH F 4 .   ? 11.078  13.853  -7.548  1.00 36.56 ? 2108 HOH A O   1 
HETATM 1407 O  O   . HOH F 4 .   ? 5.961   12.222  -0.868  1.00 22.17 ? 2109 HOH A O   1 
HETATM 1408 O  O   . HOH F 4 .   ? 3.567   13.296  1.269   1.00 23.66 ? 2110 HOH A O   1 
HETATM 1409 O  O   . HOH F 4 .   ? 2.411   18.945  6.581   1.00 40.95 ? 2111 HOH A O   1 
HETATM 1410 O  O   . HOH F 4 .   ? 5.912   19.131  1.330   1.00 41.44 ? 2112 HOH A O   1 
HETATM 1411 O  O   . HOH F 4 .   ? -1.768  14.606  4.931   1.00 31.06 ? 2113 HOH A O   1 
HETATM 1412 O  O   . HOH F 4 .   ? 3.406   20.161  2.212   1.00 38.65 ? 2114 HOH A O   1 
HETATM 1413 O  O   . HOH F 4 .   ? 3.478   12.065  14.644  1.00 41.52 ? 2115 HOH A O   1 
HETATM 1414 O  O   . HOH F 4 .   ? -4.021  14.193  11.395  1.00 42.37 ? 2116 HOH A O   1 
HETATM 1415 O  O   . HOH F 4 .   ? -4.568  6.570   14.534  1.00 25.98 ? 2117 HOH A O   1 
HETATM 1416 O  O   . HOH F 4 .   ? 2.003   3.915   17.232  1.00 25.02 ? 2118 HOH A O   1 
HETATM 1417 O  O   . HOH F 4 .   ? 9.896   -0.065  10.372  1.00 23.30 ? 2119 HOH A O   1 
HETATM 1418 O  O   . HOH F 4 .   ? 10.994  5.165   8.502   1.00 24.96 ? 2120 HOH A O   1 
HETATM 1419 O  O   . HOH F 4 .   ? 3.826   6.135   12.118  1.00 24.44 ? 2121 HOH A O   1 
HETATM 1420 O  O   . HOH F 4 .   ? -6.268  -4.826  12.158  1.00 31.31 ? 2122 HOH A O   1 
HETATM 1421 O  O   . HOH F 4 .   ? -8.063  -4.544  6.770   1.00 17.96 ? 2123 HOH A O   1 
HETATM 1422 O  O   . HOH F 4 .   ? -4.025  -10.673 12.950  1.00 24.40 ? 2124 HOH A O   1 
HETATM 1423 O  O   . HOH F 4 .   ? -0.511  -13.404 8.588   1.00 21.68 ? 2125 HOH A O   1 
HETATM 1424 O  O   . HOH F 4 .   ? -3.210  -9.441  20.526  1.00 48.14 ? 2126 HOH A O   1 
HETATM 1425 O  O   . HOH F 4 .   ? 3.264   -6.027  19.212  1.00 44.51 ? 2127 HOH A O   1 
HETATM 1426 O  O   . HOH F 4 .   ? -1.883  -16.937 12.656  1.00 42.31 ? 2128 HOH A O   1 
HETATM 1427 O  O   . HOH F 4 .   ? -3.162  -19.473 14.047  1.00 39.45 ? 2129 HOH A O   1 
HETATM 1428 O  O   . HOH F 4 .   ? -1.943  -28.056 17.171  1.00 43.07 ? 2130 HOH A O   1 
HETATM 1429 O  O   . HOH F 4 .   ? 2.745   4.176   3.646   1.00 22.37 ? 2131 HOH A O   1 
HETATM 1430 O  O   . HOH F 4 .   ? -9.836  5.935   0.372   1.00 45.68 ? 2132 HOH A O   1 
HETATM 1431 O  O   . HOH F 4 .   ? -8.412  12.413  2.938   1.00 51.48 ? 2133 HOH A O   1 
HETATM 1432 O  O   . HOH F 4 .   ? -0.866  -5.121  11.702  1.00 22.08 ? 2134 HOH A O   1 
HETATM 1433 O  O   . HOH F 4 .   ? 2.980   -4.462  17.403  1.00 41.92 ? 2135 HOH A O   1 
HETATM 1434 O  O   . HOH F 4 .   ? 3.541   -2.024  15.456  1.00 33.60 ? 2136 HOH A O   1 
HETATM 1435 O  O   . HOH F 4 .   ? 18.644  10.033  -23.723 1.00 53.87 ? 2137 HOH A O   1 
HETATM 1436 O  O   . HOH F 4 .   ? 21.802  6.298   -21.096 1.00 49.43 ? 2138 HOH A O   1 
# 
